data_378D
# 
_entry.id   378D 
# 
_audit_conform.dict_name       mmcif_pdbx.dic 
_audit_conform.dict_version    5.389 
_audit_conform.dict_location   http://mmcif.pdb.org/dictionaries/ascii/mmcif_pdbx.dic 
# 
loop_
_database_2.database_id 
_database_2.database_code 
_database_2.pdbx_database_accession 
_database_2.pdbx_DOI 
PDB   378D         pdb_0000378d 10.2210/pdb378d/pdb 
RCSB  GDH060       ?            ?                   
WWPDB D_1000178846 ?            ?                   
# 
loop_
_pdbx_audit_revision_history.ordinal 
_pdbx_audit_revision_history.data_content_type 
_pdbx_audit_revision_history.major_revision 
_pdbx_audit_revision_history.minor_revision 
_pdbx_audit_revision_history.revision_date 
1 'Structure model' 1 0 1999-03-04 
2 'Structure model' 1 1 2008-05-22 
3 'Structure model' 1 2 2011-07-13 
4 'Structure model' 1 3 2024-02-21 
5 'Structure model' 1 4 2024-04-03 
# 
_pdbx_audit_revision_details.ordinal             1 
_pdbx_audit_revision_details.revision_ordinal    1 
_pdbx_audit_revision_details.data_content_type   'Structure model' 
_pdbx_audit_revision_details.provider            repository 
_pdbx_audit_revision_details.type                'Initial release' 
_pdbx_audit_revision_details.description         ? 
_pdbx_audit_revision_details.details             ? 
# 
loop_
_pdbx_audit_revision_group.ordinal 
_pdbx_audit_revision_group.revision_ordinal 
_pdbx_audit_revision_group.data_content_type 
_pdbx_audit_revision_group.group 
1 2 'Structure model' 'Version format compliance' 
2 3 'Structure model' 'Version format compliance' 
3 4 'Structure model' 'Data collection'           
4 4 'Structure model' 'Database references'       
5 4 'Structure model' 'Derived calculations'      
6 5 'Structure model' 'Refinement description'    
# 
loop_
_pdbx_audit_revision_category.ordinal 
_pdbx_audit_revision_category.revision_ordinal 
_pdbx_audit_revision_category.data_content_type 
_pdbx_audit_revision_category.category 
1 4 'Structure model' chem_comp_atom                
2 4 'Structure model' chem_comp_bond                
3 4 'Structure model' database_2                    
4 4 'Structure model' pdbx_struct_conn_angle        
5 4 'Structure model' struct_conn                   
6 4 'Structure model' struct_site                   
7 5 'Structure model' pdbx_initial_refinement_model 
# 
loop_
_pdbx_audit_revision_item.ordinal 
_pdbx_audit_revision_item.revision_ordinal 
_pdbx_audit_revision_item.data_content_type 
_pdbx_audit_revision_item.item 
1  4 'Structure model' '_database_2.pdbx_DOI'                      
2  4 'Structure model' '_database_2.pdbx_database_accession'       
3  4 'Structure model' '_pdbx_struct_conn_angle.ptnr1_auth_seq_id' 
4  4 'Structure model' '_pdbx_struct_conn_angle.ptnr3_auth_seq_id' 
5  4 'Structure model' '_pdbx_struct_conn_angle.value'             
6  4 'Structure model' '_struct_conn.pdbx_dist_value'              
7  4 'Structure model' '_struct_conn.ptnr2_auth_seq_id'            
8  4 'Structure model' '_struct_site.pdbx_auth_asym_id'            
9  4 'Structure model' '_struct_site.pdbx_auth_comp_id'            
10 4 'Structure model' '_struct_site.pdbx_auth_seq_id'             
# 
_pdbx_database_status.status_code                     REL 
_pdbx_database_status.entry_id                        378D 
_pdbx_database_status.recvd_initial_deposition_date   1998-01-28 
_pdbx_database_status.deposit_site                    NDB 
_pdbx_database_status.process_site                    NDB 
_pdbx_database_status.SG_entry                        . 
_pdbx_database_status.pdb_format_compatible           Y 
_pdbx_database_status.status_code_mr                  ? 
_pdbx_database_status.status_code_sf                  ? 
_pdbx_database_status.status_code_cs                  ? 
_pdbx_database_status.status_code_nmr_data            ? 
_pdbx_database_status.methods_development_category    ? 
# 
loop_
_audit_author.name 
_audit_author.pdbx_ordinal 
'Mitra, S.N.'       1 
'Wahl, M.C.'        2 
'Sundaralingam, M.' 3 
# 
_citation.id                        primary 
_citation.title                     'Structure of the side-by-side binding of distamycin to d(GTATATAC)2.' 
_citation.journal_abbrev            'Acta Crystallogr.,Sect.D' 
_citation.journal_volume            55 
_citation.page_first                602 
_citation.page_last                 609 
_citation.year                      1999 
_citation.journal_id_ASTM           ABCRE6 
_citation.country                   DK 
_citation.journal_id_ISSN           0907-4449 
_citation.journal_id_CSD            0766 
_citation.book_publisher            ? 
_citation.pdbx_database_id_PubMed   10089456 
_citation.pdbx_database_id_DOI      10.1107/S0907444998012475 
# 
loop_
_citation_author.citation_id 
_citation_author.name 
_citation_author.ordinal 
_citation_author.identifier_ORCID 
primary 'Mitra, S.N.'       1 ? 
primary 'Wahl, M.C.'        2 ? 
primary 'Sundaralingam, M.' 3 ? 
# 
loop_
_entity.id 
_entity.type 
_entity.src_method 
_entity.pdbx_description 
_entity.formula_weight 
_entity.pdbx_number_of_molecules 
_entity.pdbx_ec 
_entity.pdbx_mutation 
_entity.pdbx_fragment 
_entity.details 
1 polymer     man 
;DNA (5'-D(*GP*TP*AP*TP*AP*TP*AP*C)-3')
;
2425.629 4  ? ? ? ? 
2 non-polymer syn 'DISTAMYCIN A'                           481.508  4  ? ? ? ? 
3 non-polymer syn 'SODIUM ION'                             22.990   1  ? ? ? ? 
4 water       nat water                                    18.015   55 ? ? ? ? 
# 
_entity_poly.entity_id                      1 
_entity_poly.type                           polydeoxyribonucleotide 
_entity_poly.nstd_linkage                   no 
_entity_poly.nstd_monomer                   no 
_entity_poly.pdbx_seq_one_letter_code       '(DG)(DT)(DA)(DT)(DA)(DT)(DA)(DC)' 
_entity_poly.pdbx_seq_one_letter_code_can   GTATATAC 
_entity_poly.pdbx_strand_id                 A,B,C,D 
_entity_poly.pdbx_target_identifier         ? 
# 
loop_
_pdbx_entity_nonpoly.entity_id 
_pdbx_entity_nonpoly.name 
_pdbx_entity_nonpoly.comp_id 
2 'DISTAMYCIN A' DMY 
3 'SODIUM ION'   NA  
4 water          HOH 
# 
loop_
_entity_poly_seq.entity_id 
_entity_poly_seq.num 
_entity_poly_seq.mon_id 
_entity_poly_seq.hetero 
1 1 DG n 
1 2 DT n 
1 3 DA n 
1 4 DT n 
1 5 DA n 
1 6 DT n 
1 7 DA n 
1 8 DC n 
# 
loop_
_chem_comp.id 
_chem_comp.type 
_chem_comp.mon_nstd_flag 
_chem_comp.name 
_chem_comp.pdbx_synonyms 
_chem_comp.formula 
_chem_comp.formula_weight 
DA  'DNA linking' y "2'-DEOXYADENOSINE-5'-MONOPHOSPHATE" ?                         'C10 H14 N5 O6 P' 331.222 
DC  'DNA linking' y "2'-DEOXYCYTIDINE-5'-MONOPHOSPHATE"  ?                         'C9 H14 N3 O7 P'  307.197 
DG  'DNA linking' y "2'-DEOXYGUANOSINE-5'-MONOPHOSPHATE" ?                         'C10 H14 N5 O7 P' 347.221 
DMY non-polymer   . 'DISTAMYCIN A'                       'DISTAMYCIN; STALLIMYCIN' 'C22 H27 N9 O4'   481.508 
DT  'DNA linking' y "THYMIDINE-5'-MONOPHOSPHATE"         ?                         'C10 H15 N2 O8 P' 322.208 
HOH non-polymer   . WATER                                ?                         'H2 O'            18.015  
NA  non-polymer   . 'SODIUM ION'                         ?                         'Na 1'            22.990  
# 
loop_
_pdbx_poly_seq_scheme.asym_id 
_pdbx_poly_seq_scheme.entity_id 
_pdbx_poly_seq_scheme.seq_id 
_pdbx_poly_seq_scheme.mon_id 
_pdbx_poly_seq_scheme.ndb_seq_num 
_pdbx_poly_seq_scheme.pdb_seq_num 
_pdbx_poly_seq_scheme.auth_seq_num 
_pdbx_poly_seq_scheme.pdb_mon_id 
_pdbx_poly_seq_scheme.auth_mon_id 
_pdbx_poly_seq_scheme.pdb_strand_id 
_pdbx_poly_seq_scheme.pdb_ins_code 
_pdbx_poly_seq_scheme.hetero 
A 1 1 DG 1 1  1  DG G A . n 
A 1 2 DT 2 2  2  DT T A . n 
A 1 3 DA 3 3  3  DA A A . n 
A 1 4 DT 4 4  4  DT T A . n 
A 1 5 DA 5 5  5  DA A A . n 
A 1 6 DT 6 6  6  DT T A . n 
A 1 7 DA 7 7  7  DA A A . n 
A 1 8 DC 8 8  8  DC C A . n 
B 1 1 DG 1 9  9  DG G B . n 
B 1 2 DT 2 10 10 DT T B . n 
B 1 3 DA 3 11 11 DA A B . n 
B 1 4 DT 4 12 12 DT T B . n 
B 1 5 DA 5 13 13 DA A B . n 
B 1 6 DT 6 14 14 DT T B . n 
B 1 7 DA 7 15 15 DA A B . n 
B 1 8 DC 8 16 16 DC C B . n 
C 1 1 DG 1 17 17 DG G C . n 
C 1 2 DT 2 18 18 DT T C . n 
C 1 3 DA 3 19 19 DA A C . n 
C 1 4 DT 4 20 20 DT T C . n 
C 1 5 DA 5 21 21 DA A C . n 
C 1 6 DT 6 22 22 DT T C . n 
C 1 7 DA 7 23 23 DA A C . n 
C 1 8 DC 8 24 24 DC C C . n 
D 1 1 DG 1 25 25 DG G D . n 
D 1 2 DT 2 26 26 DT T D . n 
D 1 3 DA 3 27 27 DA A D . n 
D 1 4 DT 4 28 28 DT T D . n 
D 1 5 DA 5 29 29 DA A D . n 
D 1 6 DT 6 30 30 DT T D . n 
D 1 7 DA 7 31 31 DA A D . n 
D 1 8 DC 8 32 32 DC C D . n 
# 
loop_
_pdbx_nonpoly_scheme.asym_id 
_pdbx_nonpoly_scheme.entity_id 
_pdbx_nonpoly_scheme.mon_id 
_pdbx_nonpoly_scheme.ndb_seq_num 
_pdbx_nonpoly_scheme.pdb_seq_num 
_pdbx_nonpoly_scheme.auth_seq_num 
_pdbx_nonpoly_scheme.pdb_mon_id 
_pdbx_nonpoly_scheme.auth_mon_id 
_pdbx_nonpoly_scheme.pdb_strand_id 
_pdbx_nonpoly_scheme.pdb_ins_code 
E 2 DMY 1  34 34 DMY DMY A . 
F 3 NA  1  37 37 NA  NA  A . 
G 2 DMY 1  33 33 DMY DMY B . 
H 2 DMY 1  36 36 DMY DMY C . 
I 2 DMY 1  35 35 DMY DMY D . 
J 4 HOH 1  44 44 HOH HOH A . 
J 4 HOH 2  45 45 HOH HOH A . 
J 4 HOH 3  46 46 HOH HOH A . 
J 4 HOH 4  60 60 HOH HOH A . 
J 4 HOH 5  61 61 HOH HOH A . 
J 4 HOH 6  64 64 HOH HOH A . 
J 4 HOH 7  68 68 HOH HOH A . 
J 4 HOH 8  69 69 HOH HOH A . 
J 4 HOH 9  70 70 HOH HOH A . 
J 4 HOH 10 71 71 HOH HOH A . 
J 4 HOH 11 74 74 HOH HOH A . 
J 4 HOH 12 75 75 HOH HOH A . 
J 4 HOH 13 76 76 HOH HOH A . 
J 4 HOH 14 77 77 HOH HOH A . 
J 4 HOH 15 78 78 HOH HOH A . 
J 4 HOH 16 79 79 HOH HOH A . 
J 4 HOH 17 81 81 HOH HOH A . 
J 4 HOH 18 92 92 HOH HOH A . 
K 4 HOH 1  38 38 HOH HOH B . 
K 4 HOH 2  39 39 HOH HOH B . 
K 4 HOH 3  47 47 HOH HOH B . 
K 4 HOH 4  51 51 HOH HOH B . 
K 4 HOH 5  52 52 HOH HOH B . 
K 4 HOH 6  65 65 HOH HOH B . 
K 4 HOH 7  66 66 HOH HOH B . 
K 4 HOH 8  80 80 HOH HOH B . 
K 4 HOH 9  82 82 HOH HOH B . 
K 4 HOH 10 85 85 HOH HOH B . 
L 4 HOH 1  40 40 HOH HOH C . 
L 4 HOH 2  43 43 HOH HOH C . 
L 4 HOH 3  48 48 HOH HOH C . 
L 4 HOH 4  49 49 HOH HOH C . 
L 4 HOH 5  50 50 HOH HOH C . 
L 4 HOH 6  55 55 HOH HOH C . 
L 4 HOH 7  57 57 HOH HOH C . 
L 4 HOH 8  58 58 HOH HOH C . 
L 4 HOH 9  59 59 HOH HOH C . 
L 4 HOH 10 62 62 HOH HOH C . 
L 4 HOH 11 72 72 HOH HOH C . 
L 4 HOH 12 73 73 HOH HOH C . 
L 4 HOH 13 84 84 HOH HOH C . 
M 4 HOH 1  41 41 HOH HOH D . 
M 4 HOH 2  42 42 HOH HOH D . 
M 4 HOH 3  53 53 HOH HOH D . 
M 4 HOH 4  54 54 HOH HOH D . 
M 4 HOH 5  56 56 HOH HOH D . 
M 4 HOH 6  63 63 HOH HOH D . 
M 4 HOH 7  67 67 HOH HOH D . 
M 4 HOH 8  83 83 HOH HOH D . 
M 4 HOH 9  86 86 HOH HOH D . 
M 4 HOH 10 87 87 HOH HOH D . 
M 4 HOH 11 88 88 HOH HOH D . 
M 4 HOH 12 89 89 HOH HOH D . 
M 4 HOH 13 90 90 HOH HOH D . 
M 4 HOH 14 91 91 HOH HOH D . 
# 
loop_
_software.name 
_software.classification 
_software.version 
_software.citation_id 
_software.pdbx_ordinal 
XENGEN 'data collection' .        ? 1 
2.1    'data collection' .        ? 2 
AMoRE  phasing           .        ? 3 
X-PLOR refinement        .        ? 4 
XENGEN 'data reduction'  'V. 2.1' ? 5 
# 
_cell.entry_id           378D 
_cell.length_a           29.550 
_cell.length_b           42.180 
_cell.length_c           43.380 
_cell.angle_alpha        90.00 
_cell.angle_beta         96.56 
_cell.angle_gamma        90.00 
_cell.Z_PDB              8 
_cell.pdbx_unique_axis   ? 
# 
_symmetry.entry_id                         378D 
_symmetry.space_group_name_H-M             'P 1 21 1' 
_symmetry.pdbx_full_space_group_name_H-M   ? 
_symmetry.cell_setting                     ? 
_symmetry.Int_Tables_number                4 
# 
_exptl.entry_id          378D 
_exptl.method            'X-RAY DIFFRACTION' 
_exptl.crystals_number   1 
# 
_exptl_crystal.id                    1 
_exptl_crystal.density_meas          ? 
_exptl_crystal.density_percent_sol   54.10 
_exptl_crystal.density_Matthews      2.68 
_exptl_crystal.description           ? 
# 
_exptl_crystal_grow.crystal_id      1 
_exptl_crystal_grow.method          ? 
_exptl_crystal_grow.temp            ? 
_exptl_crystal_grow.temp_details    ? 
_exptl_crystal_grow.pH              7.00 
_exptl_crystal_grow.pdbx_details    'pH 7.00' 
_exptl_crystal_grow.pdbx_pH_range   . 
# 
_diffrn.id                     1 
_diffrn.ambient_temp           293.00 
_diffrn.ambient_temp_details   ? 
_diffrn.crystal_id             1 
# 
_diffrn_detector.diffrn_id              1 
_diffrn_detector.detector               'AREA DETECTOR' 
_diffrn_detector.type                   SIEMENS-NICOLET 
_diffrn_detector.pdbx_collection_date   ? 
_diffrn_detector.details                ? 
# 
_diffrn_radiation.diffrn_id                        1 
_diffrn_radiation.wavelength_id                    1 
_diffrn_radiation.pdbx_monochromatic_or_laue_m_l   M 
_diffrn_radiation.monochromator                    GRAPHITE 
_diffrn_radiation.pdbx_diffrn_protocol             'SINGLE WAVELENGTH' 
_diffrn_radiation.pdbx_scattering_type             x-ray 
# 
_diffrn_radiation_wavelength.id           1 
_diffrn_radiation_wavelength.wavelength   . 
_diffrn_radiation_wavelength.wt           1.0 
# 
_diffrn_source.diffrn_id                   1 
_diffrn_source.source                      'ROTATING ANODE' 
_diffrn_source.type                        MACSCIENCE 
_diffrn_source.pdbx_synchrotron_site       ? 
_diffrn_source.pdbx_synchrotron_beamline   ? 
_diffrn_source.pdbx_wavelength             ? 
_diffrn_source.pdbx_wavelength_list        ? 
# 
_reflns.entry_id                     378D 
_reflns.observed_criterion_sigma_I   1.000 
_reflns.observed_criterion_sigma_F   2.000 
_reflns.d_resolution_low             26.700 
_reflns.d_resolution_high            2.230 
_reflns.number_obs                   3887 
_reflns.number_all                   ? 
_reflns.percent_possible_obs         73.700 
_reflns.pdbx_Rmerge_I_obs            0.07 
_reflns.pdbx_Rsym_value              ? 
_reflns.pdbx_netI_over_sigmaI        ? 
_reflns.B_iso_Wilson_estimate        34.10 
_reflns.pdbx_redundancy              ? 
_reflns.R_free_details               ? 
_reflns.pdbx_diffrn_id               1 
_reflns.pdbx_ordinal                 1 
# 
_reflns_shell.d_res_high             2.400 
_reflns_shell.d_res_low              2.510 
_reflns_shell.percent_possible_all   53.70 
_reflns_shell.Rmerge_I_obs           ? 
_reflns_shell.pdbx_Rsym_value        ? 
_reflns_shell.meanI_over_sigI_obs    ? 
_reflns_shell.pdbx_redundancy        ? 
_reflns_shell.percent_possible_obs   ? 
_reflns_shell.number_unique_all      ? 
_reflns_shell.pdbx_diffrn_id         ? 
_reflns_shell.pdbx_ordinal           1 
# 
_refine.entry_id                                 378D 
_refine.ls_number_reflns_obs                     3467 
_refine.ls_number_reflns_all                     ? 
_refine.pdbx_ls_sigma_I                          ? 
_refine.pdbx_ls_sigma_F                          2.000 
_refine.pdbx_data_cutoff_high_absF               ? 
_refine.pdbx_data_cutoff_low_absF                ? 
_refine.pdbx_data_cutoff_high_rms_absF           ? 
_refine.ls_d_res_low                             8.000 
_refine.ls_d_res_high                            2.400 
_refine.ls_percent_reflns_obs                    84.300 
_refine.ls_R_factor_obs                          0.21 
_refine.ls_R_factor_all                          ? 
_refine.ls_R_factor_R_work                       0.21 
_refine.ls_R_factor_R_free                       0.286 
_refine.ls_R_factor_R_free_error                 ? 
_refine.ls_R_factor_R_free_error_details         ? 
_refine.ls_percent_reflns_R_free                 10.00 
_refine.ls_number_reflns_R_free                  349 
_refine.ls_number_parameters                     ? 
_refine.ls_number_restraints                     ? 
_refine.occupancy_min                            ? 
_refine.occupancy_max                            ? 
_refine.B_iso_mean                               21.90 
_refine.aniso_B[1][1]                            ? 
_refine.aniso_B[2][2]                            ? 
_refine.aniso_B[3][3]                            ? 
_refine.aniso_B[1][2]                            ? 
_refine.aniso_B[1][3]                            ? 
_refine.aniso_B[2][3]                            ? 
_refine.solvent_model_details                    ? 
_refine.solvent_model_param_ksol                 ? 
_refine.solvent_model_param_bsol                 ? 
_refine.pdbx_ls_cross_valid_method               ? 
_refine.details                                  ? 
_refine.pdbx_starting_model                      'COORDINATES OF D(CCCCCIIIII) (FROM CRYSTAL STRUCTURE)' 
_refine.pdbx_method_to_determine_struct          'MOLECULAR REPLACEMENT' 
_refine.pdbx_isotropic_thermal_model             ? 
_refine.pdbx_stereochemistry_target_values       ? 
_refine.pdbx_stereochem_target_val_spec_case     ? 
_refine.pdbx_R_Free_selection_details            X-PLOR 
_refine.pdbx_overall_ESU_R                       ? 
_refine.pdbx_overall_ESU_R_Free                  ? 
_refine.overall_SU_ML                            ? 
_refine.overall_SU_B                             ? 
_refine.ls_redundancy_reflns_obs                 ? 
_refine.correlation_coeff_Fo_to_Fc               ? 
_refine.correlation_coeff_Fo_to_Fc_free          ? 
_refine.overall_SU_R_Cruickshank_DPI             ? 
_refine.overall_SU_R_free                        ? 
_refine.pdbx_solvent_vdw_probe_radii             ? 
_refine.pdbx_solvent_ion_probe_radii             ? 
_refine.pdbx_solvent_shrinkage_radii             ? 
_refine.pdbx_refine_id                           'X-RAY DIFFRACTION' 
_refine.pdbx_diffrn_id                           1 
_refine.pdbx_TLS_residual_ADP_flag               ? 
_refine.pdbx_overall_phase_error                 ? 
_refine.pdbx_overall_SU_R_free_Cruickshank_DPI   ? 
_refine.pdbx_overall_SU_R_Blow_DPI               ? 
_refine.pdbx_overall_SU_R_free_Blow_DPI          ? 
# 
_refine_hist.pdbx_refine_id                   'X-RAY DIFFRACTION' 
_refine_hist.cycle_id                         LAST 
_refine_hist.pdbx_number_atoms_protein        0 
_refine_hist.pdbx_number_atoms_nucleic_acid   644 
_refine_hist.pdbx_number_atoms_ligand         141 
_refine_hist.number_atoms_solvent             55 
_refine_hist.number_atoms_total               840 
_refine_hist.d_res_high                       2.400 
_refine_hist.d_res_low                        8.000 
# 
loop_
_refine_ls_restr.type 
_refine_ls_restr.dev_ideal 
_refine_ls_restr.dev_ideal_target 
_refine_ls_restr.weight 
_refine_ls_restr.number 
_refine_ls_restr.pdbx_refine_id 
_refine_ls_restr.pdbx_restraint_function 
x_bond_d                0.003 ? ? ? 'X-RAY DIFFRACTION' ? 
x_bond_d_na             ?     ? ? ? 'X-RAY DIFFRACTION' ? 
x_bond_d_prot           ?     ? ? ? 'X-RAY DIFFRACTION' ? 
x_angle_d               ?     ? ? ? 'X-RAY DIFFRACTION' ? 
x_angle_d_na            ?     ? ? ? 'X-RAY DIFFRACTION' ? 
x_angle_d_prot          ?     ? ? ? 'X-RAY DIFFRACTION' ? 
x_angle_deg             1.00  ? ? ? 'X-RAY DIFFRACTION' ? 
x_angle_deg_na          ?     ? ? ? 'X-RAY DIFFRACTION' ? 
x_angle_deg_prot        ?     ? ? ? 'X-RAY DIFFRACTION' ? 
x_dihedral_angle_d      17.3  ? ? ? 'X-RAY DIFFRACTION' ? 
x_dihedral_angle_d_na   ?     ? ? ? 'X-RAY DIFFRACTION' ? 
x_dihedral_angle_d_prot ?     ? ? ? 'X-RAY DIFFRACTION' ? 
x_improper_angle_d      1.30  ? ? ? 'X-RAY DIFFRACTION' ? 
x_improper_angle_d_na   ?     ? ? ? 'X-RAY DIFFRACTION' ? 
x_improper_angle_d_prot ?     ? ? ? 'X-RAY DIFFRACTION' ? 
x_mcbond_it             ?     ? ? ? 'X-RAY DIFFRACTION' ? 
x_mcangle_it            ?     ? ? ? 'X-RAY DIFFRACTION' ? 
x_scbond_it             ?     ? ? ? 'X-RAY DIFFRACTION' ? 
x_scangle_it            ?     ? ? ? 'X-RAY DIFFRACTION' ? 
# 
_refine_ls_shell.pdbx_total_number_of_bins_used   8 
_refine_ls_shell.d_res_high                       2.40 
_refine_ls_shell.d_res_low                        2.51 
_refine_ls_shell.number_reflns_R_work             250 
_refine_ls_shell.R_factor_R_work                  0.415 
_refine_ls_shell.percent_reflns_obs               53.70 
_refine_ls_shell.R_factor_R_free                  0.511 
_refine_ls_shell.R_factor_R_free_error            ? 
_refine_ls_shell.percent_reflns_R_free            4.50 
_refine_ls_shell.number_reflns_R_free             23 
_refine_ls_shell.redundancy_reflns_obs            ? 
_refine_ls_shell.pdbx_refine_id                   'X-RAY DIFFRACTION' 
_refine_ls_shell.number_reflns_all                ? 
_refine_ls_shell.R_factor_all                     ? 
# 
_pdbx_xplor_file.serial_no        1 
_pdbx_xplor_file.param_file       PARAM_ND.DNA 
_pdbx_xplor_file.topol_file       TOP_NDBX.DNA 
_pdbx_xplor_file.pdbx_refine_id   'X-RAY DIFFRACTION' 
# 
_struct.entry_id                  378D 
_struct.title                     'STRUCTURE OF THE SIDE-BY-SIDE BINDING OF DISTAMYCIN TO DNA' 
_struct.pdbx_model_details        ? 
_struct.pdbx_CASP_flag            ? 
_struct.pdbx_model_type_details   ? 
# 
_struct_keywords.entry_id        378D 
_struct_keywords.pdbx_keywords   DNA 
_struct_keywords.text            'RIGHT HANDED DNA, DOUBLE HELIX, DOUBLE DRUG IN MINOR GROOVE, DNA' 
# 
loop_
_struct_asym.id 
_struct_asym.pdbx_blank_PDB_chainid_flag 
_struct_asym.pdbx_modified 
_struct_asym.entity_id 
_struct_asym.details 
A N N 1 ? 
B N N 1 ? 
C N N 1 ? 
D N N 1 ? 
E N N 2 ? 
F N N 3 ? 
G N N 2 ? 
H N N 2 ? 
I N N 2 ? 
J N N 4 ? 
K N N 4 ? 
L N N 4 ? 
M N N 4 ? 
# 
_struct_ref.id                         1 
_struct_ref.entity_id                  1 
_struct_ref.db_name                    PDB 
_struct_ref.db_code                    378D 
_struct_ref.pdbx_db_accession          378D 
_struct_ref.pdbx_db_isoform            ? 
_struct_ref.pdbx_seq_one_letter_code   ? 
_struct_ref.pdbx_align_begin           ? 
# 
loop_
_struct_ref_seq.align_id 
_struct_ref_seq.ref_id 
_struct_ref_seq.pdbx_PDB_id_code 
_struct_ref_seq.pdbx_strand_id 
_struct_ref_seq.seq_align_beg 
_struct_ref_seq.pdbx_seq_align_beg_ins_code 
_struct_ref_seq.seq_align_end 
_struct_ref_seq.pdbx_seq_align_end_ins_code 
_struct_ref_seq.pdbx_db_accession 
_struct_ref_seq.db_align_beg 
_struct_ref_seq.pdbx_db_align_beg_ins_code 
_struct_ref_seq.db_align_end 
_struct_ref_seq.pdbx_db_align_end_ins_code 
_struct_ref_seq.pdbx_auth_seq_align_beg 
_struct_ref_seq.pdbx_auth_seq_align_end 
1 1 378D A 1 ? 8 ? 378D 1  ? 8  ? 1  8  
2 1 378D B 1 ? 8 ? 378D 9  ? 16 ? 9  16 
3 1 378D C 1 ? 8 ? 378D 17 ? 24 ? 17 24 
4 1 378D D 1 ? 8 ? 378D 25 ? 32 ? 25 32 
# 
loop_
_pdbx_struct_assembly.id 
_pdbx_struct_assembly.details 
_pdbx_struct_assembly.method_details 
_pdbx_struct_assembly.oligomeric_details 
_pdbx_struct_assembly.oligomeric_count 
1 author_defined_assembly ? dimeric 2 
2 author_defined_assembly ? dimeric 2 
# 
loop_
_pdbx_struct_assembly_gen.assembly_id 
_pdbx_struct_assembly_gen.oper_expression 
_pdbx_struct_assembly_gen.asym_id_list 
1 1 A,B,E,F,G,J,K 
2 1 C,D,H,I,L,M   
# 
_pdbx_struct_oper_list.id                   1 
_pdbx_struct_oper_list.type                 'identity operation' 
_pdbx_struct_oper_list.name                 1_555 
_pdbx_struct_oper_list.symmetry_operation   x,y,z 
_pdbx_struct_oper_list.matrix[1][1]         1.0000000000 
_pdbx_struct_oper_list.matrix[1][2]         0.0000000000 
_pdbx_struct_oper_list.matrix[1][3]         0.0000000000 
_pdbx_struct_oper_list.vector[1]            0.0000000000 
_pdbx_struct_oper_list.matrix[2][1]         0.0000000000 
_pdbx_struct_oper_list.matrix[2][2]         1.0000000000 
_pdbx_struct_oper_list.matrix[2][3]         0.0000000000 
_pdbx_struct_oper_list.vector[2]            0.0000000000 
_pdbx_struct_oper_list.matrix[3][1]         0.0000000000 
_pdbx_struct_oper_list.matrix[3][2]         0.0000000000 
_pdbx_struct_oper_list.matrix[3][3]         1.0000000000 
_pdbx_struct_oper_list.vector[3]            0.0000000000 
# 
loop_
_struct_biol.id 
_struct_biol.pdbx_parent_biol_id 
_struct_biol.details 
1 ? ? 
2 ? ? 
# 
loop_
_struct_conn.id 
_struct_conn.conn_type_id 
_struct_conn.pdbx_leaving_atom_flag 
_struct_conn.pdbx_PDB_id 
_struct_conn.ptnr1_label_asym_id 
_struct_conn.ptnr1_label_comp_id 
_struct_conn.ptnr1_label_seq_id 
_struct_conn.ptnr1_label_atom_id 
_struct_conn.pdbx_ptnr1_label_alt_id 
_struct_conn.pdbx_ptnr1_PDB_ins_code 
_struct_conn.pdbx_ptnr1_standard_comp_id 
_struct_conn.ptnr1_symmetry 
_struct_conn.ptnr2_label_asym_id 
_struct_conn.ptnr2_label_comp_id 
_struct_conn.ptnr2_label_seq_id 
_struct_conn.ptnr2_label_atom_id 
_struct_conn.pdbx_ptnr2_label_alt_id 
_struct_conn.pdbx_ptnr2_PDB_ins_code 
_struct_conn.ptnr1_auth_asym_id 
_struct_conn.ptnr1_auth_comp_id 
_struct_conn.ptnr1_auth_seq_id 
_struct_conn.ptnr2_auth_asym_id 
_struct_conn.ptnr2_auth_comp_id 
_struct_conn.ptnr2_auth_seq_id 
_struct_conn.ptnr2_symmetry 
_struct_conn.pdbx_ptnr3_label_atom_id 
_struct_conn.pdbx_ptnr3_label_seq_id 
_struct_conn.pdbx_ptnr3_label_comp_id 
_struct_conn.pdbx_ptnr3_label_asym_id 
_struct_conn.pdbx_ptnr3_label_alt_id 
_struct_conn.pdbx_ptnr3_PDB_ins_code 
_struct_conn.details 
_struct_conn.pdbx_dist_value 
_struct_conn.pdbx_value_order 
_struct_conn.pdbx_role 
metalc1  metalc ? ? F NA . NA ? ? ? 1_555 J HOH . O  ? ? A NA 37 A HOH 75 1_555 ? ? ? ? ? ? ?            2.322 ? ? 
metalc2  metalc ? ? F NA . NA ? ? ? 1_555 J HOH . O  ? ? A NA 37 A HOH 76 1_555 ? ? ? ? ? ? ?            2.641 ? ? 
metalc3  metalc ? ? F NA . NA ? ? ? 1_555 J HOH . O  ? ? A NA 37 A HOH 77 1_555 ? ? ? ? ? ? ?            2.161 ? ? 
metalc4  metalc ? ? F NA . NA ? ? ? 1_555 J HOH . O  ? ? A NA 37 A HOH 78 1_555 ? ? ? ? ? ? ?            2.506 ? ? 
hydrog1  hydrog ? ? A DG 1 N1 ? ? ? 1_555 B DC  8 N3 ? ? A DG 1  B DC  16 1_555 ? ? ? ? ? ? WATSON-CRICK ?     ? ? 
hydrog2  hydrog ? ? A DG 1 N2 ? ? ? 1_555 B DC  8 O2 ? ? A DG 1  B DC  16 1_555 ? ? ? ? ? ? WATSON-CRICK ?     ? ? 
hydrog3  hydrog ? ? A DG 1 O6 ? ? ? 1_555 B DC  8 N4 ? ? A DG 1  B DC  16 1_555 ? ? ? ? ? ? WATSON-CRICK ?     ? ? 
hydrog4  hydrog ? ? A DT 2 N3 ? ? ? 1_555 B DA  7 N1 ? ? A DT 2  B DA  15 1_555 ? ? ? ? ? ? WATSON-CRICK ?     ? ? 
hydrog5  hydrog ? ? A DT 2 O4 ? ? ? 1_555 B DA  7 N6 ? ? A DT 2  B DA  15 1_555 ? ? ? ? ? ? WATSON-CRICK ?     ? ? 
hydrog6  hydrog ? ? A DA 3 N1 ? ? ? 1_555 B DT  6 N3 ? ? A DA 3  B DT  14 1_555 ? ? ? ? ? ? WATSON-CRICK ?     ? ? 
hydrog7  hydrog ? ? A DA 3 N6 ? ? ? 1_555 B DT  6 O4 ? ? A DA 3  B DT  14 1_555 ? ? ? ? ? ? WATSON-CRICK ?     ? ? 
hydrog8  hydrog ? ? A DT 4 N3 ? ? ? 1_555 B DA  5 N1 ? ? A DT 4  B DA  13 1_555 ? ? ? ? ? ? WATSON-CRICK ?     ? ? 
hydrog9  hydrog ? ? A DT 4 O4 ? ? ? 1_555 B DA  5 N6 ? ? A DT 4  B DA  13 1_555 ? ? ? ? ? ? WATSON-CRICK ?     ? ? 
hydrog10 hydrog ? ? A DA 5 N1 ? ? ? 1_555 B DT  4 N3 ? ? A DA 5  B DT  12 1_555 ? ? ? ? ? ? WATSON-CRICK ?     ? ? 
hydrog11 hydrog ? ? A DA 5 N6 ? ? ? 1_555 B DT  4 O4 ? ? A DA 5  B DT  12 1_555 ? ? ? ? ? ? WATSON-CRICK ?     ? ? 
hydrog12 hydrog ? ? A DT 6 N3 ? ? ? 1_555 B DA  3 N1 ? ? A DT 6  B DA  11 1_555 ? ? ? ? ? ? WATSON-CRICK ?     ? ? 
hydrog13 hydrog ? ? A DT 6 O4 ? ? ? 1_555 B DA  3 N6 ? ? A DT 6  B DA  11 1_555 ? ? ? ? ? ? WATSON-CRICK ?     ? ? 
hydrog14 hydrog ? ? A DA 7 N1 ? ? ? 1_555 B DT  2 N3 ? ? A DA 7  B DT  10 1_555 ? ? ? ? ? ? WATSON-CRICK ?     ? ? 
hydrog15 hydrog ? ? A DA 7 N6 ? ? ? 1_555 B DT  2 O4 ? ? A DA 7  B DT  10 1_555 ? ? ? ? ? ? WATSON-CRICK ?     ? ? 
hydrog16 hydrog ? ? A DC 8 N3 ? ? ? 1_555 B DG  1 N1 ? ? A DC 8  B DG  9  1_555 ? ? ? ? ? ? WATSON-CRICK ?     ? ? 
hydrog17 hydrog ? ? A DC 8 N4 ? ? ? 1_555 B DG  1 O6 ? ? A DC 8  B DG  9  1_555 ? ? ? ? ? ? WATSON-CRICK ?     ? ? 
hydrog18 hydrog ? ? A DC 8 O2 ? ? ? 1_555 B DG  1 N2 ? ? A DC 8  B DG  9  1_555 ? ? ? ? ? ? WATSON-CRICK ?     ? ? 
hydrog19 hydrog ? ? C DG 1 N1 ? ? ? 1_555 D DC  8 N3 ? ? C DG 17 D DC  32 1_555 ? ? ? ? ? ? WATSON-CRICK ?     ? ? 
hydrog20 hydrog ? ? C DG 1 N2 ? ? ? 1_555 D DC  8 O2 ? ? C DG 17 D DC  32 1_555 ? ? ? ? ? ? WATSON-CRICK ?     ? ? 
hydrog21 hydrog ? ? C DG 1 O6 ? ? ? 1_555 D DC  8 N4 ? ? C DG 17 D DC  32 1_555 ? ? ? ? ? ? WATSON-CRICK ?     ? ? 
hydrog22 hydrog ? ? C DT 2 N3 ? ? ? 1_555 D DA  7 N1 ? ? C DT 18 D DA  31 1_555 ? ? ? ? ? ? WATSON-CRICK ?     ? ? 
hydrog23 hydrog ? ? C DT 2 O4 ? ? ? 1_555 D DA  7 N6 ? ? C DT 18 D DA  31 1_555 ? ? ? ? ? ? WATSON-CRICK ?     ? ? 
hydrog24 hydrog ? ? C DA 3 N1 ? ? ? 1_555 D DT  6 N3 ? ? C DA 19 D DT  30 1_555 ? ? ? ? ? ? WATSON-CRICK ?     ? ? 
hydrog25 hydrog ? ? C DA 3 N6 ? ? ? 1_555 D DT  6 O4 ? ? C DA 19 D DT  30 1_555 ? ? ? ? ? ? WATSON-CRICK ?     ? ? 
hydrog26 hydrog ? ? C DT 4 N3 ? ? ? 1_555 D DA  5 N1 ? ? C DT 20 D DA  29 1_555 ? ? ? ? ? ? WATSON-CRICK ?     ? ? 
hydrog27 hydrog ? ? C DT 4 O4 ? ? ? 1_555 D DA  5 N6 ? ? C DT 20 D DA  29 1_555 ? ? ? ? ? ? WATSON-CRICK ?     ? ? 
hydrog28 hydrog ? ? C DA 5 N1 ? ? ? 1_555 D DT  4 N3 ? ? C DA 21 D DT  28 1_555 ? ? ? ? ? ? WATSON-CRICK ?     ? ? 
hydrog29 hydrog ? ? C DA 5 N6 ? ? ? 1_555 D DT  4 O4 ? ? C DA 21 D DT  28 1_555 ? ? ? ? ? ? WATSON-CRICK ?     ? ? 
hydrog30 hydrog ? ? C DT 6 N3 ? ? ? 1_555 D DA  3 N1 ? ? C DT 22 D DA  27 1_555 ? ? ? ? ? ? WATSON-CRICK ?     ? ? 
hydrog31 hydrog ? ? C DT 6 O4 ? ? ? 1_555 D DA  3 N6 ? ? C DT 22 D DA  27 1_555 ? ? ? ? ? ? WATSON-CRICK ?     ? ? 
hydrog32 hydrog ? ? C DA 7 N1 ? ? ? 1_555 D DT  2 N3 ? ? C DA 23 D DT  26 1_555 ? ? ? ? ? ? WATSON-CRICK ?     ? ? 
hydrog33 hydrog ? ? C DA 7 N6 ? ? ? 1_555 D DT  2 O4 ? ? C DA 23 D DT  26 1_555 ? ? ? ? ? ? WATSON-CRICK ?     ? ? 
hydrog34 hydrog ? ? C DC 8 N3 ? ? ? 1_555 D DG  1 N1 ? ? C DC 24 D DG  25 1_555 ? ? ? ? ? ? WATSON-CRICK ?     ? ? 
hydrog35 hydrog ? ? C DC 8 N4 ? ? ? 1_555 D DG  1 O6 ? ? C DC 24 D DG  25 1_555 ? ? ? ? ? ? WATSON-CRICK ?     ? ? 
hydrog36 hydrog ? ? C DC 8 O2 ? ? ? 1_555 D DG  1 N2 ? ? C DC 24 D DG  25 1_555 ? ? ? ? ? ? WATSON-CRICK ?     ? ? 
# 
loop_
_struct_conn_type.id 
_struct_conn_type.criteria 
_struct_conn_type.reference 
metalc ? ? 
hydrog ? ? 
# 
loop_
_pdbx_struct_conn_angle.id 
_pdbx_struct_conn_angle.ptnr1_label_atom_id 
_pdbx_struct_conn_angle.ptnr1_label_alt_id 
_pdbx_struct_conn_angle.ptnr1_label_asym_id 
_pdbx_struct_conn_angle.ptnr1_label_comp_id 
_pdbx_struct_conn_angle.ptnr1_label_seq_id 
_pdbx_struct_conn_angle.ptnr1_auth_atom_id 
_pdbx_struct_conn_angle.ptnr1_auth_asym_id 
_pdbx_struct_conn_angle.ptnr1_auth_comp_id 
_pdbx_struct_conn_angle.ptnr1_auth_seq_id 
_pdbx_struct_conn_angle.ptnr1_PDB_ins_code 
_pdbx_struct_conn_angle.ptnr1_symmetry 
_pdbx_struct_conn_angle.ptnr2_label_atom_id 
_pdbx_struct_conn_angle.ptnr2_label_alt_id 
_pdbx_struct_conn_angle.ptnr2_label_asym_id 
_pdbx_struct_conn_angle.ptnr2_label_comp_id 
_pdbx_struct_conn_angle.ptnr2_label_seq_id 
_pdbx_struct_conn_angle.ptnr2_auth_atom_id 
_pdbx_struct_conn_angle.ptnr2_auth_asym_id 
_pdbx_struct_conn_angle.ptnr2_auth_comp_id 
_pdbx_struct_conn_angle.ptnr2_auth_seq_id 
_pdbx_struct_conn_angle.ptnr2_PDB_ins_code 
_pdbx_struct_conn_angle.ptnr2_symmetry 
_pdbx_struct_conn_angle.ptnr3_label_atom_id 
_pdbx_struct_conn_angle.ptnr3_label_alt_id 
_pdbx_struct_conn_angle.ptnr3_label_asym_id 
_pdbx_struct_conn_angle.ptnr3_label_comp_id 
_pdbx_struct_conn_angle.ptnr3_label_seq_id 
_pdbx_struct_conn_angle.ptnr3_auth_atom_id 
_pdbx_struct_conn_angle.ptnr3_auth_asym_id 
_pdbx_struct_conn_angle.ptnr3_auth_comp_id 
_pdbx_struct_conn_angle.ptnr3_auth_seq_id 
_pdbx_struct_conn_angle.ptnr3_PDB_ins_code 
_pdbx_struct_conn_angle.ptnr3_symmetry 
_pdbx_struct_conn_angle.value 
_pdbx_struct_conn_angle.value_esd 
1 O ? J HOH . ? A HOH 75 ? 1_555 NA ? F NA . ? A NA 37 ? 1_555 O ? J HOH . ? A HOH 76 ? 1_555 107.5 ? 
2 O ? J HOH . ? A HOH 75 ? 1_555 NA ? F NA . ? A NA 37 ? 1_555 O ? J HOH . ? A HOH 77 ? 1_555 143.7 ? 
3 O ? J HOH . ? A HOH 76 ? 1_555 NA ? F NA . ? A NA 37 ? 1_555 O ? J HOH . ? A HOH 77 ? 1_555 86.1  ? 
4 O ? J HOH . ? A HOH 75 ? 1_555 NA ? F NA . ? A NA 37 ? 1_555 O ? J HOH . ? A HOH 78 ? 1_555 103.3 ? 
5 O ? J HOH . ? A HOH 76 ? 1_555 NA ? F NA . ? A NA 37 ? 1_555 O ? J HOH . ? A HOH 78 ? 1_555 110.0 ? 
6 O ? J HOH . ? A HOH 77 ? 1_555 NA ? F NA . ? A NA 37 ? 1_555 O ? J HOH . ? A HOH 78 ? 1_555 103.1 ? 
# 
loop_
_struct_site.id 
_struct_site.pdbx_evidence_code 
_struct_site.pdbx_auth_asym_id 
_struct_site.pdbx_auth_comp_id 
_struct_site.pdbx_auth_seq_id 
_struct_site.pdbx_auth_ins_code 
_struct_site.pdbx_num_residues 
_struct_site.details 
AC1 Software B DMY 33 ? 9  'BINDING SITE FOR RESIDUE DMY B 33' 
AC2 Software A DMY 34 ? 11 'BINDING SITE FOR RESIDUE DMY A 34' 
AC3 Software D DMY 35 ? 10 'BINDING SITE FOR RESIDUE DMY D 35' 
AC4 Software C DMY 36 ? 9  'BINDING SITE FOR RESIDUE DMY C 36' 
AC5 Software A NA  37 ? 4  'BINDING SITE FOR RESIDUE NA A 37'  
1   ?        ? ?   ?  ? ?  ?                                   
# 
loop_
_struct_site_gen.id 
_struct_site_gen.site_id 
_struct_site_gen.pdbx_num_res 
_struct_site_gen.label_comp_id 
_struct_site_gen.label_asym_id 
_struct_site_gen.label_seq_id 
_struct_site_gen.pdbx_auth_ins_code 
_struct_site_gen.auth_comp_id 
_struct_site_gen.auth_asym_id 
_struct_site_gen.auth_seq_id 
_struct_site_gen.label_atom_id 
_struct_site_gen.label_alt_id 
_struct_site_gen.symmetry 
_struct_site_gen.details 
1  AC1 9  DT  A 2 ? DT  A 2  . ? 1_555 ? 
2  AC1 9  DA  A 3 ? DA  A 3  . ? 1_555 ? 
3  AC1 9  DMY E . ? DMY A 34 . ? 1_555 ? 
4  AC1 9  HOH J . ? HOH A 71 . ? 1_555 ? 
5  AC1 9  DT  B 4 ? DT  B 12 . ? 1_555 ? 
6  AC1 9  DA  B 5 ? DA  B 13 . ? 1_555 ? 
7  AC1 9  DT  B 6 ? DT  B 14 . ? 1_555 ? 
8  AC1 9  DA  B 7 ? DA  B 15 . ? 1_555 ? 
9  AC1 9  DC  B 8 ? DC  B 16 . ? 1_555 ? 
10 AC2 11 DT  A 4 ? DT  A 4  . ? 1_555 ? 
11 AC2 11 DA  A 5 ? DA  A 5  . ? 1_555 ? 
12 AC2 11 DT  A 6 ? DT  A 6  . ? 1_555 ? 
13 AC2 11 DA  A 7 ? DA  A 7  . ? 1_555 ? 
14 AC2 11 DC  A 8 ? DC  A 8  . ? 1_555 ? 
15 AC2 11 HOH J . ? HOH A 64 . ? 1_555 ? 
16 AC2 11 HOH J . ? HOH A 74 . ? 1_555 ? 
17 AC2 11 DG  B 1 ? DG  B 9  . ? 1_555 ? 
18 AC2 11 DT  B 2 ? DT  B 10 . ? 1_555 ? 
19 AC2 11 DA  B 3 ? DA  B 11 . ? 1_555 ? 
20 AC2 11 DMY G . ? DMY B 33 . ? 1_555 ? 
21 AC3 10 DT  C 2 ? DT  C 18 . ? 1_555 ? 
22 AC3 10 DA  C 3 ? DA  C 19 . ? 1_555 ? 
23 AC3 10 DMY H . ? DMY C 36 . ? 1_555 ? 
24 AC3 10 DA  D 3 ? DA  D 27 . ? 1_555 ? 
25 AC3 10 DT  D 4 ? DT  D 28 . ? 1_555 ? 
26 AC3 10 DA  D 5 ? DA  D 29 . ? 1_555 ? 
27 AC3 10 DT  D 6 ? DT  D 30 . ? 1_555 ? 
28 AC3 10 DA  D 7 ? DA  D 31 . ? 1_555 ? 
29 AC3 10 DC  D 8 ? DC  D 32 . ? 1_555 ? 
30 AC3 10 HOH M . ? HOH D 88 . ? 1_555 ? 
31 AC4 9  DT  C 4 ? DT  C 20 . ? 1_555 ? 
32 AC4 9  DA  C 5 ? DA  C 21 . ? 1_555 ? 
33 AC4 9  DT  C 6 ? DT  C 22 . ? 1_555 ? 
34 AC4 9  DA  C 7 ? DA  C 23 . ? 1_555 ? 
35 AC4 9  DC  C 8 ? DC  C 24 . ? 1_555 ? 
36 AC4 9  DG  D 1 ? DG  D 25 . ? 1_555 ? 
37 AC4 9  DT  D 2 ? DT  D 26 . ? 1_555 ? 
38 AC4 9  DA  D 3 ? DA  D 27 . ? 1_555 ? 
39 AC4 9  DMY I . ? DMY D 35 . ? 1_555 ? 
40 AC5 4  HOH J . ? HOH A 75 . ? 1_555 ? 
41 AC5 4  HOH J . ? HOH A 76 . ? 1_555 ? 
42 AC5 4  HOH J . ? HOH A 77 . ? 1_555 ? 
43 AC5 4  HOH J . ? HOH A 78 . ? 1_555 ? 
# 
_pdbx_validate_planes.id              1 
_pdbx_validate_planes.PDB_model_num   1 
_pdbx_validate_planes.auth_comp_id    DA 
_pdbx_validate_planes.auth_asym_id    A 
_pdbx_validate_planes.auth_seq_id     3 
_pdbx_validate_planes.PDB_ins_code    ? 
_pdbx_validate_planes.label_alt_id    ? 
_pdbx_validate_planes.rmsd            0.055 
_pdbx_validate_planes.type            'SIDE CHAIN' 
# 
_struct_site_keywords.site_id   1 
_struct_site_keywords.text      'MINOR GROOVE BINDER' 
# 
loop_
_chem_comp_atom.comp_id 
_chem_comp_atom.atom_id 
_chem_comp_atom.type_symbol 
_chem_comp_atom.pdbx_aromatic_flag 
_chem_comp_atom.pdbx_stereo_config 
_chem_comp_atom.pdbx_ordinal 
DA  OP3    O  N N 1   
DA  P      P  N N 2   
DA  OP1    O  N N 3   
DA  OP2    O  N N 4   
DA  "O5'"  O  N N 5   
DA  "C5'"  C  N N 6   
DA  "C4'"  C  N R 7   
DA  "O4'"  O  N N 8   
DA  "C3'"  C  N S 9   
DA  "O3'"  O  N N 10  
DA  "C2'"  C  N N 11  
DA  "C1'"  C  N R 12  
DA  N9     N  Y N 13  
DA  C8     C  Y N 14  
DA  N7     N  Y N 15  
DA  C5     C  Y N 16  
DA  C6     C  Y N 17  
DA  N6     N  N N 18  
DA  N1     N  Y N 19  
DA  C2     C  Y N 20  
DA  N3     N  Y N 21  
DA  C4     C  Y N 22  
DA  HOP3   H  N N 23  
DA  HOP2   H  N N 24  
DA  "H5'"  H  N N 25  
DA  "H5''" H  N N 26  
DA  "H4'"  H  N N 27  
DA  "H3'"  H  N N 28  
DA  "HO3'" H  N N 29  
DA  "H2'"  H  N N 30  
DA  "H2''" H  N N 31  
DA  "H1'"  H  N N 32  
DA  H8     H  N N 33  
DA  H61    H  N N 34  
DA  H62    H  N N 35  
DA  H2     H  N N 36  
DC  OP3    O  N N 37  
DC  P      P  N N 38  
DC  OP1    O  N N 39  
DC  OP2    O  N N 40  
DC  "O5'"  O  N N 41  
DC  "C5'"  C  N N 42  
DC  "C4'"  C  N R 43  
DC  "O4'"  O  N N 44  
DC  "C3'"  C  N S 45  
DC  "O3'"  O  N N 46  
DC  "C2'"  C  N N 47  
DC  "C1'"  C  N R 48  
DC  N1     N  N N 49  
DC  C2     C  N N 50  
DC  O2     O  N N 51  
DC  N3     N  N N 52  
DC  C4     C  N N 53  
DC  N4     N  N N 54  
DC  C5     C  N N 55  
DC  C6     C  N N 56  
DC  HOP3   H  N N 57  
DC  HOP2   H  N N 58  
DC  "H5'"  H  N N 59  
DC  "H5''" H  N N 60  
DC  "H4'"  H  N N 61  
DC  "H3'"  H  N N 62  
DC  "HO3'" H  N N 63  
DC  "H2'"  H  N N 64  
DC  "H2''" H  N N 65  
DC  "H1'"  H  N N 66  
DC  H41    H  N N 67  
DC  H42    H  N N 68  
DC  H5     H  N N 69  
DC  H6     H  N N 70  
DG  OP3    O  N N 71  
DG  P      P  N N 72  
DG  OP1    O  N N 73  
DG  OP2    O  N N 74  
DG  "O5'"  O  N N 75  
DG  "C5'"  C  N N 76  
DG  "C4'"  C  N R 77  
DG  "O4'"  O  N N 78  
DG  "C3'"  C  N S 79  
DG  "O3'"  O  N N 80  
DG  "C2'"  C  N N 81  
DG  "C1'"  C  N R 82  
DG  N9     N  Y N 83  
DG  C8     C  Y N 84  
DG  N7     N  Y N 85  
DG  C5     C  Y N 86  
DG  C6     C  N N 87  
DG  O6     O  N N 88  
DG  N1     N  N N 89  
DG  C2     C  N N 90  
DG  N2     N  N N 91  
DG  N3     N  N N 92  
DG  C4     C  Y N 93  
DG  HOP3   H  N N 94  
DG  HOP2   H  N N 95  
DG  "H5'"  H  N N 96  
DG  "H5''" H  N N 97  
DG  "H4'"  H  N N 98  
DG  "H3'"  H  N N 99  
DG  "HO3'" H  N N 100 
DG  "H2'"  H  N N 101 
DG  "H2''" H  N N 102 
DG  "H1'"  H  N N 103 
DG  H8     H  N N 104 
DG  H1     H  N N 105 
DG  H21    H  N N 106 
DG  H22    H  N N 107 
DMY C1     C  N N 108 
DMY O1     O  N N 109 
DMY N1     N  N N 110 
DMY C2     C  Y N 111 
DMY C3     C  Y N 112 
DMY C4     C  Y N 113 
DMY N2     N  Y N 114 
DMY C5     C  Y N 115 
DMY C6     C  N N 116 
DMY C7     C  N N 117 
DMY O2     O  N N 118 
DMY N3     N  N N 119 
DMY C8     C  Y N 120 
DMY C9     C  Y N 121 
DMY C10    C  Y N 122 
DMY N4     N  Y N 123 
DMY C11    C  Y N 124 
DMY C12    C  N N 125 
DMY C13    C  N N 126 
DMY O3     O  N N 127 
DMY N5     N  N N 128 
DMY C14    C  Y N 129 
DMY C15    C  Y N 130 
DMY C16    C  Y N 131 
DMY N6     N  Y N 132 
DMY C17    C  Y N 133 
DMY C18    C  N N 134 
DMY C19    C  N N 135 
DMY O4     O  N N 136 
DMY N7     N  N N 137 
DMY C20    C  N N 138 
DMY C21    C  N N 139 
DMY C22    C  N N 140 
DMY N8     N  N N 141 
DMY N9     N  N N 142 
DMY H1     H  N N 143 
DMY HN1    H  N N 144 
DMY H3     H  N N 145 
DMY H5     H  N N 146 
DMY H61    H  N N 147 
DMY H62    H  N N 148 
DMY H63    H  N N 149 
DMY HN3    H  N N 150 
DMY H9     H  N N 151 
DMY H11    H  N N 152 
DMY H121   H  N N 153 
DMY H122   H  N N 154 
DMY H123   H  N N 155 
DMY HN5    H  N N 156 
DMY H15    H  N N 157 
DMY H17    H  N N 158 
DMY H181   H  N N 159 
DMY H182   H  N N 160 
DMY H183   H  N N 161 
DMY HN7    H  N N 162 
DMY H201   H  N N 163 
DMY H202   H  N N 164 
DMY H211   H  N N 165 
DMY H212   H  N N 166 
DMY HN8    H  N N 167 
DMY HN91   H  N N 168 
DMY HN92   H  N N 169 
DT  OP3    O  N N 170 
DT  P      P  N N 171 
DT  OP1    O  N N 172 
DT  OP2    O  N N 173 
DT  "O5'"  O  N N 174 
DT  "C5'"  C  N N 175 
DT  "C4'"  C  N R 176 
DT  "O4'"  O  N N 177 
DT  "C3'"  C  N S 178 
DT  "O3'"  O  N N 179 
DT  "C2'"  C  N N 180 
DT  "C1'"  C  N R 181 
DT  N1     N  N N 182 
DT  C2     C  N N 183 
DT  O2     O  N N 184 
DT  N3     N  N N 185 
DT  C4     C  N N 186 
DT  O4     O  N N 187 
DT  C5     C  N N 188 
DT  C7     C  N N 189 
DT  C6     C  N N 190 
DT  HOP3   H  N N 191 
DT  HOP2   H  N N 192 
DT  "H5'"  H  N N 193 
DT  "H5''" H  N N 194 
DT  "H4'"  H  N N 195 
DT  "H3'"  H  N N 196 
DT  "HO3'" H  N N 197 
DT  "H2'"  H  N N 198 
DT  "H2''" H  N N 199 
DT  "H1'"  H  N N 200 
DT  H3     H  N N 201 
DT  H71    H  N N 202 
DT  H72    H  N N 203 
DT  H73    H  N N 204 
DT  H6     H  N N 205 
HOH O      O  N N 206 
HOH H1     H  N N 207 
HOH H2     H  N N 208 
NA  NA     NA N N 209 
# 
loop_
_chem_comp_bond.comp_id 
_chem_comp_bond.atom_id_1 
_chem_comp_bond.atom_id_2 
_chem_comp_bond.value_order 
_chem_comp_bond.pdbx_aromatic_flag 
_chem_comp_bond.pdbx_stereo_config 
_chem_comp_bond.pdbx_ordinal 
DA  OP3   P      sing N N 1   
DA  OP3   HOP3   sing N N 2   
DA  P     OP1    doub N N 3   
DA  P     OP2    sing N N 4   
DA  P     "O5'"  sing N N 5   
DA  OP2   HOP2   sing N N 6   
DA  "O5'" "C5'"  sing N N 7   
DA  "C5'" "C4'"  sing N N 8   
DA  "C5'" "H5'"  sing N N 9   
DA  "C5'" "H5''" sing N N 10  
DA  "C4'" "O4'"  sing N N 11  
DA  "C4'" "C3'"  sing N N 12  
DA  "C4'" "H4'"  sing N N 13  
DA  "O4'" "C1'"  sing N N 14  
DA  "C3'" "O3'"  sing N N 15  
DA  "C3'" "C2'"  sing N N 16  
DA  "C3'" "H3'"  sing N N 17  
DA  "O3'" "HO3'" sing N N 18  
DA  "C2'" "C1'"  sing N N 19  
DA  "C2'" "H2'"  sing N N 20  
DA  "C2'" "H2''" sing N N 21  
DA  "C1'" N9     sing N N 22  
DA  "C1'" "H1'"  sing N N 23  
DA  N9    C8     sing Y N 24  
DA  N9    C4     sing Y N 25  
DA  C8    N7     doub Y N 26  
DA  C8    H8     sing N N 27  
DA  N7    C5     sing Y N 28  
DA  C5    C6     sing Y N 29  
DA  C5    C4     doub Y N 30  
DA  C6    N6     sing N N 31  
DA  C6    N1     doub Y N 32  
DA  N6    H61    sing N N 33  
DA  N6    H62    sing N N 34  
DA  N1    C2     sing Y N 35  
DA  C2    N3     doub Y N 36  
DA  C2    H2     sing N N 37  
DA  N3    C4     sing Y N 38  
DC  OP3   P      sing N N 39  
DC  OP3   HOP3   sing N N 40  
DC  P     OP1    doub N N 41  
DC  P     OP2    sing N N 42  
DC  P     "O5'"  sing N N 43  
DC  OP2   HOP2   sing N N 44  
DC  "O5'" "C5'"  sing N N 45  
DC  "C5'" "C4'"  sing N N 46  
DC  "C5'" "H5'"  sing N N 47  
DC  "C5'" "H5''" sing N N 48  
DC  "C4'" "O4'"  sing N N 49  
DC  "C4'" "C3'"  sing N N 50  
DC  "C4'" "H4'"  sing N N 51  
DC  "O4'" "C1'"  sing N N 52  
DC  "C3'" "O3'"  sing N N 53  
DC  "C3'" "C2'"  sing N N 54  
DC  "C3'" "H3'"  sing N N 55  
DC  "O3'" "HO3'" sing N N 56  
DC  "C2'" "C1'"  sing N N 57  
DC  "C2'" "H2'"  sing N N 58  
DC  "C2'" "H2''" sing N N 59  
DC  "C1'" N1     sing N N 60  
DC  "C1'" "H1'"  sing N N 61  
DC  N1    C2     sing N N 62  
DC  N1    C6     sing N N 63  
DC  C2    O2     doub N N 64  
DC  C2    N3     sing N N 65  
DC  N3    C4     doub N N 66  
DC  C4    N4     sing N N 67  
DC  C4    C5     sing N N 68  
DC  N4    H41    sing N N 69  
DC  N4    H42    sing N N 70  
DC  C5    C6     doub N N 71  
DC  C5    H5     sing N N 72  
DC  C6    H6     sing N N 73  
DG  OP3   P      sing N N 74  
DG  OP3   HOP3   sing N N 75  
DG  P     OP1    doub N N 76  
DG  P     OP2    sing N N 77  
DG  P     "O5'"  sing N N 78  
DG  OP2   HOP2   sing N N 79  
DG  "O5'" "C5'"  sing N N 80  
DG  "C5'" "C4'"  sing N N 81  
DG  "C5'" "H5'"  sing N N 82  
DG  "C5'" "H5''" sing N N 83  
DG  "C4'" "O4'"  sing N N 84  
DG  "C4'" "C3'"  sing N N 85  
DG  "C4'" "H4'"  sing N N 86  
DG  "O4'" "C1'"  sing N N 87  
DG  "C3'" "O3'"  sing N N 88  
DG  "C3'" "C2'"  sing N N 89  
DG  "C3'" "H3'"  sing N N 90  
DG  "O3'" "HO3'" sing N N 91  
DG  "C2'" "C1'"  sing N N 92  
DG  "C2'" "H2'"  sing N N 93  
DG  "C2'" "H2''" sing N N 94  
DG  "C1'" N9     sing N N 95  
DG  "C1'" "H1'"  sing N N 96  
DG  N9    C8     sing Y N 97  
DG  N9    C4     sing Y N 98  
DG  C8    N7     doub Y N 99  
DG  C8    H8     sing N N 100 
DG  N7    C5     sing Y N 101 
DG  C5    C6     sing N N 102 
DG  C5    C4     doub Y N 103 
DG  C6    O6     doub N N 104 
DG  C6    N1     sing N N 105 
DG  N1    C2     sing N N 106 
DG  N1    H1     sing N N 107 
DG  C2    N2     sing N N 108 
DG  C2    N3     doub N N 109 
DG  N2    H21    sing N N 110 
DG  N2    H22    sing N N 111 
DG  N3    C4     sing N N 112 
DMY C1    O1     doub N N 113 
DMY C1    N1     sing N N 114 
DMY C1    H1     sing N N 115 
DMY N1    C2     sing N N 116 
DMY N1    HN1    sing N N 117 
DMY C2    C3     sing Y N 118 
DMY C2    C5     doub Y N 119 
DMY C3    C4     doub Y N 120 
DMY C3    H3     sing N N 121 
DMY C4    N2     sing Y N 122 
DMY C4    C7     sing N N 123 
DMY N2    C5     sing Y N 124 
DMY N2    C6     sing N N 125 
DMY C5    H5     sing N N 126 
DMY C6    H61    sing N N 127 
DMY C6    H62    sing N N 128 
DMY C6    H63    sing N N 129 
DMY C7    O2     doub N N 130 
DMY C7    N3     sing N N 131 
DMY N3    C8     sing N N 132 
DMY N3    HN3    sing N N 133 
DMY C8    C9     sing Y N 134 
DMY C8    C11    doub Y N 135 
DMY C9    C10    doub Y N 136 
DMY C9    H9     sing N N 137 
DMY C10   N4     sing Y N 138 
DMY C10   C13    sing N N 139 
DMY N4    C11    sing Y N 140 
DMY N4    C12    sing N N 141 
DMY C11   H11    sing N N 142 
DMY C12   H121   sing N N 143 
DMY C12   H122   sing N N 144 
DMY C12   H123   sing N N 145 
DMY C13   O3     doub N N 146 
DMY C13   N5     sing N N 147 
DMY N5    C14    sing N N 148 
DMY N5    HN5    sing N N 149 
DMY C14   C15    sing Y N 150 
DMY C14   C17    doub Y N 151 
DMY C15   C16    doub Y N 152 
DMY C15   H15    sing N N 153 
DMY C16   N6     sing Y N 154 
DMY C16   C19    sing N N 155 
DMY N6    C17    sing Y N 156 
DMY N6    C18    sing N N 157 
DMY C17   H17    sing N N 158 
DMY C18   H181   sing N N 159 
DMY C18   H182   sing N N 160 
DMY C18   H183   sing N N 161 
DMY C19   O4     doub N N 162 
DMY C19   N7     sing N N 163 
DMY N7    C20    sing N N 164 
DMY N7    HN7    sing N N 165 
DMY C20   C21    sing N N 166 
DMY C20   H201   sing N N 167 
DMY C20   H202   sing N N 168 
DMY C21   C22    sing N N 169 
DMY C21   H211   sing N N 170 
DMY C21   H212   sing N N 171 
DMY C22   N8     doub N N 172 
DMY C22   N9     sing N N 173 
DMY N8    HN8    sing N N 174 
DMY N9    HN91   sing N N 175 
DMY N9    HN92   sing N N 176 
DT  OP3   P      sing N N 177 
DT  OP3   HOP3   sing N N 178 
DT  P     OP1    doub N N 179 
DT  P     OP2    sing N N 180 
DT  P     "O5'"  sing N N 181 
DT  OP2   HOP2   sing N N 182 
DT  "O5'" "C5'"  sing N N 183 
DT  "C5'" "C4'"  sing N N 184 
DT  "C5'" "H5'"  sing N N 185 
DT  "C5'" "H5''" sing N N 186 
DT  "C4'" "O4'"  sing N N 187 
DT  "C4'" "C3'"  sing N N 188 
DT  "C4'" "H4'"  sing N N 189 
DT  "O4'" "C1'"  sing N N 190 
DT  "C3'" "O3'"  sing N N 191 
DT  "C3'" "C2'"  sing N N 192 
DT  "C3'" "H3'"  sing N N 193 
DT  "O3'" "HO3'" sing N N 194 
DT  "C2'" "C1'"  sing N N 195 
DT  "C2'" "H2'"  sing N N 196 
DT  "C2'" "H2''" sing N N 197 
DT  "C1'" N1     sing N N 198 
DT  "C1'" "H1'"  sing N N 199 
DT  N1    C2     sing N N 200 
DT  N1    C6     sing N N 201 
DT  C2    O2     doub N N 202 
DT  C2    N3     sing N N 203 
DT  N3    C4     sing N N 204 
DT  N3    H3     sing N N 205 
DT  C4    O4     doub N N 206 
DT  C4    C5     sing N N 207 
DT  C5    C7     sing N N 208 
DT  C5    C6     doub N N 209 
DT  C7    H71    sing N N 210 
DT  C7    H72    sing N N 211 
DT  C7    H73    sing N N 212 
DT  C6    H6     sing N N 213 
HOH O     H1     sing N N 214 
HOH O     H2     sing N N 215 
# 
loop_
_ndb_struct_conf_na.entry_id 
_ndb_struct_conf_na.feature 
378D 'double helix'        
378D 'b-form double helix' 
# 
loop_
_ndb_struct_na_base_pair.model_number 
_ndb_struct_na_base_pair.i_label_asym_id 
_ndb_struct_na_base_pair.i_label_comp_id 
_ndb_struct_na_base_pair.i_label_seq_id 
_ndb_struct_na_base_pair.i_symmetry 
_ndb_struct_na_base_pair.j_label_asym_id 
_ndb_struct_na_base_pair.j_label_comp_id 
_ndb_struct_na_base_pair.j_label_seq_id 
_ndb_struct_na_base_pair.j_symmetry 
_ndb_struct_na_base_pair.shear 
_ndb_struct_na_base_pair.stretch 
_ndb_struct_na_base_pair.stagger 
_ndb_struct_na_base_pair.buckle 
_ndb_struct_na_base_pair.propeller 
_ndb_struct_na_base_pair.opening 
_ndb_struct_na_base_pair.pair_number 
_ndb_struct_na_base_pair.pair_name 
_ndb_struct_na_base_pair.i_auth_asym_id 
_ndb_struct_na_base_pair.i_auth_seq_id 
_ndb_struct_na_base_pair.i_PDB_ins_code 
_ndb_struct_na_base_pair.j_auth_asym_id 
_ndb_struct_na_base_pair.j_auth_seq_id 
_ndb_struct_na_base_pair.j_PDB_ins_code 
_ndb_struct_na_base_pair.hbond_type_28 
_ndb_struct_na_base_pair.hbond_type_12 
1 A DG 1 1_555 B DC 8 1_555 -0.041 -0.314 -0.315 -14.156 -2.012  -2.348 1  A_DG1:DC16_B  A 1  ? B 16 ? 19 1 
1 A DT 2 1_555 B DA 7 1_555 0.137  0.036  0.010  -4.020  -10.346 5.595  2  A_DT2:DA15_B  A 2  ? B 15 ? 20 1 
1 A DA 3 1_555 B DT 6 1_555 0.720  0.079  0.070  -0.990  -9.209  -0.763 3  A_DA3:DT14_B  A 3  ? B 14 ? 20 1 
1 A DT 4 1_555 B DA 5 1_555 0.347  -0.087 0.414  -2.291  -6.005  -9.569 4  A_DT4:DA13_B  A 4  ? B 13 ? 20 1 
1 A DA 5 1_555 B DT 4 1_555 -0.231 -0.002 0.077  2.565   -11.490 -8.290 5  A_DA5:DT12_B  A 5  ? B 12 ? 20 1 
1 A DT 6 1_555 B DA 3 1_555 -0.740 -0.432 0.128  9.953   -9.969  -2.508 6  A_DT6:DA11_B  A 6  ? B 11 ? 20 1 
1 A DA 7 1_555 B DT 2 1_555 -0.050 -0.015 0.084  4.963   -4.577  2.259  7  A_DA7:DT10_B  A 7  ? B 10 ? 20 1 
1 A DC 8 1_555 B DG 1 1_555 0.845  0.008  -0.469 23.749  3.735   1.698  8  A_DC8:DG9_B   A 8  ? B 9  ? 19 1 
1 C DG 1 1_555 D DC 8 1_555 -0.934 -0.240 -0.411 -12.335 -1.745  2.491  9  C_DG17:DC32_D C 17 ? D 32 ? 19 1 
1 C DT 2 1_555 D DA 7 1_555 0.128  -0.255 -0.044 0.865   -6.363  6.014  10 C_DT18:DA31_D C 18 ? D 31 ? 20 1 
1 C DA 3 1_555 D DT 6 1_555 -0.261 -0.157 0.260  -8.234  -11.333 -5.520 11 C_DA19:DT30_D C 19 ? D 30 ? 20 1 
1 C DT 4 1_555 D DA 5 1_555 0.365  -0.307 -0.019 -1.792  -15.877 -9.679 12 C_DT20:DA29_D C 20 ? D 29 ? 20 1 
1 C DA 5 1_555 D DT 4 1_555 -0.431 0.081  0.320  1.682   -9.560  -2.770 13 C_DA21:DT28_D C 21 ? D 28 ? 20 1 
1 C DT 6 1_555 D DA 3 1_555 0.032  0.090  0.400  7.017   -10.937 -3.234 14 C_DT22:DA27_D C 22 ? D 27 ? 20 1 
1 C DA 7 1_555 D DT 2 1_555 -0.071 -0.268 0.183  3.969   -3.830  -0.590 15 C_DA23:DT26_D C 23 ? D 26 ? 20 1 
1 C DC 8 1_555 D DG 1 1_555 0.503  -0.363 -0.052 10.064  4.341   1.337  16 C_DC24:DG25_D C 24 ? D 25 ? 19 1 
# 
loop_
_ndb_struct_na_base_pair_step.model_number 
_ndb_struct_na_base_pair_step.i_label_asym_id_1 
_ndb_struct_na_base_pair_step.i_label_comp_id_1 
_ndb_struct_na_base_pair_step.i_label_seq_id_1 
_ndb_struct_na_base_pair_step.i_symmetry_1 
_ndb_struct_na_base_pair_step.j_label_asym_id_1 
_ndb_struct_na_base_pair_step.j_label_comp_id_1 
_ndb_struct_na_base_pair_step.j_label_seq_id_1 
_ndb_struct_na_base_pair_step.j_symmetry_1 
_ndb_struct_na_base_pair_step.i_label_asym_id_2 
_ndb_struct_na_base_pair_step.i_label_comp_id_2 
_ndb_struct_na_base_pair_step.i_label_seq_id_2 
_ndb_struct_na_base_pair_step.i_symmetry_2 
_ndb_struct_na_base_pair_step.j_label_asym_id_2 
_ndb_struct_na_base_pair_step.j_label_comp_id_2 
_ndb_struct_na_base_pair_step.j_label_seq_id_2 
_ndb_struct_na_base_pair_step.j_symmetry_2 
_ndb_struct_na_base_pair_step.shift 
_ndb_struct_na_base_pair_step.slide 
_ndb_struct_na_base_pair_step.rise 
_ndb_struct_na_base_pair_step.tilt 
_ndb_struct_na_base_pair_step.roll 
_ndb_struct_na_base_pair_step.twist 
_ndb_struct_na_base_pair_step.x_displacement 
_ndb_struct_na_base_pair_step.y_displacement 
_ndb_struct_na_base_pair_step.helical_rise 
_ndb_struct_na_base_pair_step.inclination 
_ndb_struct_na_base_pair_step.tip 
_ndb_struct_na_base_pair_step.helical_twist 
_ndb_struct_na_base_pair_step.step_number 
_ndb_struct_na_base_pair_step.step_name 
_ndb_struct_na_base_pair_step.i_auth_asym_id_1 
_ndb_struct_na_base_pair_step.i_auth_seq_id_1 
_ndb_struct_na_base_pair_step.i_PDB_ins_code_1 
_ndb_struct_na_base_pair_step.j_auth_asym_id_1 
_ndb_struct_na_base_pair_step.j_auth_seq_id_1 
_ndb_struct_na_base_pair_step.j_PDB_ins_code_1 
_ndb_struct_na_base_pair_step.i_auth_asym_id_2 
_ndb_struct_na_base_pair_step.i_auth_seq_id_2 
_ndb_struct_na_base_pair_step.i_PDB_ins_code_2 
_ndb_struct_na_base_pair_step.j_auth_asym_id_2 
_ndb_struct_na_base_pair_step.j_auth_seq_id_2 
_ndb_struct_na_base_pair_step.j_PDB_ins_code_2 
1 A DG 1 1_555 B DC 8 1_555 A DT 2 1_555 B DA 7 1_555 -0.373 -0.889 3.139 -0.809 3.852   26.546 -2.851 0.607  2.992 8.329   1.750  
26.831 1  AA_DG1DT2:DA15DC16_BB   A 1  ? B 16 ? A 2  ? B 15 ? 
1 A DT 2 1_555 B DA 7 1_555 A DA 3 1_555 B DT 6 1_555 -1.468 1.046  3.487 -6.060 -0.679  42.014 1.521  1.354  3.638 -0.942  8.399  
42.434 2  AA_DT2DA3:DT14DA15_BB   A 2  ? B 15 ? A 3  ? B 14 ? 
1 A DA 3 1_555 B DT 6 1_555 A DT 4 1_555 B DA 5 1_555 -0.378 -0.214 3.367 -3.160 7.771   26.695 -2.339 0.011  3.201 16.327  6.639  
27.959 3  AA_DA3DT4:DA13DT14_BB   A 3  ? B 14 ? A 4  ? B 13 ? 
1 A DT 4 1_555 B DA 5 1_555 A DA 5 1_555 B DT 4 1_555 0.081  2.134  3.145 4.064  -14.585 45.174 3.670  0.184  2.384 -18.386 -5.123 
47.517 4  AA_DT4DA5:DT12DA13_BB   A 4  ? B 13 ? A 5  ? B 12 ? 
1 A DA 5 1_555 B DT 4 1_555 A DT 6 1_555 B DA 3 1_555 0.539  -0.535 3.237 -0.421 8.701   22.520 -3.949 -1.419 2.825 21.285  1.029  
24.126 5  AA_DA5DT6:DA11DT12_BB   A 5  ? B 12 ? A 6  ? B 11 ? 
1 A DT 6 1_555 B DA 3 1_555 A DA 7 1_555 B DT 2 1_555 1.705  1.160  3.480 4.328  0.812   42.553 1.503  -1.866 3.649 1.115   -5.945 
42.770 6  AA_DT6DA7:DT10DA11_BB   A 6  ? B 11 ? A 7  ? B 10 ? 
1 A DA 7 1_555 B DT 2 1_555 A DC 8 1_555 B DG 1 1_555 0.426  -0.346 3.015 3.565  1.712   32.042 -0.904 -0.180 3.021 3.086   -6.427 
32.279 7  AA_DA7DC8:DG9DT10_BB    A 7  ? B 10 ? A 8  ? B 9  ? 
1 C DG 1 1_555 D DC 8 1_555 C DT 2 1_555 D DA 7 1_555 -0.057 -0.209 3.043 -2.522 5.851   33.869 -1.196 -0.266 2.963 9.934   4.282  
34.445 8  CC_DG17DT18:DA31DC32_DD C 17 ? D 32 ? C 18 ? D 31 ? 
1 C DT 2 1_555 D DA 7 1_555 C DA 3 1_555 D DT 6 1_555 -1.561 0.695  3.658 -6.530 1.923   38.318 0.772  1.422  3.891 2.902   9.853  
38.896 9  CC_DT18DA19:DT30DA31_DD C 18 ? D 31 ? C 19 ? D 30 ? 
1 C DA 3 1_555 D DT 6 1_555 C DT 4 1_555 D DA 5 1_555 -0.355 -0.070 3.339 2.764  5.022   28.695 -1.243 1.310  3.232 10.007  -5.507 
29.251 10 CC_DA19DT20:DA29DT30_DD C 19 ? D 30 ? C 20 ? D 29 ? 
1 C DT 4 1_555 D DA 5 1_555 C DA 5 1_555 D DT 4 1_555 0.408  2.451  3.189 -2.007 -9.130  45.274 3.830  -0.675 2.654 -11.713 2.575  
46.179 11 CC_DT20DA21:DT28DA29_DD C 20 ? D 29 ? C 21 ? D 28 ? 
1 C DA 5 1_555 D DT 4 1_555 C DT 6 1_555 D DA 3 1_555 0.030  -0.057 3.349 -1.889 4.682   26.840 -1.314 -0.545 3.281 9.973   4.024  
27.302 12 CC_DA21DT22:DA27DT28_DD C 21 ? D 28 ? C 22 ? D 27 ? 
1 C DT 6 1_555 D DA 3 1_555 C DA 7 1_555 D DT 2 1_555 1.311  0.480  3.443 4.981  1.577   39.393 0.508  -1.303 3.592 2.327   -7.350 
39.724 13 CC_DT22DA23:DT26DA27_DD C 22 ? D 27 ? C 23 ? D 26 ? 
1 C DA 7 1_555 D DT 2 1_555 C DC 8 1_555 D DG 1 1_555 0.474  -1.117 3.333 2.044  3.822   29.520 -2.967 -0.493 3.191 7.450   -3.984 
29.829 14 CC_DA23DC24:DG25DT26_DD C 23 ? D 26 ? C 24 ? D 25 ? 
# 
_pdbx_initial_refinement_model.accession_code   ? 
_pdbx_initial_refinement_model.id               1 
_pdbx_initial_refinement_model.entity_id_list   ? 
_pdbx_initial_refinement_model.type             'experimental model' 
_pdbx_initial_refinement_model.source_name      Other 
_pdbx_initial_refinement_model.details          'COORDINATES OF D(CCCCCIIIII) (FROM CRYSTAL STRUCTURE)' 
# 
_atom_sites.entry_id                    378D 
_atom_sites.fract_transf_matrix[1][1]   -0.00719558 
_atom_sites.fract_transf_matrix[1][2]   -0.01626066 
_atom_sites.fract_transf_matrix[1][3]   0.02905470 
_atom_sites.fract_transf_matrix[2][1]   -0.01903196 
_atom_sites.fract_transf_matrix[2][2]   0.01381143 
_atom_sites.fract_transf_matrix[2][3]   0.00301627 
_atom_sites.fract_transf_matrix[3][1]   -0.01341444 
_atom_sites.fract_transf_matrix[3][2]   -0.01643007 
_atom_sites.fract_transf_matrix[3][3]   -0.00940910 
_atom_sites.fract_transf_vector[1]      0.262000 
_atom_sites.fract_transf_vector[2]      0.017673 
_atom_sites.fract_transf_vector[3]      0.405897 
# 
loop_
_atom_type.symbol 
C  
N  
NA 
O  
P  
# 
loop_
_atom_site.group_PDB 
_atom_site.id 
_atom_site.type_symbol 
_atom_site.label_atom_id 
_atom_site.label_alt_id 
_atom_site.label_comp_id 
_atom_site.label_asym_id 
_atom_site.label_entity_id 
_atom_site.label_seq_id 
_atom_site.pdbx_PDB_ins_code 
_atom_site.Cartn_x 
_atom_site.Cartn_y 
_atom_site.Cartn_z 
_atom_site.occupancy 
_atom_site.B_iso_or_equiv 
_atom_site.pdbx_formal_charge 
_atom_site.auth_seq_id 
_atom_site.auth_comp_id 
_atom_site.auth_asym_id 
_atom_site.auth_atom_id 
_atom_site.pdbx_PDB_model_num 
ATOM   1   O  "O5'" . DG  A 1 1 ? 8.112   22.243  11.569  1.00 48.51 ? 1  DG  A "O5'" 1 
ATOM   2   C  "C5'" . DG  A 1 1 ? 7.881   22.382  10.162  1.00 35.53 ? 1  DG  A "C5'" 1 
ATOM   3   C  "C4'" . DG  A 1 1 ? 8.999   21.775  9.349   1.00 33.29 ? 1  DG  A "C4'" 1 
ATOM   4   O  "O4'" . DG  A 1 1 ? 9.216   20.413  9.780   1.00 34.12 ? 1  DG  A "O4'" 1 
ATOM   5   C  "C3'" . DG  A 1 1 ? 8.729   21.691  7.849   1.00 34.27 ? 1  DG  A "C3'" 1 
ATOM   6   O  "O3'" . DG  A 1 1 ? 9.964   21.819  7.137   1.00 37.77 ? 1  DG  A "O3'" 1 
ATOM   7   C  "C2'" . DG  A 1 1 ? 8.169   20.291  7.683   1.00 32.00 ? 1  DG  A "C2'" 1 
ATOM   8   C  "C1'" . DG  A 1 1 ? 8.980   19.514  8.704   1.00 29.63 ? 1  DG  A "C1'" 1 
ATOM   9   N  N9    . DG  A 1 1 ? 8.314   18.337  9.251   1.00 28.26 ? 1  DG  A N9    1 
ATOM   10  C  C8    . DG  A 1 1 ? 7.061   18.277  9.814   1.00 27.50 ? 1  DG  A C8    1 
ATOM   11  N  N7    . DG  A 1 1 ? 6.760   17.089  10.265  1.00 28.04 ? 1  DG  A N7    1 
ATOM   12  C  C5    . DG  A 1 1 ? 7.876   16.318  9.972   1.00 20.72 ? 1  DG  A C5    1 
ATOM   13  C  C6    . DG  A 1 1 ? 8.140   14.952  10.233  1.00 21.16 ? 1  DG  A C6    1 
ATOM   14  O  O6    . DG  A 1 1 ? 7.426   14.123  10.811  1.00 23.11 ? 1  DG  A O6    1 
ATOM   15  N  N1    . DG  A 1 1 ? 9.391   14.574  9.758   1.00 20.03 ? 1  DG  A N1    1 
ATOM   16  C  C2    . DG  A 1 1 ? 10.274  15.406  9.120   1.00 22.30 ? 1  DG  A C2    1 
ATOM   17  N  N2    . DG  A 1 1 ? 11.432  14.854  8.730   1.00 26.89 ? 1  DG  A N2    1 
ATOM   18  N  N3    . DG  A 1 1 ? 10.043  16.684  8.879   1.00 19.28 ? 1  DG  A N3    1 
ATOM   19  C  C4    . DG  A 1 1 ? 8.835   17.068  9.330   1.00 22.47 ? 1  DG  A C4    1 
ATOM   20  P  P     . DT  A 1 2 ? 10.016  21.483  5.568   1.00 33.35 ? 2  DT  A P     1 
ATOM   21  O  OP1   . DT  A 1 2 ? 11.063  22.330  4.946   1.00 34.16 ? 2  DT  A OP1   1 
ATOM   22  O  OP2   . DT  A 1 2 ? 8.621   21.547  5.063   1.00 34.90 ? 2  DT  A OP2   1 
ATOM   23  O  "O5'" . DT  A 1 2 ? 10.499  19.967  5.506   1.00 29.40 ? 2  DT  A "O5'" 1 
ATOM   24  C  "C5'" . DT  A 1 2 ? 11.876  19.623  5.733   1.00 23.67 ? 2  DT  A "C5'" 1 
ATOM   25  C  "C4'" . DT  A 1 2 ? 12.191  18.290  5.093   1.00 26.93 ? 2  DT  A "C4'" 1 
ATOM   26  O  "O4'" . DT  A 1 2 ? 11.450  17.226  5.737   1.00 31.48 ? 2  DT  A "O4'" 1 
ATOM   27  C  "C3'" . DT  A 1 2 ? 11.831  18.189  3.610   1.00 29.04 ? 2  DT  A "C3'" 1 
ATOM   28  O  "O3'" . DT  A 1 2 ? 12.729  17.259  2.998   1.00 33.55 ? 2  DT  A "O3'" 1 
ATOM   29  C  "C2'" . DT  A 1 2 ? 10.459  17.542  3.655   1.00 25.64 ? 2  DT  A "C2'" 1 
ATOM   30  C  "C1'" . DT  A 1 2 ? 10.713  16.527  4.745   1.00 22.80 ? 2  DT  A "C1'" 1 
ATOM   31  N  N1    . DT  A 1 2 ? 9.532   15.937  5.386   1.00 13.39 ? 2  DT  A N1    1 
ATOM   32  C  C2    . DT  A 1 2 ? 9.641   14.638  5.812   1.00 9.51  ? 2  DT  A C2    1 
ATOM   33  O  O2    . DT  A 1 2 ? 10.648  13.966  5.653   1.00 13.79 ? 2  DT  A O2    1 
ATOM   34  N  N3    . DT  A 1 2 ? 8.525   14.148  6.437   1.00 8.60  ? 2  DT  A N3    1 
ATOM   35  C  C4    . DT  A 1 2 ? 7.336   14.816  6.668   1.00 7.23  ? 2  DT  A C4    1 
ATOM   36  O  O4    . DT  A 1 2 ? 6.427   14.258  7.260   1.00 15.17 ? 2  DT  A O4    1 
ATOM   37  C  C5    . DT  A 1 2 ? 7.285   16.168  6.176   1.00 13.84 ? 2  DT  A C5    1 
ATOM   38  C  C7    . DT  A 1 2 ? 6.030   16.959  6.373   1.00 11.15 ? 2  DT  A C7    1 
ATOM   39  C  C6    . DT  A 1 2 ? 8.372   16.657  5.562   1.00 11.37 ? 2  DT  A C6    1 
ATOM   40  P  P     . DA  A 1 3 ? 13.683  17.729  1.798   1.00 30.78 ? 3  DA  A P     1 
ATOM   41  O  OP1   . DA  A 1 3 ? 14.727  18.606  2.381   1.00 36.54 ? 3  DA  A OP1   1 
ATOM   42  O  OP2   . DA  A 1 3 ? 12.823  18.235  0.698   1.00 29.48 ? 3  DA  A OP2   1 
ATOM   43  O  "O5'" . DA  A 1 3 ? 14.377  16.374  1.337   1.00 27.49 ? 3  DA  A "O5'" 1 
ATOM   44  C  "C5'" . DA  A 1 3 ? 15.250  15.661  2.226   1.00 28.55 ? 3  DA  A "C5'" 1 
ATOM   45  C  "C4'" . DA  A 1 3 ? 15.253  14.189  1.881   1.00 30.56 ? 3  DA  A "C4'" 1 
ATOM   46  O  "O4'" . DA  A 1 3 ? 14.053  13.535  2.352   1.00 30.62 ? 3  DA  A "O4'" 1 
ATOM   47  C  "C3'" . DA  A 1 3 ? 15.344  13.875  0.391   1.00 30.26 ? 3  DA  A "C3'" 1 
ATOM   48  O  "O3'" . DA  A 1 3 ? 16.184  12.736  0.211   1.00 36.14 ? 3  DA  A "O3'" 1 
ATOM   49  C  "C2'" . DA  A 1 3 ? 13.901  13.589  0.005   1.00 27.69 ? 3  DA  A "C2'" 1 
ATOM   50  C  "C1'" . DA  A 1 3 ? 13.324  12.973  1.270   1.00 22.79 ? 3  DA  A "C1'" 1 
ATOM   51  N  N9    . DA  A 1 3 ? 11.909  13.249  1.527   1.00 16.55 ? 3  DA  A N9    1 
ATOM   52  C  C8    . DA  A 1 3 ? 11.220  14.417  1.309   1.00 15.58 ? 3  DA  A C8    1 
ATOM   53  N  N7    . DA  A 1 3 ? 9.985   14.395  1.754   1.00 17.10 ? 3  DA  A N7    1 
ATOM   54  C  C5    . DA  A 1 3 ? 9.846   13.115  2.281   1.00 12.74 ? 3  DA  A C5    1 
ATOM   55  C  C6    . DA  A 1 3 ? 8.778   12.469  2.933   1.00 11.53 ? 3  DA  A C6    1 
ATOM   56  N  N6    . DA  A 1 3 ? 7.609   13.054  3.219   1.00 2.00  ? 3  DA  A N6    1 
ATOM   57  N  N1    . DA  A 1 3 ? 8.961   11.183  3.304   1.00 12.77 ? 3  DA  A N1    1 
ATOM   58  C  C2    . DA  A 1 3 ? 10.142  10.607  3.060   1.00 12.15 ? 3  DA  A C2    1 
ATOM   59  N  N3    . DA  A 1 3 ? 11.225  11.113  2.485   1.00 11.93 ? 3  DA  A N3    1 
ATOM   60  C  C4    . DA  A 1 3 ? 11.011  12.387  2.114   1.00 17.98 ? 3  DA  A C4    1 
ATOM   61  P  P     . DT  A 1 4 ? 16.678  12.336  -1.260  1.00 40.17 ? 4  DT  A P     1 
ATOM   62  O  OP1   . DT  A 1 4 ? 18.061  11.797  -1.150  1.00 39.18 ? 4  DT  A OP1   1 
ATOM   63  O  OP2   . DT  A 1 4 ? 16.404  13.484  -2.161  1.00 37.60 ? 4  DT  A OP2   1 
ATOM   64  O  "O5'" . DT  A 1 4 ? 15.704  11.137  -1.647  1.00 41.63 ? 4  DT  A "O5'" 1 
ATOM   65  C  "C5'" . DT  A 1 4 ? 15.710  9.923   -0.880  1.00 29.46 ? 4  DT  A "C5'" 1 
ATOM   66  C  "C4'" . DT  A 1 4 ? 14.558  9.034   -1.285  1.00 25.04 ? 4  DT  A "C4'" 1 
ATOM   67  O  "O4'" . DT  A 1 4 ? 13.305  9.497   -0.716  1.00 24.28 ? 4  DT  A "O4'" 1 
ATOM   68  C  "C3'" . DT  A 1 4 ? 14.326  8.922   -2.795  1.00 25.95 ? 4  DT  A "C3'" 1 
ATOM   69  O  "O3'" . DT  A 1 4 ? 14.105  7.553   -3.142  1.00 24.48 ? 4  DT  A "O3'" 1 
ATOM   70  C  "C2'" . DT  A 1 4 ? 13.050  9.718   -3.011  1.00 18.46 ? 4  DT  A "C2'" 1 
ATOM   71  C  "C1'" . DT  A 1 4 ? 12.319  9.410   -1.723  1.00 19.47 ? 4  DT  A "C1'" 1 
ATOM   72  N  N1    . DT  A 1 4 ? 11.196  10.292  -1.362  1.00 14.97 ? 4  DT  A N1    1 
ATOM   73  C  C2    . DT  A 1 4 ? 10.097  9.705   -0.777  1.00 19.16 ? 4  DT  A C2    1 
ATOM   74  O  O2    . DT  A 1 4 ? 10.042  8.517   -0.500  1.00 19.15 ? 4  DT  A O2    1 
ATOM   75  N  N3    . DT  A 1 4 ? 9.058   10.564  -0.519  1.00 12.41 ? 4  DT  A N3    1 
ATOM   76  C  C4    . DT  A 1 4 ? 9.019   11.920  -0.761  1.00 11.47 ? 4  DT  A C4    1 
ATOM   77  O  O4    . DT  A 1 4 ? 8.005   12.562  -0.485  1.00 15.10 ? 4  DT  A O4    1 
ATOM   78  C  C5    . DT  A 1 4 ? 10.222  12.478  -1.343  1.00 17.84 ? 4  DT  A C5    1 
ATOM   79  C  C7    . DT  A 1 4 ? 10.281  13.947  -1.615  1.00 22.34 ? 4  DT  A C7    1 
ATOM   80  C  C6    . DT  A 1 4 ? 11.235  11.644  -1.614  1.00 21.66 ? 4  DT  A C6    1 
ATOM   81  P  P     . DA  A 1 5 ? 15.240  6.743   -3.937  1.00 27.29 ? 5  DA  A P     1 
ATOM   82  O  OP1   . DA  A 1 5 ? 16.518  6.877   -3.196  1.00 35.13 ? 5  DA  A OP1   1 
ATOM   83  O  OP2   . DA  A 1 5 ? 15.172  7.161   -5.356  1.00 38.81 ? 5  DA  A OP2   1 
ATOM   84  O  "O5'" . DA  A 1 5 ? 14.774  5.226   -3.824  1.00 32.63 ? 5  DA  A "O5'" 1 
ATOM   85  C  "C5'" . DA  A 1 5 ? 14.825  4.542   -2.562  1.00 27.18 ? 5  DA  A "C5'" 1 
ATOM   86  C  "C4'" . DA  A 1 5 ? 13.544  3.773   -2.331  1.00 24.00 ? 5  DA  A "C4'" 1 
ATOM   87  O  "O4'" . DA  A 1 5 ? 12.435  4.694   -2.197  1.00 20.43 ? 5  DA  A "O4'" 1 
ATOM   88  C  "C3'" . DA  A 1 5 ? 13.159  2.804   -3.446  1.00 25.39 ? 5  DA  A "C3'" 1 
ATOM   89  O  "O3'" . DA  A 1 5 ? 12.661  1.593   -2.863  1.00 28.53 ? 5  DA  A "O3'" 1 
ATOM   90  C  "C2'" . DA  A 1 5 ? 12.086  3.556   -4.219  1.00 15.43 ? 5  DA  A "C2'" 1 
ATOM   91  C  "C1'" . DA  A 1 5 ? 11.426  4.424   -3.157  1.00 9.67  ? 5  DA  A "C1'" 1 
ATOM   92  N  N9    . DA  A 1 5 ? 10.934  5.715   -3.640  1.00 7.26  ? 5  DA  A N9    1 
ATOM   93  C  C8    . DA  A 1 5 ? 11.526  6.543   -4.561  1.00 11.53 ? 5  DA  A C8    1 
ATOM   94  N  N7    . DA  A 1 5 ? 10.887  7.675   -4.745  1.00 11.20 ? 5  DA  A N7    1 
ATOM   95  C  C5    . DA  A 1 5 ? 9.791   7.582   -3.900  1.00 9.23  ? 5  DA  A C5    1 
ATOM   96  C  C6    . DA  A 1 5 ? 8.730   8.467   -3.621  1.00 12.13 ? 5  DA  A C6    1 
ATOM   97  N  N6    . DA  A 1 5 ? 8.605   9.682   -4.166  1.00 10.63 ? 5  DA  A N6    1 
ATOM   98  N  N1    . DA  A 1 5 ? 7.793   8.060   -2.740  1.00 16.11 ? 5  DA  A N1    1 
ATOM   99  C  C2    . DA  A 1 5 ? 7.936   6.857   -2.163  1.00 16.70 ? 5  DA  A C2    1 
ATOM   100 N  N3    . DA  A 1 5 ? 8.895   5.945   -2.330  1.00 13.53 ? 5  DA  A N3    1 
ATOM   101 C  C4    . DA  A 1 5 ? 9.801   6.371   -3.223  1.00 9.96  ? 5  DA  A C4    1 
ATOM   102 P  P     . DT  A 1 6 ? 12.340  0.326   -3.797  1.00 21.78 ? 6  DT  A P     1 
ATOM   103 O  OP1   . DT  A 1 6 ? 12.659  -0.917  -3.054  1.00 25.82 ? 6  DT  A OP1   1 
ATOM   104 O  OP2   . DT  A 1 6 ? 12.951  0.562   -5.128  1.00 30.40 ? 6  DT  A OP2   1 
ATOM   105 O  "O5'" . DT  A 1 6 ? 10.769  0.418   -3.968  1.00 19.55 ? 6  DT  A "O5'" 1 
ATOM   106 C  "C5'" . DT  A 1 6 ? 10.132  1.691   -4.020  1.00 22.28 ? 6  DT  A "C5'" 1 
ATOM   107 C  "C4'" . DT  A 1 6 ? 8.637   1.510   -3.995  1.00 17.71 ? 6  DT  A "C4'" 1 
ATOM   108 O  "O4'" . DT  A 1 6 ? 8.017   2.813   -4.038  1.00 21.39 ? 6  DT  A "O4'" 1 
ATOM   109 C  "C3'" . DT  A 1 6 ? 8.111   0.742   -5.203  1.00 23.04 ? 6  DT  A "C3'" 1 
ATOM   110 O  "O3'" . DT  A 1 6 ? 7.038   -0.109  -4.799  1.00 33.11 ? 6  DT  A "O3'" 1 
ATOM   111 C  "C2'" . DT  A 1 6 ? 7.648   1.837   -6.147  1.00 24.38 ? 6  DT  A "C2'" 1 
ATOM   112 C  "C1'" . DT  A 1 6 ? 7.232   2.963   -5.210  1.00 22.26 ? 6  DT  A "C1'" 1 
ATOM   113 N  N1    . DT  A 1 6 ? 7.474   4.323   -5.738  1.00 17.69 ? 6  DT  A N1    1 
ATOM   114 C  C2    . DT  A 1 6 ? 6.555   5.304   -5.444  1.00 22.54 ? 6  DT  A C2    1 
ATOM   115 O  O2    . DT  A 1 6 ? 5.563   5.107   -4.764  1.00 29.71 ? 6  DT  A O2    1 
ATOM   116 N  N3    . DT  A 1 6 ? 6.844   6.535   -5.974  1.00 24.00 ? 6  DT  A N3    1 
ATOM   117 C  C4    . DT  A 1 6 ? 7.940   6.879   -6.744  1.00 20.96 ? 6  DT  A C4    1 
ATOM   118 O  O4    . DT  A 1 6 ? 8.063   8.031   -7.148  1.00 18.10 ? 6  DT  A O4    1 
ATOM   119 C  C5    . DT  A 1 6 ? 8.870   5.807   -7.004  1.00 19.12 ? 6  DT  A C5    1 
ATOM   120 C  C7    . DT  A 1 6 ? 10.095  6.091   -7.814  1.00 17.85 ? 6  DT  A C7    1 
ATOM   121 C  C6    . DT  A 1 6 ? 8.590   4.596   -6.499  1.00 19.98 ? 6  DT  A C6    1 
ATOM   122 P  P     . DA  A 1 7 ? 6.545   -1.290  -5.766  1.00 31.16 ? 7  DA  A P     1 
ATOM   123 O  OP1   . DA  A 1 7 ? 6.340   -2.503  -4.942  1.00 34.97 ? 7  DA  A OP1   1 
ATOM   124 O  OP2   . DA  A 1 7 ? 7.462   -1.343  -6.934  1.00 36.33 ? 7  DA  A OP2   1 
ATOM   125 O  "O5'" . DA  A 1 7 ? 5.128   -0.757  -6.237  1.00 29.43 ? 7  DA  A "O5'" 1 
ATOM   126 C  "C5'" . DA  A 1 7 ? 4.260   -0.125  -5.289  1.00 27.99 ? 7  DA  A "C5'" 1 
ATOM   127 C  "C4'" . DA  A 1 7 ? 3.370   0.879   -5.979  1.00 29.23 ? 7  DA  A "C4'" 1 
ATOM   128 O  "O4'" . DA  A 1 7 ? 4.132   2.038   -6.398  1.00 29.10 ? 7  DA  A "O4'" 1 
ATOM   129 C  "C3'" . DA  A 1 7 ? 2.672   0.349   -7.230  1.00 28.54 ? 7  DA  A "C3'" 1 
ATOM   130 O  "O3'" . DA  A 1 7 ? 1.314   0.789   -7.241  1.00 34.49 ? 7  DA  A "O3'" 1 
ATOM   131 C  "C2'" . DA  A 1 7 ? 3.434   1.007   -8.365  1.00 27.55 ? 7  DA  A "C2'" 1 
ATOM   132 C  "C1'" . DA  A 1 7 ? 3.796   2.339   -7.741  1.00 26.70 ? 7  DA  A "C1'" 1 
ATOM   133 N  N9    . DA  A 1 7 ? 4.936   3.006   -8.364  1.00 16.75 ? 7  DA  A N9    1 
ATOM   134 C  C8    . DA  A 1 7 ? 6.087   2.435   -8.846  1.00 19.72 ? 7  DA  A C8    1 
ATOM   135 N  N7    . DA  A 1 7 ? 6.916   3.295   -9.388  1.00 19.47 ? 7  DA  A N7    1 
ATOM   136 C  C5    . DA  A 1 7 ? 6.270   4.516   -9.245  1.00 14.83 ? 7  DA  A C5    1 
ATOM   137 C  C6    . DA  A 1 7 ? 6.624   5.820   -9.623  1.00 10.12 ? 7  DA  A C6    1 
ATOM   138 N  N6    . DA  A 1 7 ? 7.762   6.122   -10.251 1.00 7.72  ? 7  DA  A N6    1 
ATOM   139 N  N1    . DA  A 1 7 ? 5.756   6.815   -9.336  1.00 6.48  ? 7  DA  A N1    1 
ATOM   140 C  C2    . DA  A 1 7 ? 4.613   6.506   -8.711  1.00 12.39 ? 7  DA  A C2    1 
ATOM   141 N  N3    . DA  A 1 7 ? 4.168   5.319   -8.306  1.00 18.87 ? 7  DA  A N3    1 
ATOM   142 C  C4    . DA  A 1 7 ? 5.054   4.353   -8.608  1.00 15.56 ? 7  DA  A C4    1 
ATOM   143 P  P     . DC  A 1 8 ? 0.238   0.034   -8.164  1.00 27.64 ? 8  DC  A P     1 
ATOM   144 O  OP1   . DC  A 1 8 ? -0.941  -0.286  -7.311  1.00 38.49 ? 8  DC  A OP1   1 
ATOM   145 O  OP2   . DC  A 1 8 ? 0.937   -1.054  -8.894  1.00 23.42 ? 8  DC  A OP2   1 
ATOM   146 O  "O5'" . DC  A 1 8 ? -0.195  1.154   -9.207  1.00 26.71 ? 8  DC  A "O5'" 1 
ATOM   147 C  "C5'" . DC  A 1 8 ? -0.707  2.413   -8.744  1.00 23.00 ? 8  DC  A "C5'" 1 
ATOM   148 C  "C4'" . DC  A 1 8 ? -0.645  3.448   -9.843  1.00 18.62 ? 8  DC  A "C4'" 1 
ATOM   149 O  "O4'" . DC  A 1 8 ? 0.715   3.906   -10.052 1.00 11.93 ? 8  DC  A "O4'" 1 
ATOM   150 C  "C3'" . DC  A 1 8 ? -1.158  2.978   -11.208 1.00 11.39 ? 8  DC  A "C3'" 1 
ATOM   151 O  "O3'" . DC  A 1 8 ? -1.992  3.986   -11.777 1.00 14.11 ? 8  DC  A "O3'" 1 
ATOM   152 C  "C2'" . DC  A 1 8 ? 0.108   2.866   -12.040 1.00 14.60 ? 8  DC  A "C2'" 1 
ATOM   153 C  "C1'" . DC  A 1 8 ? 0.936   3.993   -11.449 1.00 17.08 ? 8  DC  A "C1'" 1 
ATOM   154 N  N1    . DC  A 1 8 ? 2.390   3.937   -11.707 1.00 15.01 ? 8  DC  A N1    1 
ATOM   155 C  C2    . DC  A 1 8 ? 3.100   5.143   -11.837 1.00 7.00  ? 8  DC  A C2    1 
ATOM   156 O  O2    . DC  A 1 8 ? 2.507   6.216   -11.656 1.00 9.63  ? 8  DC  A O2    1 
ATOM   157 N  N3    . DC  A 1 8 ? 4.413   5.107   -12.143 1.00 8.08  ? 8  DC  A N3    1 
ATOM   158 C  C4    . DC  A 1 8 ? 5.027   3.935   -12.310 1.00 10.72 ? 8  DC  A C4    1 
ATOM   159 N  N4    . DC  A 1 8 ? 6.322   3.951   -12.640 1.00 13.84 ? 8  DC  A N4    1 
ATOM   160 C  C5    . DC  A 1 8 ? 4.341   2.694   -12.150 1.00 13.62 ? 8  DC  A C5    1 
ATOM   161 C  C6    . DC  A 1 8 ? 3.035   2.740   -11.851 1.00 15.63 ? 8  DC  A C6    1 
ATOM   162 O  "O5'" . DG  B 1 1 ? 8.384   13.515  -16.857 1.00 43.26 ? 9  DG  B "O5'" 1 
ATOM   163 C  "C5'" . DG  B 1 1 ? 7.375   14.409  -17.336 1.00 32.87 ? 9  DG  B "C5'" 1 
ATOM   164 C  "C4'" . DG  B 1 1 ? 6.161   14.406  -16.437 1.00 30.16 ? 9  DG  B "C4'" 1 
ATOM   165 O  "O4'" . DG  B 1 1 ? 5.742   13.034  -16.230 1.00 29.18 ? 9  DG  B "O4'" 1 
ATOM   166 C  "C3'" . DG  B 1 1 ? 6.423   14.974  -15.046 1.00 28.88 ? 9  DG  B "C3'" 1 
ATOM   167 O  "O3'" . DG  B 1 1 ? 5.256   15.652  -14.570 1.00 31.93 ? 9  DG  B "O3'" 1 
ATOM   168 C  "C2'" . DG  B 1 1 ? 6.723   13.739  -14.218 1.00 32.76 ? 9  DG  B "C2'" 1 
ATOM   169 C  "C1'" . DG  B 1 1 ? 5.819   12.700  -14.851 1.00 26.34 ? 9  DG  B "C1'" 1 
ATOM   170 N  N9    . DG  B 1 1 ? 6.333   11.340  -14.743 1.00 17.37 ? 9  DG  B N9    1 
ATOM   171 C  C8    . DG  B 1 1 ? 7.495   10.847  -15.287 1.00 18.76 ? 9  DG  B C8    1 
ATOM   172 N  N7    . DG  B 1 1 ? 7.703   9.590   -14.996 1.00 15.55 ? 9  DG  B N7    1 
ATOM   173 C  C5    . DG  B 1 1 ? 6.609   9.233   -14.221 1.00 12.02 ? 9  DG  B C5    1 
ATOM   174 C  C6    . DG  B 1 1 ? 6.282   7.993   -13.617 1.00 8.59  ? 9  DG  B C6    1 
ATOM   175 O  O6    . DG  B 1 1 ? 6.915   6.933   -13.639 1.00 4.06  ? 9  DG  B O6    1 
ATOM   176 N  N1    . DG  B 1 1 ? 5.077   8.064   -12.928 1.00 3.50  ? 9  DG  B N1    1 
ATOM   177 C  C2    . DG  B 1 1 ? 4.290   9.184   -12.830 1.00 8.95  ? 9  DG  B C2    1 
ATOM   178 N  N2    . DG  B 1 1 ? 3.160   9.050   -12.127 1.00 12.89 ? 9  DG  B N2    1 
ATOM   179 N  N3    . DG  B 1 1 ? 4.588   10.349  -13.382 1.00 14.02 ? 9  DG  B N3    1 
ATOM   180 C  C4    . DG  B 1 1 ? 5.751   10.298  -14.060 1.00 15.20 ? 9  DG  B C4    1 
ATOM   181 P  P     . DT  B 1 2 ? 5.314   16.450  -13.174 1.00 31.43 ? 10 DT  B P     1 
ATOM   182 O  OP1   . DT  B 1 2 ? 4.449   17.653  -13.278 1.00 25.82 ? 10 DT  B OP1   1 
ATOM   183 O  OP2   . DT  B 1 2 ? 6.747   16.599  -12.798 1.00 36.34 ? 10 DT  B OP2   1 
ATOM   184 O  "O5'" . DT  B 1 2 ? 4.652   15.446  -12.129 1.00 32.89 ? 10 DT  B "O5'" 1 
ATOM   185 C  "C5'" . DT  B 1 2 ? 3.244   15.137  -12.190 1.00 29.71 ? 10 DT  B "C5'" 1 
ATOM   186 C  "C4'" . DT  B 1 2 ? 2.847   14.224  -11.054 1.00 15.89 ? 10 DT  B "C4'" 1 
ATOM   187 O  "O4'" . DT  B 1 2 ? 3.493   12.937  -11.200 1.00 15.77 ? 10 DT  B "O4'" 1 
ATOM   188 C  "C3'" . DT  B 1 2 ? 3.238   14.725  -9.664  1.00 17.34 ? 10 DT  B "C3'" 1 
ATOM   189 O  "O3'" . DT  B 1 2 ? 2.249   14.304  -8.733  1.00 19.01 ? 10 DT  B "O3'" 1 
ATOM   190 C  "C2'" . DT  B 1 2 ? 4.514   13.958  -9.379  1.00 13.56 ? 10 DT  B "C2'" 1 
ATOM   191 C  "C1'" . DT  B 1 2 ? 4.142   12.628  -9.981  1.00 8.01  ? 10 DT  B "C1'" 1 
ATOM   192 N  N1    . DT  B 1 2 ? 5.257   11.718  -10.263 1.00 8.96  ? 10 DT  B N1    1 
ATOM   193 C  C2    . DT  B 1 2 ? 5.095   10.407  -9.886  1.00 12.30 ? 10 DT  B C2    1 
ATOM   194 O  O2    . DT  B 1 2 ? 4.064   9.987   -9.385  1.00 11.26 ? 10 DT  B O2    1 
ATOM   195 N  N3    . DT  B 1 2 ? 6.179   9.601   -10.125 1.00 12.40 ? 10 DT  B N3    1 
ATOM   196 C  C4    . DT  B 1 2 ? 7.376   9.968   -10.709 1.00 9.41  ? 10 DT  B C4    1 
ATOM   197 O  O4    . DT  B 1 2 ? 8.268   9.139   -10.851 1.00 13.73 ? 10 DT  B O4    1 
ATOM   198 C  C5    . DT  B 1 2 ? 7.465   11.352  -11.110 1.00 6.99  ? 10 DT  B C5    1 
ATOM   199 C  C7    . DT  B 1 2 ? 8.710   11.828  -11.788 1.00 11.96 ? 10 DT  B C7    1 
ATOM   200 C  C6    . DT  B 1 2 ? 6.417   12.151  -10.863 1.00 5.17  ? 10 DT  B C6    1 
ATOM   201 P  P     . DA  B 1 3 ? 1.391   15.388  -7.925  1.00 27.86 ? 11 DA  B P     1 
ATOM   202 O  OP1   . DA  B 1 3 ? 0.484   16.086  -8.871  1.00 26.06 ? 11 DA  B OP1   1 
ATOM   203 O  OP2   . DA  B 1 3 ? 2.320   16.182  -7.076  1.00 31.74 ? 11 DA  B OP2   1 
ATOM   204 O  "O5'" . DA  B 1 3 ? 0.508   14.486  -6.955  1.00 32.82 ? 11 DA  B "O5'" 1 
ATOM   205 C  "C5'" . DA  B 1 3 ? -0.436  13.531  -7.480  1.00 27.80 ? 11 DA  B "C5'" 1 
ATOM   206 C  "C4'" . DA  B 1 3 ? -0.623  12.391  -6.505  1.00 23.77 ? 11 DA  B "C4'" 1 
ATOM   207 O  "O4'" . DA  B 1 3 ? 0.477   11.455  -6.585  1.00 21.61 ? 11 DA  B "O4'" 1 
ATOM   208 C  "C3'" . DA  B 1 3 ? -0.700  12.824  -5.046  1.00 24.48 ? 11 DA  B "C3'" 1 
ATOM   209 O  "O3'" . DA  B 1 3 ? -1.658  12.026  -4.356  1.00 30.82 ? 11 DA  B "O3'" 1 
ATOM   210 C  "C2'" . DA  B 1 3 ? 0.713   12.596  -4.533  1.00 16.75 ? 11 DA  B "C2'" 1 
ATOM   211 C  "C1'" . DA  B 1 3 ? 1.204   11.414  -5.364  1.00 21.09 ? 11 DA  B "C1'" 1 
ATOM   212 N  N9    . DA  B 1 3 ? 2.625   11.451  -5.708  1.00 13.08 ? 11 DA  B N9    1 
ATOM   213 C  C8    . DA  B 1 3 ? 3.330   12.519  -6.207  1.00 20.03 ? 11 DA  B C8    1 
ATOM   214 N  N7    . DA  B 1 3 ? 4.575   12.242  -6.503  1.00 19.25 ? 11 DA  B N7    1 
ATOM   215 C  C5    . DA  B 1 3 ? 4.708   10.905  -6.160  1.00 7.94  ? 11 DA  B C5    1 
ATOM   216 C  C6    . DA  B 1 3 ? 5.786   10.016  -6.252  1.00 15.35 ? 11 DA  B C6    1 
ATOM   217 N  N6    . DA  B 1 3 ? 6.973   10.349  -6.767  1.00 21.55 ? 11 DA  B N6    1 
ATOM   218 N  N1    . DA  B 1 3 ? 5.601   8.753   -5.811  1.00 16.47 ? 11 DA  B N1    1 
ATOM   219 C  C2    . DA  B 1 3 ? 4.397   8.415   -5.330  1.00 16.85 ? 11 DA  B C2    1 
ATOM   220 N  N3    . DA  B 1 3 ? 3.296   9.160   -5.210  1.00 20.98 ? 11 DA  B N3    1 
ATOM   221 C  C4    . DA  B 1 3 ? 3.522   10.411  -5.647  1.00 17.08 ? 11 DA  B C4    1 
ATOM   222 P  P     . DT  B 1 4 ? -1.967  12.322  -2.813  1.00 32.46 ? 12 DT  B P     1 
ATOM   223 O  OP1   . DT  B 1 4 ? -3.298  11.754  -2.486  1.00 39.15 ? 12 DT  B OP1   1 
ATOM   224 O  OP2   . DT  B 1 4 ? -1.707  13.764  -2.573  1.00 33.13 ? 12 DT  B OP2   1 
ATOM   225 O  "O5'" . DT  B 1 4 ? -0.851  11.473  -2.068  1.00 27.76 ? 12 DT  B "O5'" 1 
ATOM   226 C  "C5'" . DT  B 1 4 ? -0.884  10.038  -2.093  1.00 21.37 ? 12 DT  B "C5'" 1 
ATOM   227 C  "C4'" . DT  B 1 4 ? 0.097   9.494   -1.087  1.00 25.71 ? 12 DT  B "C4'" 1 
ATOM   228 O  "O4'" . DT  B 1 4 ? 1.438   9.449   -1.629  1.00 30.07 ? 12 DT  B "O4'" 1 
ATOM   229 C  "C3'" . DT  B 1 4 ? 0.182   10.354  0.175   1.00 29.82 ? 12 DT  B "C3'" 1 
ATOM   230 O  "O3'" . DT  B 1 4 ? 0.369   9.506   1.303   1.00 36.53 ? 12 DT  B "O3'" 1 
ATOM   231 C  "C2'" . DT  B 1 4 ? 1.450   11.159  -0.052  1.00 26.34 ? 12 DT  B "C2'" 1 
ATOM   232 C  "C1'" . DT  B 1 4 ? 2.308   10.109  -0.723  1.00 25.45 ? 12 DT  B "C1'" 1 
ATOM   233 N  N1    . DT  B 1 4 ? 3.482   10.584  -1.474  1.00 19.60 ? 12 DT  B N1    1 
ATOM   234 C  C2    . DT  B 1 4 ? 4.492   9.678   -1.677  1.00 20.95 ? 12 DT  B C2    1 
ATOM   235 O  O2    . DT  B 1 4 ? 4.444   8.529   -1.270  1.00 24.73 ? 12 DT  B O2    1 
ATOM   236 N  N3    . DT  B 1 4 ? 5.566   10.164  -2.376  1.00 23.37 ? 12 DT  B N3    1 
ATOM   237 C  C4    . DT  B 1 4 ? 5.726   11.441  -2.880  1.00 16.37 ? 12 DT  B C4    1 
ATOM   238 O  O4    . DT  B 1 4 ? 6.749   11.733  -3.489  1.00 16.15 ? 12 DT  B O4    1 
ATOM   239 C  C5    . DT  B 1 4 ? 4.627   12.342  -2.630  1.00 15.70 ? 12 DT  B C5    1 
ATOM   240 C  C7    . DT  B 1 4 ? 4.712   13.745  -3.142  1.00 18.97 ? 12 DT  B C7    1 
ATOM   241 C  C6    . DT  B 1 4 ? 3.571   11.875  -1.947  1.00 19.61 ? 12 DT  B C6    1 
ATOM   242 P  P     . DA  B 1 5 ? -0.874  9.160   2.251   1.00 33.75 ? 13 DA  B P     1 
ATOM   243 O  OP1   . DA  B 1 5 ? -2.074  8.978   1.396   1.00 35.54 ? 13 DA  B OP1   1 
ATOM   244 O  OP2   . DA  B 1 5 ? -0.906  10.149  3.356   1.00 39.82 ? 13 DA  B OP2   1 
ATOM   245 O  "O5'" . DA  B 1 5 ? -0.453  7.753   2.856   1.00 27.37 ? 13 DA  B "O5'" 1 
ATOM   246 C  "C5'" . DA  B 1 5 ? -0.392  6.587   2.020   1.00 33.30 ? 13 DA  B "C5'" 1 
ATOM   247 C  "C4'" . DA  B 1 5 ? 0.758   5.705   2.441   1.00 33.73 ? 13 DA  B "C4'" 1 
ATOM   248 O  "O4'" . DA  B 1 5 ? 2.009   6.263   1.979   1.00 33.21 ? 13 DA  B "O4'" 1 
ATOM   249 C  "C3'" . DA  B 1 5 ? 0.898   5.547   3.951   1.00 35.01 ? 13 DA  B "C3'" 1 
ATOM   250 O  "O3'" . DA  B 1 5 ? 1.309   4.212   4.255   1.00 37.35 ? 13 DA  B "O3'" 1 
ATOM   251 C  "C2'" . DA  B 1 5 ? 1.964   6.568   4.315   1.00 34.08 ? 13 DA  B "C2'" 1 
ATOM   252 C  "C1'" . DA  B 1 5 ? 2.853   6.595   3.078   1.00 35.28 ? 13 DA  B "C1'" 1 
ATOM   253 N  N9    . DA  B 1 5 ? 3.450   7.900   2.785   1.00 29.51 ? 13 DA  B N9    1 
ATOM   254 C  C8    . DA  B 1 5 ? 2.897   9.141   2.987   1.00 23.16 ? 13 DA  B C8    1 
ATOM   255 N  N7    . DA  B 1 5 ? 3.640   10.127  2.552   1.00 17.39 ? 13 DA  B N7    1 
ATOM   256 C  C5    . DA  B 1 5 ? 4.766   9.495   2.040   1.00 21.40 ? 13 DA  B C5    1 
ATOM   257 C  C6    . DA  B 1 5 ? 5.920   9.988   1.408   1.00 23.55 ? 13 DA  B C6    1 
ATOM   258 N  N6    . DA  B 1 5 ? 6.123   11.283  1.144   1.00 21.87 ? 13 DA  B N6    1 
ATOM   259 N  N1    . DA  B 1 5 ? 6.867   9.092   1.039   1.00 27.05 ? 13 DA  B N1    1 
ATOM   260 C  C2    . DA  B 1 5 ? 6.644   7.792   1.274   1.00 21.43 ? 13 DA  B C2    1 
ATOM   261 N  N3    . DA  B 1 5 ? 5.588   7.208   1.838   1.00 26.14 ? 13 DA  B N3    1 
ATOM   262 C  C4    . DA  B 1 5 ? 4.674   8.125   2.202   1.00 21.75 ? 13 DA  B C4    1 
ATOM   263 P  P     . DT  B 1 6 ? 1.731   3.830   5.755   1.00 36.97 ? 14 DT  B P     1 
ATOM   264 O  OP1   . DT  B 1 6 ? 1.525   2.372   5.925   1.00 41.55 ? 14 DT  B OP1   1 
ATOM   265 O  OP2   . DT  B 1 6 ? 1.050   4.781   6.669   1.00 36.86 ? 14 DT  B OP2   1 
ATOM   266 O  "O5'" . DT  B 1 6 ? 3.300   4.108   5.768   1.00 36.40 ? 14 DT  B "O5'" 1 
ATOM   267 C  "C5'" . DT  B 1 6 ? 4.162   3.419   4.846   1.00 37.35 ? 14 DT  B "C5'" 1 
ATOM   268 C  "C4'" . DT  B 1 6 ? 5.611   3.609   5.224   1.00 32.26 ? 14 DT  B "C4'" 1 
ATOM   269 O  "O4'" . DT  B 1 6 ? 6.128   4.863   4.719   1.00 37.14 ? 14 DT  B "O4'" 1 
ATOM   270 C  "C3'" . DT  B 1 6 ? 5.908   3.585   6.722   1.00 32.54 ? 14 DT  B "C3'" 1 
ATOM   271 O  "O3'" . DT  B 1 6 ? 7.070   2.793   6.956   1.00 30.04 ? 14 DT  B "O3'" 1 
ATOM   272 C  "C2'" . DT  B 1 6 ? 6.180   5.042   7.055   1.00 33.01 ? 14 DT  B "C2'" 1 
ATOM   273 C  "C1'" . DT  B 1 6 ? 6.786   5.569   5.762   1.00 34.80 ? 14 DT  B "C1'" 1 
ATOM   274 N  N1    . DT  B 1 6 ? 6.580   7.014   5.530   1.00 31.12 ? 14 DT  B N1    1 
ATOM   275 C  C2    . DT  B 1 6 ? 7.562   7.723   4.863   1.00 28.66 ? 14 DT  B C2    1 
ATOM   276 O  O2    . DT  B 1 6 ? 8.600   7.220   4.463   1.00 27.44 ? 14 DT  B O2    1 
ATOM   277 N  N3    . DT  B 1 6 ? 7.279   9.054   4.682   1.00 22.82 ? 14 DT  B N3    1 
ATOM   278 C  C4    . DT  B 1 6 ? 6.148   9.735   5.092   1.00 24.80 ? 14 DT  B C4    1 
ATOM   279 O  O4    . DT  B 1 6 ? 6.037   10.936  4.856   1.00 23.37 ? 14 DT  B O4    1 
ATOM   280 C  C5    . DT  B 1 6 ? 5.167   8.933   5.788   1.00 29.99 ? 14 DT  B C5    1 
ATOM   281 C  C7    . DT  B 1 6 ? 3.910   9.587   6.271   1.00 31.59 ? 14 DT  B C7    1 
ATOM   282 C  C6    . DT  B 1 6 ? 5.429   7.632   5.969   1.00 29.74 ? 14 DT  B C6    1 
ATOM   283 P  P     . DA  B 1 7 ? 7.592   2.566   8.453   1.00 28.41 ? 15 DA  B P     1 
ATOM   284 O  OP1   . DA  B 1 7 ? 7.902   1.121   8.610   1.00 30.58 ? 15 DA  B OP1   1 
ATOM   285 O  OP2   . DA  B 1 7 ? 6.634   3.223   9.380   1.00 20.56 ? 15 DA  B OP2   1 
ATOM   286 O  "O5'" . DA  B 1 7 ? 8.970   3.355   8.457   1.00 27.71 ? 15 DA  B "O5'" 1 
ATOM   287 C  "C5'" . DA  B 1 7 ? 9.814   3.315   7.306   1.00 22.73 ? 15 DA  B "C5'" 1 
ATOM   288 C  "C4'" . DA  B 1 7 ? 10.873  4.389   7.390   1.00 19.13 ? 15 DA  B "C4'" 1 
ATOM   289 O  "O4'" . DA  B 1 7 ? 10.280  5.694   7.207   1.00 20.74 ? 15 DA  B "O4'" 1 
ATOM   290 C  "C3'" . DA  B 1 7 ? 11.664  4.456   8.695   1.00 17.68 ? 15 DA  B "C3'" 1 
ATOM   291 O  "O3'" . DA  B 1 7 ? 13.054  4.503   8.392   1.00 25.14 ? 15 DA  B "O3'" 1 
ATOM   292 C  "C2'" . DA  B 1 7 ? 11.194  5.743   9.355   1.00 12.07 ? 15 DA  B "C2'" 1 
ATOM   293 C  "C1'" . DA  B 1 7 ? 10.784  6.600   8.173   1.00 13.01 ? 15 DA  B "C1'" 1 
ATOM   294 N  N9    . DA  B 1 7 ? 9.729   7.579   8.443   1.00 3.49  ? 15 DA  B N9    1 
ATOM   295 C  C8    . DA  B 1 7 ? 8.639   7.395   9.249   1.00 9.40  ? 15 DA  B C8    1 
ATOM   296 N  N7    . DA  B 1 7 ? 7.829   8.425   9.292   1.00 13.94 ? 15 DA  B N7    1 
ATOM   297 C  C5    . DA  B 1 7 ? 8.431   9.362   8.463   1.00 7.24  ? 15 DA  B C5    1 
ATOM   298 C  C6    . DA  B 1 7 ? 8.064   10.668  8.086   1.00 2.00  ? 15 DA  B C6    1 
ATOM   299 N  N6    . DA  B 1 7 ? 6.961   11.286  8.512   1.00 2.06  ? 15 DA  B N6    1 
ATOM   300 N  N1    . DA  B 1 7 ? 8.886   11.327  7.241   1.00 7.15  ? 15 DA  B N1    1 
ATOM   301 C  C2    . DA  B 1 7 ? 9.997   10.709  6.809   1.00 7.46  ? 15 DA  B C2    1 
ATOM   302 N  N3    . DA  B 1 7 ? 10.446  9.483   7.090   1.00 11.94 ? 15 DA  B N3    1 
ATOM   303 C  C4    . DA  B 1 7 ? 9.608   8.852   7.934   1.00 11.51 ? 15 DA  B C4    1 
ATOM   304 P  P     . DC  B 1 8 ? 14.103  4.834   9.551   1.00 28.88 ? 16 DC  B P     1 
ATOM   305 O  OP1   . DC  B 1 8 ? 15.465  4.490   9.063   1.00 29.31 ? 16 DC  B OP1   1 
ATOM   306 O  OP2   . DC  B 1 8 ? 13.609  4.252   10.822  1.00 34.51 ? 16 DC  B OP2   1 
ATOM   307 O  "O5'" . DC  B 1 8 ? 13.991  6.409   9.668   1.00 27.99 ? 16 DC  B "O5'" 1 
ATOM   308 C  "C5'" . DC  B 1 8 ? 14.536  7.248   8.648   1.00 23.24 ? 16 DC  B "C5'" 1 
ATOM   309 C  "C4'" . DC  B 1 8 ? 14.703  8.643   9.188   1.00 16.45 ? 16 DC  B "C4'" 1 
ATOM   310 O  "O4'" . DC  B 1 8 ? 13.430  9.330   9.153   1.00 14.79 ? 16 DC  B "O4'" 1 
ATOM   311 C  "C3'" . DC  B 1 8 ? 15.160  8.648   10.647  1.00 17.03 ? 16 DC  B "C3'" 1 
ATOM   312 O  "O3'" . DC  B 1 8 ? 16.515  9.059   10.883  1.00 27.32 ? 16 DC  B "O3'" 1 
ATOM   313 C  "C2'" . DC  B 1 8 ? 14.025  9.328   11.393  1.00 15.53 ? 16 DC  B "C2'" 1 
ATOM   314 C  "C1'" . DC  B 1 8 ? 13.350  10.132  10.305  1.00 7.40  ? 16 DC  B "C1'" 1 
ATOM   315 N  N1    . DC  B 1 8 ? 11.938  10.469  10.539  1.00 4.86  ? 16 DC  B N1    1 
ATOM   316 C  C2    . DC  B 1 8 ? 11.447  11.663  10.020  1.00 11.38 ? 16 DC  B C2    1 
ATOM   317 O  O2    . DC  B 1 8 ? 12.187  12.343  9.292   1.00 23.92 ? 16 DC  B O2    1 
ATOM   318 N  N3    . DC  B 1 8 ? 10.182  12.046  10.309  1.00 15.27 ? 16 DC  B N3    1 
ATOM   319 C  C4    . DC  B 1 8 ? 9.413   11.276  11.077  1.00 9.40  ? 16 DC  B C4    1 
ATOM   320 N  N4    . DC  B 1 8 ? 8.187   11.723  11.377  1.00 12.13 ? 16 DC  B N4    1 
ATOM   321 C  C5    . DC  B 1 8 ? 9.870   10.023  11.578  1.00 2.00  ? 16 DC  B C5    1 
ATOM   322 C  C6    . DC  B 1 8 ? 11.126  9.660   11.286  1.00 8.43  ? 16 DC  B C6    1 
ATOM   323 O  "O5'" . DG  C 1 1 ? -13.223 -23.130 -9.098  1.00 38.95 ? 17 DG  C "O5'" 1 
ATOM   324 C  "C5'" . DG  C 1 1 ? -12.414 -22.906 -7.940  1.00 38.50 ? 17 DG  C "C5'" 1 
ATOM   325 C  "C4'" . DG  C 1 1 ? -11.307 -21.920 -8.227  1.00 36.88 ? 17 DG  C "C4'" 1 
ATOM   326 O  "O4'" . DG  C 1 1 ? -11.882 -20.631 -8.551  1.00 36.01 ? 17 DG  C "O4'" 1 
ATOM   327 C  "C3'" . DG  C 1 1 ? -10.351 -21.665 -7.061  1.00 33.96 ? 17 DG  C "C3'" 1 
ATOM   328 O  "O3'" . DG  C 1 1 ? -9.033  -21.468 -7.578  1.00 36.00 ? 17 DG  C "O3'" 1 
ATOM   329 C  "C2'" . DG  C 1 1 ? -10.882 -20.381 -6.450  1.00 28.00 ? 17 DG  C "C2'" 1 
ATOM   330 C  "C1'" . DG  C 1 1 ? -11.349 -19.642 -7.686  1.00 24.36 ? 17 DG  C "C1'" 1 
ATOM   331 N  N9    . DG  C 1 1 ? -12.382 -18.632 -7.475  1.00 17.47 ? 17 DG  C N9    1 
ATOM   332 C  C8    . DG  C 1 1 ? -13.602 -18.795 -6.864  1.00 10.43 ? 17 DG  C C8    1 
ATOM   333 N  N7    . DG  C 1 1 ? -14.325 -17.707 -6.875  1.00 16.80 ? 17 DG  C N7    1 
ATOM   334 C  C5    . DG  C 1 1 ? -13.529 -16.764 -7.519  1.00 18.66 ? 17 DG  C C5    1 
ATOM   335 C  C6    . DG  C 1 1 ? -13.778 -15.400 -7.837  1.00 16.74 ? 17 DG  C C6    1 
ATOM   336 O  O6    . DG  C 1 1 ? -14.787 -14.719 -7.605  1.00 17.80 ? 17 DG  C O6    1 
ATOM   337 N  N1    . DG  C 1 1 ? -12.697 -14.824 -8.496  1.00 14.01 ? 17 DG  C N1    1 
ATOM   338 C  C2    . DG  C 1 1 ? -11.528 -15.469 -8.811  1.00 17.18 ? 17 DG  C C2    1 
ATOM   339 N  N2    . DG  C 1 1 ? -10.601 -14.738 -9.446  1.00 21.90 ? 17 DG  C N2    1 
ATOM   340 N  N3    . DG  C 1 1 ? -11.283 -16.735 -8.523  1.00 17.70 ? 17 DG  C N3    1 
ATOM   341 C  C4    . DG  C 1 1 ? -12.321 -17.322 -7.883  1.00 23.46 ? 17 DG  C C4    1 
ATOM   342 P  P     . DT  C 1 2 ? -7.796  -21.303 -6.569  1.00 42.30 ? 18 DT  C P     1 
ATOM   343 O  OP1   . DT  C 1 2 ? -6.603  -21.950 -7.179  1.00 38.48 ? 18 DT  C OP1   1 
ATOM   344 O  OP2   . DT  C 1 2 ? -8.255  -21.732 -5.220  1.00 41.98 ? 18 DT  C OP2   1 
ATOM   345 O  "O5'" . DT  C 1 2 ? -7.547  -19.729 -6.528  1.00 39.53 ? 18 DT  C "O5'" 1 
ATOM   346 C  "C5'" . DT  C 1 2 ? -7.063  -19.031 -7.692  1.00 32.31 ? 18 DT  C "C5'" 1 
ATOM   347 C  "C4'" . DT  C 1 2 ? -6.796  -17.581 -7.361  1.00 25.69 ? 18 DT  C "C4'" 1 
ATOM   348 O  "O4'" . DT  C 1 2 ? -8.037  -16.854 -7.206  1.00 26.12 ? 18 DT  C "O4'" 1 
ATOM   349 C  "C3'" . DT  C 1 2 ? -6.017  -17.353 -6.065  1.00 31.33 ? 18 DT  C "C3'" 1 
ATOM   350 O  "O3'" . DT  C 1 2 ? -5.148  -16.235 -6.236  1.00 36.51 ? 18 DT  C "O3'" 1 
ATOM   351 C  "C2'" . DT  C 1 2 ? -7.108  -16.975 -5.082  1.00 22.73 ? 18 DT  C "C2'" 1 
ATOM   352 C  "C1'" . DT  C 1 2 ? -7.996  -16.149 -5.981  1.00 16.20 ? 18 DT  C "C1'" 1 
ATOM   353 N  N1    . DT  C 1 2 ? -9.372  -15.950 -5.517  1.00 15.63 ? 18 DT  C N1    1 
ATOM   354 C  C2    . DT  C 1 2 ? -9.951  -14.734 -5.777  1.00 17.74 ? 18 DT  C C2    1 
ATOM   355 O  O2    . DT  C 1 2 ? -9.369  -13.835 -6.355  1.00 21.38 ? 18 DT  C O2    1 
ATOM   356 N  N3    . DT  C 1 2 ? -11.239 -14.603 -5.327  1.00 19.12 ? 18 DT  C N3    1 
ATOM   357 C  C4    . DT  C 1 2 ? -11.986 -15.547 -4.657  1.00 12.60 ? 18 DT  C C4    1 
ATOM   358 O  O4    . DT  C 1 2 ? -13.133 -15.285 -4.314  1.00 22.70 ? 18 DT  C O4    1 
ATOM   359 C  C5    . DT  C 1 2 ? -11.317 -16.803 -4.413  1.00 15.44 ? 18 DT  C C5    1 
ATOM   360 C  C7    . DT  C 1 2 ? -12.048 -17.885 -3.684  1.00 18.59 ? 18 DT  C C7    1 
ATOM   361 C  C6    . DT  C 1 2 ? -10.058 -16.942 -4.855  1.00 16.90 ? 18 DT  C C6    1 
ATOM   362 P  P     . DA  C 1 3 ? -3.562  -16.423 -6.092  1.00 41.03 ? 19 DA  C P     1 
ATOM   363 O  OP1   . DA  C 1 3 ? -3.080  -17.301 -7.193  1.00 40.70 ? 19 DA  C OP1   1 
ATOM   364 O  OP2   . DA  C 1 3 ? -3.268  -16.784 -4.677  1.00 46.65 ? 19 DA  C OP2   1 
ATOM   365 O  "O5'" . DA  C 1 3 ? -3.011  -14.956 -6.359  1.00 44.49 ? 19 DA  C "O5'" 1 
ATOM   366 C  "C5'" . DA  C 1 3 ? -3.347  -14.254 -7.569  1.00 32.25 ? 19 DA  C "C5'" 1 
ATOM   367 C  "C4'" . DA  C 1 3 ? -3.533  -12.784 -7.278  1.00 28.97 ? 19 DA  C "C4'" 1 
ATOM   368 O  "O4'" . DA  C 1 3 ? -4.843  -12.519 -6.722  1.00 26.87 ? 19 DA  C "O4'" 1 
ATOM   369 C  "C3'" . DA  C 1 3 ? -2.526  -12.214 -6.283  1.00 24.76 ? 19 DA  C "C3'" 1 
ATOM   370 O  "O3'" . DA  C 1 3 ? -2.126  -10.905 -6.710  1.00 32.64 ? 19 DA  C "O3'" 1 
ATOM   371 C  "C2'" . DA  C 1 3 ? -3.312  -12.168 -4.981  1.00 21.85 ? 19 DA  C "C2'" 1 
ATOM   372 C  "C1'" . DA  C 1 3 ? -4.724  -11.875 -5.460  1.00 20.03 ? 19 DA  C "C1'" 1 
ATOM   373 N  N9    . DA  C 1 3 ? -5.802  -12.379 -4.608  1.00 16.43 ? 19 DA  C N9    1 
ATOM   374 C  C8    . DA  C 1 3 ? -5.950  -13.642 -4.091  1.00 12.01 ? 19 DA  C C8    1 
ATOM   375 N  N7    . DA  C 1 3 ? -7.068  -13.814 -3.428  1.00 11.63 ? 19 DA  C N7    1 
ATOM   376 C  C5    . DA  C 1 3 ? -7.692  -12.577 -3.500  1.00 5.82  ? 19 DA  C C5    1 
ATOM   377 C  C6    . DA  C 1 3 ? -8.920  -12.108 -3.009  1.00 16.46 ? 19 DA  C C6    1 
ATOM   378 N  N6    . DA  C 1 3 ? -9.787  -12.870 -2.338  1.00 16.74 ? 19 DA  C N6    1 
ATOM   379 N  N1    . DA  C 1 3 ? -9.238  -10.815 -3.240  1.00 20.07 ? 19 DA  C N1    1 
ATOM   380 C  C2    . DA  C 1 3 ? -8.376  -10.058 -3.928  1.00 13.76 ? 19 DA  C C2    1 
ATOM   381 N  N3    . DA  C 1 3 ? -7.195  -10.388 -4.450  1.00 16.33 ? 19 DA  C N3    1 
ATOM   382 C  C4    . DA  C 1 3 ? -6.911  -11.678 -4.201  1.00 12.72 ? 19 DA  C C4    1 
ATOM   383 P  P     . DT  C 1 4 ? -0.962  -10.130 -5.923  1.00 27.32 ? 20 DT  C P     1 
ATOM   384 O  OP1   . DT  C 1 4 ? -0.306  -9.190  -6.866  1.00 29.12 ? 20 DT  C OP1   1 
ATOM   385 O  OP2   . DT  C 1 4 ? -0.142  -11.134 -5.197  1.00 25.86 ? 20 DT  C OP2   1 
ATOM   386 O  "O5'" . DT  C 1 4 ? -1.774  -9.289  -4.852  1.00 18.64 ? 20 DT  C "O5'" 1 
ATOM   387 C  "C5'" . DT  C 1 4 ? -2.752  -8.332  -5.267  1.00 24.89 ? 20 DT  C "C5'" 1 
ATOM   388 C  "C4'" . DT  C 1 4 ? -3.232  -7.563  -4.063  1.00 27.96 ? 20 DT  C "C4'" 1 
ATOM   389 O  "O4'" . DT  C 1 4 ? -4.321  -8.255  -3.406  1.00 29.44 ? 20 DT  C "O4'" 1 
ATOM   390 C  "C3'" . DT  C 1 4 ? -2.130  -7.418  -3.011  1.00 29.62 ? 20 DT  C "C3'" 1 
ATOM   391 O  "O3'" . DT  C 1 4 ? -2.234  -6.143  -2.371  1.00 31.02 ? 20 DT  C "O3'" 1 
ATOM   392 C  "C2'" . DT  C 1 4 ? -2.462  -8.522  -2.025  1.00 21.40 ? 20 DT  C "C2'" 1 
ATOM   393 C  "C1'" . DT  C 1 4 ? -3.971  -8.412  -2.042  1.00 26.27 ? 20 DT  C "C1'" 1 
ATOM   394 N  N1    . DT  C 1 4 ? -4.732  -9.539  -1.492  1.00 15.98 ? 20 DT  C N1    1 
ATOM   395 C  C2    . DT  C 1 4 ? -6.030  -9.283  -1.152  1.00 16.43 ? 20 DT  C C2    1 
ATOM   396 O  O2    . DT  C 1 4 ? -6.559  -8.197  -1.330  1.00 13.39 ? 20 DT  C O2    1 
ATOM   397 N  N3    . DT  C 1 4 ? -6.695  -10.345 -0.597  1.00 26.83 ? 20 DT  C N3    1 
ATOM   398 C  C4    . DT  C 1 4 ? -6.197  -11.610 -0.363  1.00 17.83 ? 20 DT  C C4    1 
ATOM   399 O  O4    . DT  C 1 4 ? -6.912  -12.459 0.157   1.00 25.43 ? 20 DT  C O4    1 
ATOM   400 C  C5    . DT  C 1 4 ? -4.826  -11.817 -0.766  1.00 12.90 ? 20 DT  C C5    1 
ATOM   401 C  C7    . DT  C 1 4 ? -4.204  -13.161 -0.562  1.00 7.51  ? 20 DT  C C7    1 
ATOM   402 C  C6    . DT  C 1 4 ? -4.169  -10.782 -1.307  1.00 20.55 ? 20 DT  C C6    1 
ATOM   403 P  P     . DA  C 1 5 ? -1.109  -5.026  -2.630  1.00 30.43 ? 21 DA  C P     1 
ATOM   404 O  OP1   . DA  C 1 5 ? -0.792  -5.007  -4.081  1.00 29.31 ? 21 DA  C OP1   1 
ATOM   405 O  OP2   . DA  C 1 5 ? -0.019  -5.250  -1.644  1.00 25.97 ? 21 DA  C OP2   1 
ATOM   406 O  "O5'" . DA  C 1 5 ? -1.862  -3.670  -2.277  1.00 22.50 ? 21 DA  C "O5'" 1 
ATOM   407 C  "C5'" . DA  C 1 5 ? -3.017  -3.252  -3.032  1.00 24.86 ? 21 DA  C "C5'" 1 
ATOM   408 C  "C4'" . DA  C 1 5 ? -4.051  -2.652  -2.108  1.00 29.54 ? 21 DA  C "C4'" 1 
ATOM   409 O  "O4'" . DA  C 1 5 ? -4.676  -3.689  -1.318  1.00 28.41 ? 21 DA  C "O4'" 1 
ATOM   410 C  "C3'" . DA  C 1 5 ? -3.474  -1.658  -1.108  1.00 30.90 ? 21 DA  C "C3'" 1 
ATOM   411 O  "O3'" . DA  C 1 5 ? -4.406  -0.602  -0.883  1.00 29.95 ? 21 DA  C "O3'" 1 
ATOM   412 C  "C2'" . DA  C 1 5 ? -3.261  -2.495  0.142   1.00 30.60 ? 21 DA  C "C2'" 1 
ATOM   413 C  "C1'" . DA  C 1 5 ? -4.369  -3.534  0.064   1.00 28.20 ? 21 DA  C "C1'" 1 
ATOM   414 N  N9    . DA  C 1 5 ? -3.978  -4.849  0.569   1.00 23.11 ? 21 DA  C N9    1 
ATOM   415 C  C8    . DA  C 1 5 ? -2.725  -5.412  0.555   1.00 22.25 ? 21 DA  C C8    1 
ATOM   416 N  N7    . DA  C 1 5 ? -2.692  -6.639  1.017   1.00 19.88 ? 21 DA  C N7    1 
ATOM   417 C  C5    . DA  C 1 5 ? -4.007  -6.896  1.373   1.00 15.09 ? 21 DA  C C5    1 
ATOM   418 C  C6    . DA  C 1 5 ? -4.636  -8.032  1.910   1.00 14.53 ? 21 DA  C C6    1 
ATOM   419 N  N6    . DA  C 1 5 ? -3.996  -9.171  2.179   1.00 9.81  ? 21 DA  C N6    1 
ATOM   420 N  N1    . DA  C 1 5 ? -5.962  -7.958  2.157   1.00 7.66  ? 21 DA  C N1    1 
ATOM   421 C  C2    . DA  C 1 5 ? -6.604  -6.819  1.871   1.00 19.60 ? 21 DA  C C2    1 
ATOM   422 N  N3    . DA  C 1 5 ? -6.126  -5.687  1.353   1.00 23.53 ? 21 DA  C N3    1 
ATOM   423 C  C4    . DA  C 1 5 ? -4.807  -5.794  1.122   1.00 18.43 ? 21 DA  C C4    1 
ATOM   424 P  P     . DT  C 1 6 ? -4.031  0.578   0.133   1.00 26.34 ? 22 DT  C P     1 
ATOM   425 O  OP1   . DT  C 1 6 ? -4.696  1.814   -0.343  1.00 20.42 ? 22 DT  C OP1   1 
ATOM   426 O  OP2   . DT  C 1 6 ? -2.554  0.551   0.325   1.00 23.12 ? 22 DT  C OP2   1 
ATOM   427 O  "O5'" . DT  C 1 6 ? -4.736  0.133   1.483   1.00 29.07 ? 22 DT  C "O5'" 1 
ATOM   428 C  "C5'" . DT  C 1 6 ? -6.140  -0.134  1.487   1.00 26.79 ? 22 DT  C "C5'" 1 
ATOM   429 C  "C4'" . DT  C 1 6 ? -6.570  -0.711  2.812   1.00 21.73 ? 22 DT  C "C4'" 1 
ATOM   430 O  "O4'" . DT  C 1 6 ? -6.126  -2.085  2.956   1.00 23.93 ? 22 DT  C "O4'" 1 
ATOM   431 C  "C3'" . DT  C 1 6 ? -6.071  0.040   4.047   1.00 22.71 ? 22 DT  C "C3'" 1 
ATOM   432 O  "O3'" . DT  C 1 6 ? -7.178  0.257   4.913   1.00 25.68 ? 22 DT  C "O3'" 1 
ATOM   433 C  "C2'" . DT  C 1 6 ? -5.078  -0.924  4.678   1.00 20.07 ? 22 DT  C "C2'" 1 
ATOM   434 C  "C1'" . DT  C 1 6 ? -5.664  -2.265  4.279   1.00 16.86 ? 22 DT  C "C1'" 1 
ATOM   435 N  N1    . DT  C 1 6 ? -4.740  -3.418  4.298   1.00 9.83  ? 22 DT  C N1    1 
ATOM   436 C  C2    . DT  C 1 6 ? -5.232  -4.632  4.741   1.00 8.67  ? 22 DT  C C2    1 
ATOM   437 O  O2    . DT  C 1 6 ? -6.403  -4.810  5.058   1.00 7.46  ? 22 DT  C O2    1 
ATOM   438 N  N3    . DT  C 1 6 ? -4.302  -5.640  4.792   1.00 6.18  ? 22 DT  C N3    1 
ATOM   439 C  C4    . DT  C 1 6 ? -2.967  -5.567  4.436   1.00 8.13  ? 22 DT  C C4    1 
ATOM   440 O  O4    . DT  C 1 6 ? -2.245  -6.559  4.548   1.00 5.94  ? 22 DT  C O4    1 
ATOM   441 C  C5    . DT  C 1 6 ? -2.531  -4.280  3.947   1.00 6.31  ? 22 DT  C C5    1 
ATOM   442 C  C7    . DT  C 1 6 ? -1.111  -4.123  3.511   1.00 7.77  ? 22 DT  C C7    1 
ATOM   443 C  C6    . DT  C 1 6 ? -3.426  -3.280  3.906   1.00 7.24  ? 22 DT  C C6    1 
ATOM   444 P  P     . DA  C 1 7 ? -7.074  1.332   6.100   1.00 33.01 ? 23 DA  C P     1 
ATOM   445 O  OP1   . DA  C 1 7 ? -8.156  2.339   5.937   1.00 29.74 ? 23 DA  C OP1   1 
ATOM   446 O  OP2   . DA  C 1 7 ? -5.663  1.776   6.237   1.00 36.45 ? 23 DA  C OP2   1 
ATOM   447 O  "O5'" . DA  C 1 7 ? -7.447  0.435   7.347   1.00 31.18 ? 23 DA  C "O5'" 1 
ATOM   448 C  "C5'" . DA  C 1 7 ? -8.474  -0.543  7.206   1.00 27.51 ? 23 DA  C "C5'" 1 
ATOM   449 C  "C4'" . DA  C 1 7 ? -8.293  -1.634  8.227   1.00 20.31 ? 23 DA  C "C4'" 1 
ATOM   450 O  "O4'" . DA  C 1 7 ? -7.219  -2.517  7.835   1.00 20.83 ? 23 DA  C "O4'" 1 
ATOM   451 C  "C3'" . DA  C 1 7 ? -7.950  -1.120  9.621   1.00 24.20 ? 23 DA  C "C3'" 1 
ATOM   452 O  "O3'" . DA  C 1 7 ? -8.809  -1.750  10.566  1.00 32.61 ? 23 DA  C "O3'" 1 
ATOM   453 C  "C2'" . DA  C 1 7 ? -6.492  -1.519  9.810   1.00 15.04 ? 23 DA  C "C2'" 1 
ATOM   454 C  "C1'" . DA  C 1 7 ? -6.381  -2.760  8.941   1.00 13.85 ? 23 DA  C "C1'" 1 
ATOM   455 N  N9    . DA  C 1 7 ? -5.053  -3.100  8.431   1.00 7.58  ? 23 DA  C N9    1 
ATOM   456 C  C8    . DA  C 1 7 ? -4.098  -2.272  7.887   1.00 8.41  ? 23 DA  C C8    1 
ATOM   457 N  N7    . DA  C 1 7 ? -2.989  -2.892  7.545   1.00 8.19  ? 23 DA  C N7    1 
ATOM   458 C  C5    . DA  C 1 7 ? -3.230  -4.217  7.885   1.00 2.00  ? 23 DA  C C5    1 
ATOM   459 C  C6    . DA  C 1 7 ? -2.440  -5.380  7.789   1.00 3.06  ? 23 DA  C C6    1 
ATOM   460 N  N6    . DA  C 1 7 ? -1.188  -5.398  7.314   1.00 6.43  ? 23 DA  C N6    1 
ATOM   461 N  N1    . DA  C 1 7 ? -2.982  -6.544  8.210   1.00 6.23  ? 23 DA  C N1    1 
ATOM   462 C  C2    . DA  C 1 7 ? -4.233  -6.531  8.693   1.00 10.79 ? 23 DA  C C2    1 
ATOM   463 N  N3    . DA  C 1 7 ? -5.071  -5.506  8.839   1.00 8.58  ? 23 DA  C N3    1 
ATOM   464 C  C4    . DA  C 1 7 ? -4.501  -4.362  8.416   1.00 9.69  ? 23 DA  C C4    1 
ATOM   465 P  P     . DC  C 1 8 ? -8.869  -1.206  12.068  1.00 33.35 ? 24 DC  C P     1 
ATOM   466 O  OP1   . DC  C 1 8 ? -10.295 -1.025  12.434  1.00 40.56 ? 24 DC  C OP1   1 
ATOM   467 O  OP2   . DC  C 1 8 ? -7.933  -0.060  12.175  1.00 39.48 ? 24 DC  C OP2   1 
ATOM   468 O  "O5'" . DC  C 1 8 ? -8.253  -2.425  12.872  1.00 28.68 ? 24 DC  C "O5'" 1 
ATOM   469 C  "C5'" . DC  C 1 8 ? -7.325  -3.292  12.215  1.00 25.33 ? 24 DC  C "C5'" 1 
ATOM   470 C  "C4'" . DC  C 1 8 ? -6.861  -4.372  13.151  1.00 24.16 ? 24 DC  C "C4'" 1 
ATOM   471 O  "O4'" . DC  C 1 8 ? -5.751  -5.019  12.484  1.00 25.68 ? 24 DC  C "O4'" 1 
ATOM   472 C  "C3'" . DC  C 1 8 ? -6.303  -3.822  14.466  1.00 24.63 ? 24 DC  C "C3'" 1 
ATOM   473 O  "O3'" . DC  C 1 8 ? -6.447  -4.731  15.556  1.00 30.43 ? 24 DC  C "O3'" 1 
ATOM   474 C  "C2'" . DC  C 1 8 ? -4.825  -3.678  14.170  1.00 24.78 ? 24 DC  C "C2'" 1 
ATOM   475 C  "C1'" . DC  C 1 8 ? -4.563  -4.843  13.236  1.00 21.59 ? 24 DC  C "C1'" 1 
ATOM   476 N  N1    . DC  C 1 8 ? -3.457  -4.567  12.309  1.00 15.00 ? 24 DC  C N1    1 
ATOM   477 C  C2    . DC  C 1 8 ? -2.587  -5.608  11.943  1.00 15.66 ? 24 DC  C C2    1 
ATOM   478 O  O2    . DC  C 1 8 ? -2.839  -6.763  12.307  1.00 21.14 ? 24 DC  C O2    1 
ATOM   479 N  N3    . DC  C 1 8 ? -1.495  -5.321  11.196  1.00 14.34 ? 24 DC  C N3    1 
ATOM   480 C  C4    . DC  C 1 8 ? -1.270  -4.065  10.797  1.00 11.35 ? 24 DC  C C4    1 
ATOM   481 N  N4    . DC  C 1 8 ? -0.155  -3.816  10.110  1.00 8.19  ? 24 DC  C N4    1 
ATOM   482 C  C5    . DC  C 1 8 ? -2.172  -3.005  11.096  1.00 3.78  ? 24 DC  C C5    1 
ATOM   483 C  C6    . DC  C 1 8 ? -3.244  -3.297  11.847  1.00 13.48 ? 24 DC  C C6    1 
ATOM   484 O  "O5'" . DG  D 1 1 ? 6.730   -14.116 11.629  1.00 45.09 ? 25 DG  D "O5'" 1 
ATOM   485 C  "C5'" . DG  D 1 1 ? 5.942   -12.922 11.574  1.00 35.43 ? 25 DG  D "C5'" 1 
ATOM   486 C  "C4'" . DG  D 1 1 ? 4.472   -13.224 11.770  1.00 31.12 ? 25 DG  D "C4'" 1 
ATOM   487 O  "O4'" . DG  D 1 1 ? 3.739   -11.988 11.947  1.00 23.28 ? 25 DG  D "O4'" 1 
ATOM   488 C  "C3'" . DG  D 1 1 ? 3.775   -13.960 10.628  1.00 31.47 ? 25 DG  D "C3'" 1 
ATOM   489 O  "O3'" . DG  D 1 1 ? 2.787   -14.856 11.140  1.00 35.65 ? 25 DG  D "O3'" 1 
ATOM   490 C  "C2'" . DG  D 1 1 ? 3.111   -12.838 9.847   1.00 25.01 ? 25 DG  D "C2'" 1 
ATOM   491 C  "C1'" . DG  D 1 1 ? 2.735   -11.862 10.948  1.00 20.41 ? 25 DG  D "C1'" 1 
ATOM   492 N  N9    . DG  D 1 1 ? 2.684   -10.458 10.550  1.00 15.63 ? 25 DG  D N9    1 
ATOM   493 C  C8    . DG  D 1 1 ? 3.681   -9.733  9.943   1.00 15.49 ? 25 DG  D C8    1 
ATOM   494 N  N7    . DG  D 1 1 ? 3.360   -8.481  9.733   1.00 17.23 ? 25 DG  D N7    1 
ATOM   495 C  C5    . DG  D 1 1 ? 2.065   -8.373  10.223  1.00 11.92 ? 25 DG  D C5    1 
ATOM   496 C  C6    . DG  D 1 1 ? 1.189   -7.252  10.281  1.00 12.93 ? 25 DG  D C6    1 
ATOM   497 O  O6    . DG  D 1 1 ? 1.390   -6.088  9.903   1.00 15.02 ? 25 DG  D O6    1 
ATOM   498 N  N1    . DG  D 1 1 ? -0.030  -7.586  10.855  1.00 7.94  ? 25 DG  D N1    1 
ATOM   499 C  C2    . DG  D 1 1 ? -0.369  -8.825  11.314  1.00 10.09 ? 25 DG  D C2    1 
ATOM   500 N  N2    . DG  D 1 1 ? -1.605  -8.939  11.822  1.00 13.22 ? 25 DG  D N2    1 
ATOM   501 N  N3    . DG  D 1 1 ? 0.436   -9.879  11.277  1.00 13.90 ? 25 DG  D N3    1 
ATOM   502 C  C4    . DG  D 1 1 ? 1.628   -9.583  10.725  1.00 12.29 ? 25 DG  D C4    1 
ATOM   503 P  P     . DT  D 1 2 ? 1.792   -15.592 10.125  1.00 37.29 ? 26 DT  D P     1 
ATOM   504 O  OP1   . DT  D 1 2 ? 1.370   -16.864 10.768  1.00 42.97 ? 26 DT  D OP1   1 
ATOM   505 O  OP2   . DT  D 1 2 ? 2.426   -15.627 8.777   1.00 39.84 ? 26 DT  D OP2   1 
ATOM   506 O  "O5'" . DT  D 1 2 ? 0.524   -14.636 10.074  1.00 28.11 ? 26 DT  D "O5'" 1 
ATOM   507 C  "C5'" . DT  D 1 2 ? -0.341  -14.511 11.212  1.00 23.33 ? 26 DT  D "C5'" 1 
ATOM   508 C  "C4'" . DT  D 1 2 ? -1.661  -13.891 10.814  1.00 27.21 ? 26 DT  D "C4'" 1 
ATOM   509 O  "O4'" . DT  D 1 2 ? -1.492  -12.491 10.490  1.00 34.01 ? 26 DT  D "O4'" 1 
ATOM   510 C  "C3'" . DT  D 1 2 ? -2.337  -14.522 9.594   1.00 29.43 ? 26 DT  D "C3'" 1 
ATOM   511 O  "O3'" . DT  D 1 2 ? -3.747  -14.455 9.778   1.00 37.67 ? 26 DT  D "O3'" 1 
ATOM   512 C  "C2'" . DT  D 1 2 ? -1.975  -13.561 8.479   1.00 32.98 ? 26 DT  D "C2'" 1 
ATOM   513 C  "C1'" . DT  D 1 2 ? -2.111  -12.250 9.235   1.00 31.55 ? 26 DT  D "C1'" 1 
ATOM   514 N  N1    . DT  D 1 2 ? -1.478  -11.071 8.628   1.00 20.81 ? 26 DT  D N1    1 
ATOM   515 C  C2    . DT  D 1 2 ? -2.199  -9.907  8.618   1.00 15.32 ? 26 DT  D C2    1 
ATOM   516 O  O2    . DT  D 1 2 ? -3.323  -9.817  9.088   1.00 13.57 ? 26 DT  D O2    1 
ATOM   517 N  N3    . DT  D 1 2 ? -1.559  -8.847  8.037   1.00 18.87 ? 26 DT  D N3    1 
ATOM   518 C  C4    . DT  D 1 2 ? -0.296  -8.839  7.477   1.00 20.71 ? 26 DT  D C4    1 
ATOM   519 O  O4    . DT  D 1 2 ? 0.149   -7.805  6.995   1.00 22.29 ? 26 DT  D O4    1 
ATOM   520 C  C5    . DT  D 1 2 ? 0.404   -10.101 7.520   1.00 14.12 ? 26 DT  D C5    1 
ATOM   521 C  C7    . DT  D 1 2 ? 1.775   -10.193 6.930   1.00 23.27 ? 26 DT  D C7    1 
ATOM   522 C  C6    . DT  D 1 2 ? -0.213  -11.139 8.088   1.00 21.89 ? 26 DT  D C6    1 
ATOM   523 P  P     . DA  D 1 3 ? -4.674  -15.708 9.406   1.00 35.14 ? 27 DA  D P     1 
ATOM   524 O  OP1   . DA  D 1 3 ? -4.546  -16.682 10.513  1.00 45.48 ? 27 DA  D OP1   1 
ATOM   525 O  OP2   . DA  D 1 3 ? -4.380  -16.129 8.010   1.00 37.90 ? 27 DA  D OP2   1 
ATOM   526 O  "O5'" . DA  D 1 3 ? -6.134  -15.081 9.451   1.00 31.21 ? 27 DA  D "O5'" 1 
ATOM   527 C  "C5'" . DA  D 1 3 ? -6.625  -14.460 10.649  1.00 27.71 ? 27 DA  D "C5'" 1 
ATOM   528 C  "C4'" . DA  D 1 3 ? -7.730  -13.490 10.309  1.00 29.94 ? 27 DA  D "C4'" 1 
ATOM   529 O  "O4'" . DA  D 1 3 ? -7.183  -12.309 9.678   1.00 32.24 ? 27 DA  D "O4'" 1 
ATOM   530 C  "C3'" . DA  D 1 3 ? -8.762  -14.043 9.331   1.00 24.29 ? 27 DA  D "C3'" 1 
ATOM   531 O  "O3'" . DA  D 1 3 ? -10.047 -13.527 9.670   1.00 28.46 ? 27 DA  D "O3'" 1 
ATOM   532 C  "C2'" . DA  D 1 3 ? -8.280  -13.527 7.987   1.00 25.83 ? 27 DA  D "C2'" 1 
ATOM   533 C  "C1'" . DA  D 1 3 ? -7.663  -12.181 8.345   1.00 25.28 ? 27 DA  D "C1'" 1 
ATOM   534 N  N9    . DA  D 1 3 ? -6.527  -11.789 7.510   1.00 16.31 ? 27 DA  D N9    1 
ATOM   535 C  C8    . DA  D 1 3 ? -5.429  -12.546 7.190   1.00 6.13  ? 27 DA  D C8    1 
ATOM   536 N  N7    . DA  D 1 3 ? -4.537  -11.908 6.473   1.00 12.82 ? 27 DA  D N7    1 
ATOM   537 C  C5    . DA  D 1 3 ? -5.092  -10.647 6.300   1.00 7.37  ? 27 DA  D C5    1 
ATOM   538 C  C6    . DA  D 1 3 ? -4.626  -9.494  5.650   1.00 7.09  ? 27 DA  D C6    1 
ATOM   539 N  N6    . DA  D 1 3 ? -3.428  -9.408  5.056   1.00 9.96  ? 27 DA  D N6    1 
ATOM   540 N  N1    . DA  D 1 3 ? -5.430  -8.409  5.645   1.00 5.19  ? 27 DA  D N1    1 
ATOM   541 C  C2    . DA  D 1 3 ? -6.609  -8.483  6.276   1.00 5.41  ? 27 DA  D C2    1 
ATOM   542 N  N3    . DA  D 1 3 ? -7.143  -9.501  6.943   1.00 13.53 ? 27 DA  D N3    1 
ATOM   543 C  C4    . DA  D 1 3 ? -6.325  -10.567 6.916   1.00 7.65  ? 27 DA  D C4    1 
ATOM   544 P  P     . DT  D 1 4 ? -11.353 -14.096 8.935   1.00 26.37 ? 28 DT  D P     1 
ATOM   545 O  OP1   . DT  D 1 4 ? -12.540 -13.863 9.805   1.00 25.11 ? 28 DT  D OP1   1 
ATOM   546 O  OP2   . DT  D 1 4 ? -11.033 -15.473 8.477   1.00 23.14 ? 28 DT  D OP2   1 
ATOM   547 O  "O5'" . DT  D 1 4 ? -11.480 -13.161 7.658   1.00 25.79 ? 28 DT  D "O5'" 1 
ATOM   548 C  "C5'" . DT  D 1 4 ? -11.704 -11.751 7.804   1.00 20.60 ? 28 DT  D "C5'" 1 
ATOM   549 C  "C4'" . DT  D 1 4 ? -11.836 -11.109 6.444   1.00 20.51 ? 28 DT  D "C4'" 1 
ATOM   550 O  "O4'" . DT  D 1 4 ? -10.535 -10.834 5.868   1.00 15.49 ? 28 DT  D "O4'" 1 
ATOM   551 C  "C3'" . DT  D 1 4 ? -12.579 -11.973 5.422   1.00 19.27 ? 28 DT  D "C3'" 1 
ATOM   552 O  "O3'" . DT  D 1 4 ? -13.465 -11.154 4.662   1.00 17.63 ? 28 DT  D "O3'" 1 
ATOM   553 C  "C2'" . DT  D 1 4 ? -11.459 -12.498 4.538   1.00 13.97 ? 28 DT  D "C2'" 1 
ATOM   554 C  "C1'" . DT  D 1 4 ? -10.541 -11.300 4.533   1.00 13.44 ? 28 DT  D "C1'" 1 
ATOM   555 N  N1    . DT  D 1 4 ? -9.144  -11.517 4.112   1.00 15.57 ? 28 DT  D N1    1 
ATOM   556 C  C2    . DT  D 1 4 ? -8.484  -10.435 3.574   1.00 14.02 ? 28 DT  D C2    1 
ATOM   557 O  O2    . DT  D 1 4 ? -8.994  -9.332  3.464   1.00 17.27 ? 28 DT  D O2    1 
ATOM   558 N  N3    . DT  D 1 4 ? -7.200  -10.689 3.175   1.00 15.67 ? 28 DT  D N3    1 
ATOM   559 C  C4    . DT  D 1 4 ? -6.518  -11.884 3.263   1.00 13.47 ? 28 DT  D C4    1 
ATOM   560 O  O4    . DT  D 1 4 ? -5.361  -11.960 2.858   1.00 18.97 ? 28 DT  D O4    1 
ATOM   561 C  C5    . DT  D 1 4 ? -7.261  -12.973 3.847   1.00 12.98 ? 28 DT  D C5    1 
ATOM   562 C  C7    . DT  D 1 4 ? -6.590  -14.303 3.989   1.00 17.99 ? 28 DT  D C7    1 
ATOM   563 C  C6    . DT  D 1 4 ? -8.525  -12.741 4.239   1.00 9.77  ? 28 DT  D C6    1 
ATOM   564 P  P     . DA  D 1 5 ? -15.048 -11.424 4.718   1.00 19.80 ? 29 DA  D P     1 
ATOM   565 O  OP1   . DA  D 1 5 ? -15.464 -11.611 6.133   1.00 18.78 ? 29 DA  D OP1   1 
ATOM   566 O  OP2   . DA  D 1 5 ? -15.349 -12.487 3.718   1.00 22.07 ? 29 DA  D OP2   1 
ATOM   567 O  "O5'" . DA  D 1 5 ? -15.679 -10.058 4.196   1.00 22.15 ? 29 DA  D "O5'" 1 
ATOM   568 C  "C5'" . DA  D 1 5 ? -15.407 -8.814  4.869   1.00 15.66 ? 29 DA  D "C5'" 1 
ATOM   569 C  "C4'" . DA  D 1 5 ? -15.097 -7.730  3.862   1.00 12.93 ? 29 DA  D "C4'" 1 
ATOM   570 O  "O4'" . DA  D 1 5 ? -13.823 -7.982  3.227   1.00 11.78 ? 29 DA  D "O4'" 1 
ATOM   571 C  "C3'" . DA  D 1 5 ? -16.106 -7.610  2.728   1.00 8.48  ? 29 DA  D "C3'" 1 
ATOM   572 O  "O3'" . DA  D 1 5 ? -16.248 -6.234  2.389   1.00 23.77 ? 29 DA  D "O3'" 1 
ATOM   573 C  "C2'" . DA  D 1 5 ? -15.468 -8.404  1.601   1.00 3.30  ? 29 DA  D "C2'" 1 
ATOM   574 C  "C1'" . DA  D 1 5 ? -13.983 -8.178  1.829   1.00 9.78  ? 29 DA  D "C1'" 1 
ATOM   575 N  N9    . DA  D 1 5 ? -13.109 -9.286  1.448   1.00 4.65  ? 29 DA  D N9    1 
ATOM   576 C  C8    . DA  D 1 5 ? -13.365 -10.634 1.498   1.00 14.52 ? 29 DA  D C8    1 
ATOM   577 N  N7    . DA  D 1 5 ? -12.333 -11.381 1.183   1.00 12.19 ? 29 DA  D N7    1 
ATOM   578 C  C5    . DA  D 1 5 ? -11.338 -10.463 0.884   1.00 11.21 ? 29 DA  D C5    1 
ATOM   579 C  C6    . DA  D 1 5 ? -9.992  -10.614 0.498   1.00 16.52 ? 29 DA  D C6    1 
ATOM   580 N  N6    . DA  D 1 5 ? -9.384  -11.796 0.370   1.00 15.47 ? 29 DA  D N6    1 
ATOM   581 N  N1    . DA  D 1 5 ? -9.282  -9.494  0.258   1.00 10.23 ? 29 DA  D N1    1 
ATOM   582 C  C2    . DA  D 1 5 ? -9.882  -8.310  0.415   1.00 11.08 ? 29 DA  D C2    1 
ATOM   583 N  N3    . DA  D 1 5 ? -11.126 -8.036  0.790   1.00 12.66 ? 29 DA  D N3    1 
ATOM   584 C  C4    . DA  D 1 5 ? -11.810 -9.169  1.015   1.00 15.60 ? 29 DA  D C4    1 
ATOM   585 P  P     . DT  D 1 6 ? -17.230 -5.805  1.200   1.00 28.95 ? 30 DT  D P     1 
ATOM   586 O  OP1   . DT  D 1 6 ? -17.677 -4.413  1.451   1.00 27.86 ? 30 DT  D OP1   1 
ATOM   587 O  OP2   . DT  D 1 6 ? -18.232 -6.881  1.015   1.00 37.82 ? 30 DT  D OP2   1 
ATOM   588 O  "O5'" . DT  D 1 6 ? -16.270 -5.815  -0.064  1.00 23.23 ? 30 DT  D "O5'" 1 
ATOM   589 C  "C5'" . DT  D 1 6 ? -15.052 -5.071  -0.044  1.00 23.96 ? 30 DT  D "C5'" 1 
ATOM   590 C  "C4'" . DT  D 1 6 ? -14.388 -5.150  -1.393  1.00 25.12 ? 30 DT  D "C4'" 1 
ATOM   591 O  "O4'" . DT  D 1 6 ? -13.559 -6.334  -1.500  1.00 25.85 ? 30 DT  D "O4'" 1 
ATOM   592 C  "C3'" . DT  D 1 6 ? -15.384 -5.218  -2.551  1.00 30.35 ? 30 DT  D "C3'" 1 
ATOM   593 O  "O3'" . DT  D 1 6 ? -14.947 -4.342  -3.584  1.00 33.88 ? 30 DT  D "O3'" 1 
ATOM   594 C  "C2'" . DT  D 1 6 ? -15.312 -6.672  -2.994  1.00 25.26 ? 30 DT  D "C2'" 1 
ATOM   595 C  "C1'" . DT  D 1 6 ? -13.863 -7.012  -2.705  1.00 18.98 ? 30 DT  D "C1'" 1 
ATOM   596 N  N1    . DT  D 1 6 ? -13.546 -8.447  -2.520  1.00 21.06 ? 30 DT  D N1    1 
ATOM   597 C  C2    . DT  D 1 6 ? -12.259 -8.846  -2.793  1.00 16.67 ? 30 DT  D C2    1 
ATOM   598 O  O2    . DT  D 1 6 ? -11.386 -8.076  -3.156  1.00 27.06 ? 30 DT  D O2    1 
ATOM   599 N  N3    . DT  D 1 6 ? -12.024 -10.186 -2.624  1.00 19.68 ? 30 DT  D N3    1 
ATOM   600 C  C4    . DT  D 1 6 ? -12.924 -11.149 -2.216  1.00 16.25 ? 30 DT  D C4    1 
ATOM   601 O  O4    . DT  D 1 6 ? -12.564 -12.319 -2.124  1.00 15.67 ? 30 DT  D O4    1 
ATOM   602 C  C5    . DT  D 1 6 ? -14.252 -10.665 -1.932  1.00 17.79 ? 30 DT  D C5    1 
ATOM   603 C  C7    . DT  D 1 6 ? -15.289 -11.643 -1.470  1.00 19.11 ? 30 DT  D C7    1 
ATOM   604 C  C6    . DT  D 1 6 ? -14.498 -9.354  -2.096  1.00 22.93 ? 30 DT  D C6    1 
ATOM   605 P  P     . DA  D 1 7 ? -15.851 -4.129  -4.887  1.00 33.04 ? 31 DA  D P     1 
ATOM   606 O  OP1   . DA  D 1 7 ? -16.266 -2.710  -4.937  1.00 31.95 ? 31 DA  D OP1   1 
ATOM   607 O  OP2   . DA  D 1 7 ? -16.881 -5.195  -4.914  1.00 42.66 ? 31 DA  D OP2   1 
ATOM   608 O  "O5'" . DA  D 1 7 ? -14.805 -4.411  -6.048  1.00 32.91 ? 31 DA  D "O5'" 1 
ATOM   609 C  "C5'" . DA  D 1 7 ? -13.430 -4.052  -5.861  1.00 26.73 ? 31 DA  D "C5'" 1 
ATOM   610 C  "C4'" . DA  D 1 7 ? -12.530 -4.939  -6.685  1.00 26.82 ? 31 DA  D "C4'" 1 
ATOM   611 O  "O4'" . DA  D 1 7 ? -12.487 -6.288  -6.158  1.00 25.72 ? 31 DA  D "O4'" 1 
ATOM   612 C  "C3'" . DA  D 1 7 ? -12.920 -5.062  -8.155  1.00 27.60 ? 31 DA  D "C3'" 1 
ATOM   613 O  "O3'" . DA  D 1 7 ? -11.749 -4.924  -8.956  1.00 26.33 ? 31 DA  D "O3'" 1 
ATOM   614 C  "C2'" . DA  D 1 7 ? -13.487 -6.469  -8.260  1.00 22.59 ? 31 DA  D "C2'" 1 
ATOM   615 C  "C1'" . DA  D 1 7 ? -12.682 -7.219  -7.214  1.00 21.03 ? 31 DA  D "C1'" 1 
ATOM   616 N  N9    . DA  D 1 7 ? -13.340 -8.404  -6.659  1.00 16.93 ? 31 DA  D N9    1 
ATOM   617 C  C8    . DA  D 1 7 ? -14.648 -8.528  -6.254  1.00 19.17 ? 31 DA  D C8    1 
ATOM   618 N  N7    . DA  D 1 7 ? -14.949 -9.718  -5.790  1.00 14.71 ? 31 DA  D N7    1 
ATOM   619 C  C5    . DA  D 1 7 ? -13.761 -10.429 -5.900  1.00 8.95  ? 31 DA  D C5    1 
ATOM   620 C  C6    . DA  D 1 7 ? -13.422 -11.750 -5.572  1.00 13.23 ? 31 DA  D C6    1 
ATOM   621 N  N6    . DA  D 1 7 ? -14.286 -12.628 -5.055  1.00 26.46 ? 31 DA  D N6    1 
ATOM   622 N  N1    . DA  D 1 7 ? -12.152 -12.149 -5.798  1.00 12.25 ? 31 DA  D N1    1 
ATOM   623 C  C2    . DA  D 1 7 ? -11.290 -11.267 -6.320  1.00 14.73 ? 31 DA  D C2    1 
ATOM   624 N  N3    . DA  D 1 7 ? -11.491 -9.996  -6.671  1.00 12.88 ? 31 DA  D N3    1 
ATOM   625 C  C4    . DA  D 1 7 ? -12.762 -9.634  -6.432  1.00 11.24 ? 31 DA  D C4    1 
ATOM   626 P  P     . DC  D 1 8 ? -11.891 -4.640  -10.524 1.00 24.23 ? 32 DC  D P     1 
ATOM   627 O  OP1   . DC  D 1 8 ? -10.806 -3.699  -10.896 1.00 32.67 ? 32 DC  D OP1   1 
ATOM   628 O  OP2   . DC  D 1 8 ? -13.295 -4.280  -10.820 1.00 16.23 ? 32 DC  D OP2   1 
ATOM   629 O  "O5'" . DC  D 1 8 ? -11.545 -6.055  -11.162 1.00 24.13 ? 32 DC  D "O5'" 1 
ATOM   630 C  "C5'" . DC  D 1 8 ? -10.259 -6.644  -10.929 1.00 26.48 ? 32 DC  D "C5'" 1 
ATOM   631 C  "C4'" . DC  D 1 8 ? -10.216 -8.058  -11.457 1.00 33.15 ? 32 DC  D "C4'" 1 
ATOM   632 O  "O4'" . DC  D 1 8 ? -10.857 -8.985  -10.544 1.00 34.13 ? 32 DC  D "O4'" 1 
ATOM   633 C  "C3'" . DC  D 1 8 ? -10.864 -8.276  -12.826 1.00 29.34 ? 32 DC  D "C3'" 1 
ATOM   634 O  "O3'" . DC  D 1 8 ? -10.038 -9.168  -13.579 1.00 32.56 ? 32 DC  D "O3'" 1 
ATOM   635 C  "C2'" . DC  D 1 8 ? -12.141 -9.025  -12.487 1.00 31.84 ? 32 DC  D "C2'" 1 
ATOM   636 C  "C1'" . DC  D 1 8 ? -11.686 -9.855  -11.298 1.00 27.20 ? 32 DC  D "C1'" 1 
ATOM   637 N  N1    . DC  D 1 8 ? -12.768 -10.343 -10.423 1.00 16.08 ? 32 DC  D N1    1 
ATOM   638 C  C2    . DC  D 1 8 ? -12.604 -11.570 -9.751  1.00 16.56 ? 32 DC  D C2    1 
ATOM   639 O  O2    . DC  D 1 8 ? -11.526 -12.180 -9.857  1.00 11.27 ? 32 DC  D O2    1 
ATOM   640 N  N3    . DC  D 1 8 ? -13.621 -12.050 -9.003  1.00 14.42 ? 32 DC  D N3    1 
ATOM   641 C  C4    . DC  D 1 8 ? -14.760 -11.358 -8.899  1.00 19.73 ? 32 DC  D C4    1 
ATOM   642 N  N4    . DC  D 1 8 ? -15.747 -11.883 -8.174  1.00 29.95 ? 32 DC  D N4    1 
ATOM   643 C  C5    . DC  D 1 8 ? -14.938 -10.099 -9.542  1.00 17.21 ? 32 DC  D C5    1 
ATOM   644 C  C6    . DC  D 1 8 ? -13.925 -9.631  -10.284 1.00 14.38 ? 32 DC  D C6    1 
HETATM 645 C  C1    . DMY E 2 . ? 12.999  7.605   1.287   1.00 22.05 ? 34 DMY A C1    1 
HETATM 646 O  O1    . DMY E 2 . ? 13.894  6.758   1.242   1.00 18.17 ? 34 DMY A O1    1 
HETATM 647 N  N1    . DMY E 2 . ? 11.705  7.308   1.044   1.00 30.08 ? 34 DMY A N1    1 
HETATM 648 C  C2    . DMY E 2 . ? 11.374  5.980   0.757   1.00 31.86 ? 34 DMY A C2    1 
HETATM 649 C  C3    . DMY E 2 . ? 10.173  5.472   0.302   1.00 30.51 ? 34 DMY A C3    1 
HETATM 650 C  C4    . DMY E 2 . ? 10.287  4.104   0.150   1.00 28.60 ? 34 DMY A C4    1 
HETATM 651 N  N2    . DMY E 2 . ? 11.549  3.741   0.508   1.00 25.97 ? 34 DMY A N2    1 
HETATM 652 C  C5    . DMY E 2 . ? 12.224  4.836   0.875   1.00 29.88 ? 34 DMY A C5    1 
HETATM 653 C  C6    . DMY E 2 . ? 12.215  2.363   0.531   1.00 20.99 ? 34 DMY A C6    1 
HETATM 654 C  C7    . DMY E 2 . ? 9.282   3.157   -0.313  1.00 28.54 ? 34 DMY A C7    1 
HETATM 655 O  O2    . DMY E 2 . ? 9.496   1.949   -0.368  1.00 37.91 ? 34 DMY A O2    1 
HETATM 656 N  N3    . DMY E 2 . ? 8.114   3.719   -0.677  1.00 29.55 ? 34 DMY A N3    1 
HETATM 657 C  C8    . DMY E 2 . ? 7.048   2.952   -1.155  1.00 31.66 ? 34 DMY A C8    1 
HETATM 658 C  C9    . DMY E 2 . ? 5.884   3.449   -1.700  1.00 28.98 ? 34 DMY A C9    1 
HETATM 659 C  C10   . DMY E 2 . ? 5.060   2.404   -2.057  1.00 28.61 ? 34 DMY A C10   1 
HETATM 660 N  N4    . DMY E 2 . ? 5.692   1.248   -1.738  1.00 32.73 ? 34 DMY A N4    1 
HETATM 661 C  C11   . DMY E 2 . ? 6.885   1.531   -1.198  1.00 33.07 ? 34 DMY A C11   1 
HETATM 662 C  C12   . DMY E 2 . ? 5.214   -0.192  -1.921  1.00 36.90 ? 34 DMY A C12   1 
HETATM 663 C  C13   . DMY E 2 . ? 3.754   2.514   -2.683  1.00 28.91 ? 34 DMY A C13   1 
HETATM 664 O  O3    . DMY E 2 . ? 2.791   1.847   -2.316  1.00 34.58 ? 34 DMY A O3    1 
HETATM 665 N  N5    . DMY E 2 . ? 3.753   3.429   -3.673  1.00 27.00 ? 34 DMY A N5    1 
HETATM 666 C  C14   . DMY E 2 . ? 2.636   3.811   -4.420  1.00 21.43 ? 34 DMY A C14   1 
HETATM 667 C  C15   . DMY E 2 . ? 2.642   4.688   -5.483  1.00 25.65 ? 34 DMY A C15   1 
HETATM 668 C  C16   . DMY E 2 . ? 1.354   4.869   -5.941  1.00 24.77 ? 34 DMY A C16   1 
HETATM 669 N  N6    . DMY E 2 . ? 0.538   4.091   -5.178  1.00 18.99 ? 34 DMY A N6    1 
HETATM 670 C  C17   . DMY E 2 . ? 1.264   3.447   -4.257  1.00 20.76 ? 34 DMY A C17   1 
HETATM 671 C  C18   . DMY E 2 . ? -0.973  3.899   -5.238  1.00 11.94 ? 34 DMY A C18   1 
HETATM 672 C  C19   . DMY E 2 . ? 0.888   5.792   -6.977  1.00 25.00 ? 34 DMY A C19   1 
HETATM 673 O  O4    . DMY E 2 . ? -0.310  6.039   -7.095  1.00 28.79 ? 34 DMY A O4    1 
HETATM 674 N  N7    . DMY E 2 . ? 1.837   6.377   -7.743  1.00 26.27 ? 34 DMY A N7    1 
HETATM 675 C  C20   . DMY E 2 . ? 1.369   7.330   -8.737  1.00 23.93 ? 34 DMY A C20   1 
HETATM 676 C  C21   . DMY E 2 . ? 0.449   8.436   -8.237  1.00 22.41 ? 34 DMY A C21   1 
HETATM 677 C  C22   . DMY E 2 . ? 0.219   9.587   -9.204  1.00 23.56 ? 34 DMY A C22   1 
HETATM 678 N  N8    . DMY E 2 . ? -0.973  10.125  -9.450  1.00 20.85 ? 34 DMY A N8    1 
HETATM 679 N  N9    . DMY E 2 . ? 1.290   10.061  -9.826  1.00 24.83 ? 34 DMY A N9    1 
HETATM 680 NA NA    . NA  F 3 . ? 16.453  -1.349  -3.894  1.00 16.59 ? 37 NA  A NA    1 
HETATM 681 C  C1    . DMY G 2 . ? 1.226   6.577   -2.632  1.00 31.85 ? 33 DMY B C1    1 
HETATM 682 O  O1    . DMY G 2 . ? 0.253   5.831   -2.537  1.00 40.02 ? 33 DMY B O1    1 
HETATM 683 N  N1    . DMY G 2 . ? 2.362   6.428   -1.924  1.00 22.72 ? 33 DMY B N1    1 
HETATM 684 C  C2    . DMY G 2 . ? 2.533   5.394   -1.003  1.00 26.40 ? 33 DMY B C2    1 
HETATM 685 C  C3    . DMY G 2 . ? 3.702   5.105   -0.337  1.00 29.06 ? 33 DMY B C3    1 
HETATM 686 C  C4    . DMY G 2 . ? 3.507   4.010   0.477   1.00 32.59 ? 33 DMY B C4    1 
HETATM 687 N  N2    . DMY G 2 . ? 2.219   3.609   0.333   1.00 32.73 ? 33 DMY B N2    1 
HETATM 688 C  C5    . DMY G 2 . ? 1.602   4.411   -0.545  1.00 31.02 ? 33 DMY B C5    1 
HETATM 689 C  C6    . DMY G 2 . ? 1.499   2.443   1.008   1.00 37.86 ? 33 DMY B C6    1 
HETATM 690 C  C7    . DMY G 2 . ? 4.494   3.358   1.327   1.00 31.06 ? 33 DMY B C7    1 
HETATM 691 O  O2    . DMY G 2 . ? 4.314   2.244   1.810   1.00 35.96 ? 33 DMY B O2    1 
HETATM 692 N  N3    . DMY G 2 . ? 5.608   4.090   1.503   1.00 28.42 ? 33 DMY B N3    1 
HETATM 693 C  C8    . DMY G 2 . ? 6.715   3.621   2.211   1.00 18.63 ? 33 DMY B C8    1 
HETATM 694 C  C9    . DMY G 2 . ? 7.746   4.368   2.743   1.00 15.48 ? 33 DMY B C9    1 
HETATM 695 C  C10   . DMY G 2 . ? 8.674   3.520   3.310   1.00 17.60 ? 33 DMY B C10   1 
HETATM 696 N  N4    . DMY G 2 . ? 8.223   2.249   3.148   1.00 21.04 ? 33 DMY B N4    1 
HETATM 697 C  C11   . DMY G 2 . ? 7.058   2.268   2.495   1.00 15.61 ? 33 DMY B C11   1 
HETATM 698 C  C12   . DMY G 2 . ? 8.868   0.934   3.587   1.00 17.76 ? 33 DMY B C12   1 
HETATM 699 C  C13   . DMY G 2 . ? 9.965   3.854   3.899   1.00 19.45 ? 33 DMY B C13   1 
HETATM 700 O  O3    . DMY G 2 . ? 10.770  3.000   4.271   1.00 20.38 ? 33 DMY B O3    1 
HETATM 701 N  N5    . DMY G 2 . ? 10.183  5.185   3.944   1.00 23.29 ? 33 DMY B N5    1 
HETATM 702 C  C14   . DMY G 2 . ? 11.369  5.770   4.399   1.00 19.98 ? 33 DMY B C14   1 
HETATM 703 C  C15   . DMY G 2 . ? 11.533  7.065   4.844   1.00 17.89 ? 33 DMY B C15   1 
HETATM 704 C  C16   . DMY G 2 . ? 12.861  7.264   5.169   1.00 21.96 ? 33 DMY B C16   1 
HETATM 705 N  N6    . DMY G 2 . ? 13.534  6.115   4.939   1.00 19.20 ? 33 DMY B N6    1 
HETATM 706 C  C17   . DMY G 2 . ? 12.677  5.194   4.476   1.00 22.30 ? 33 DMY B C17   1 
HETATM 707 C  C18   . DMY G 2 . ? 15.026  5.854   5.147   1.00 16.93 ? 33 DMY B C18   1 
HETATM 708 C  C19   . DMY G 2 . ? 13.549  8.450   5.654   1.00 26.90 ? 33 DMY B C19   1 
HETATM 709 O  O4    . DMY G 2 . ? 14.739  8.420   5.965   1.00 30.53 ? 33 DMY B O4    1 
HETATM 710 N  N7    . DMY G 2 . ? 12.768  9.542   5.708   1.00 28.05 ? 33 DMY B N7    1 
HETATM 711 C  C20   . DMY G 2 . ? 13.362  10.778  6.157   1.00 31.91 ? 33 DMY B C20   1 
HETATM 712 C  C21   . DMY G 2 . ? 13.132  11.935  5.208   1.00 35.49 ? 33 DMY B C21   1 
HETATM 713 C  C22   . DMY G 2 . ? 14.180  13.006  5.439   1.00 32.54 ? 33 DMY B C22   1 
HETATM 714 N  N8    . DMY G 2 . ? 15.476  12.706  5.402   1.00 34.31 ? 33 DMY B N8    1 
HETATM 715 N  N9    . DMY G 2 . ? 13.729  14.230  5.682   1.00 33.91 ? 33 DMY B N9    1 
HETATM 716 C  C1    . DMY H 2 . ? -5.624  -6.651  -4.732  1.00 16.32 ? 36 DMY C C1    1 
HETATM 717 O  O1    . DMY H 2 . ? -5.637  -5.687  -5.498  1.00 24.87 ? 36 DMY C O1    1 
HETATM 718 N  N1    . DMY H 2 . ? -6.095  -6.604  -3.468  1.00 17.96 ? 36 DMY C N1    1 
HETATM 719 C  C2    . DMY H 2 . ? -6.627  -5.446  -2.886  1.00 15.42 ? 36 DMY C C2    1 
HETATM 720 C  C3    . DMY H 2 . ? -7.090  -5.311  -1.586  1.00 18.31 ? 36 DMY C C3    1 
HETATM 721 C  C4    . DMY H 2 . ? -7.543  -4.021  -1.394  1.00 18.88 ? 36 DMY C C4    1 
HETATM 722 N  N2    . DMY H 2 . ? -7.365  -3.350  -2.558  1.00 14.99 ? 36 DMY C N2    1 
HETATM 723 C  C5    . DMY H 2 . ? -6.821  -4.159  -3.473  1.00 13.43 ? 36 DMY C C5    1 
HETATM 724 C  C6    . DMY H 2 . ? -7.713  -1.894  -2.858  1.00 19.24 ? 36 DMY C C6    1 
HETATM 725 C  C7    . DMY H 2 . ? -8.142  -3.371  -0.231  1.00 18.83 ? 36 DMY C C7    1 
HETATM 726 O  O2    . DMY H 2 . ? -8.755  -2.316  -0.383  1.00 17.81 ? 36 DMY C O2    1 
HETATM 727 N  N3    . DMY H 2 . ? -7.988  -3.965  0.974   1.00 17.36 ? 36 DMY C N3    1 
HETATM 728 C  C8    . DMY H 2 . ? -8.613  -3.395  2.092   1.00 13.04 ? 36 DMY C C8    1 
HETATM 729 C  C9    . DMY H 2 . ? -8.606  -3.871  3.386   1.00 7.51  ? 36 DMY C C9    1 
HETATM 730 C  C10   . DMY H 2 . ? -9.374  -3.039  4.180   1.00 12.25 ? 36 DMY C C10   1 
HETATM 731 N  N4    . DMY H 2 . ? -9.859  -2.037  3.411   1.00 14.12 ? 36 DMY C N4    1 
HETATM 732 C  C11   . DMY H 2 . ? -9.427  -2.217  2.153   1.00 12.05 ? 36 DMY C C11   1 
HETATM 733 C  C12   . DMY H 2 . ? -10.760 -0.874  3.833   1.00 14.94 ? 36 DMY C C12   1 
HETATM 734 C  C13   . DMY H 2 . ? -9.709  -3.196  5.586   1.00 14.52 ? 36 DMY C C13   1 
HETATM 735 O  O3    . DMY H 2 . ? -10.474 -2.445  6.191   1.00 15.33 ? 36 DMY C O3    1 
HETATM 736 N  N5    . DMY H 2 . ? -9.103  -4.279  6.103   1.00 14.08 ? 36 DMY C N5    1 
HETATM 737 C  C14   . DMY H 2 . ? -9.284  -4.731  7.407   1.00 11.81 ? 36 DMY C C14   1 
HETATM 738 C  C15   . DMY H 2 . ? -8.439  -5.594  8.060   1.00 11.12 ? 36 DMY C C15   1 
HETATM 739 C  C16   . DMY H 2 . ? -8.926  -5.847  9.319   1.00 9.44  ? 36 DMY C C16   1 
HETATM 740 N  N6    . DMY H 2 . ? -10.080 -5.147  9.464   1.00 11.85 ? 36 DMY C N6    1 
HETATM 741 C  C17   . DMY H 2 . ? -10.332 -4.463  8.340   1.00 11.75 ? 36 DMY C C17   1 
HETATM 742 C  C18   . DMY H 2 . ? -11.025 -5.065  10.660  1.00 21.51 ? 36 DMY C C18   1 
HETATM 743 C  C19   . DMY H 2 . ? -8.291  -6.703  10.308  1.00 18.45 ? 36 DMY C C19   1 
HETATM 744 O  O4    . DMY H 2 . ? -8.795  -6.980  11.396  1.00 26.48 ? 36 DMY C O4    1 
HETATM 745 N  N7    . DMY H 2 . ? -7.090  -7.153  9.899   1.00 18.26 ? 36 DMY C N7    1 
HETATM 746 C  C20   . DMY H 2 . ? -6.402  -8.019  10.825  1.00 17.26 ? 36 DMY C C20   1 
HETATM 747 C  C21   . DMY H 2 . ? -6.025  -9.321  10.154  1.00 18.57 ? 36 DMY C C21   1 
HETATM 748 C  C22   . DMY H 2 . ? -5.691  -10.299 11.256  1.00 15.45 ? 36 DMY C C22   1 
HETATM 749 N  N8    . DMY H 2 . ? -6.562  -10.418 12.255  1.00 20.14 ? 36 DMY C N8    1 
HETATM 750 N  N9    . DMY H 2 . ? -4.533  -10.957 11.212  1.00 21.84 ? 36 DMY C N9    1 
HETATM 751 C  C1    . DMY I 2 . ? -10.572 -8.289  6.444   1.00 19.40 ? 35 DMY D C1    1 
HETATM 752 O  O1    . DMY I 2 . ? -11.325 -7.686  7.208   1.00 14.52 ? 35 DMY D O1    1 
HETATM 753 N  N1    . DMY I 2 . ? -10.475 -7.977  5.136   1.00 18.85 ? 35 DMY D N1    1 
HETATM 754 C  C2    . DMY I 2 . ? -11.251 -6.929  4.639   1.00 9.77  ? 35 DMY D C2    1 
HETATM 755 C  C3    . DMY I 2 . ? -11.270 -6.441  3.350   1.00 17.10 ? 35 DMY D C3    1 
HETATM 756 C  C4    . DMY I 2 . ? -12.164 -5.388  3.267   1.00 17.74 ? 35 DMY D C4    1 
HETATM 757 N  N2    . DMY I 2 . ? -12.719 -5.215  4.498   1.00 14.78 ? 35 DMY D N2    1 
HETATM 758 C  C5    . DMY I 2 . ? -12.193 -6.117  5.341   1.00 7.38  ? 35 DMY D C5    1 
HETATM 759 C  C6    . DMY I 2 . ? -13.763 -4.201  4.970   1.00 13.45 ? 35 DMY D C6    1 
HETATM 760 C  C7    . DMY I 2 . ? -12.417 -4.555  2.089   1.00 18.13 ? 35 DMY D C7    1 
HETATM 761 O  O2    . DMY I 2 . ? -13.168 -3.578  2.082   1.00 14.78 ? 35 DMY D O2    1 
HETATM 762 N  N3    . DMY I 2 . ? -11.698 -4.981  1.028   1.00 9.53  ? 35 DMY D N3    1 
HETATM 763 C  C8    . DMY I 2 . ? -11.664 -4.374  -0.228  1.00 8.52  ? 35 DMY D C8    1 
HETATM 764 C  C9    . DMY I 2 . ? -11.044 -4.891  -1.346  1.00 11.59 ? 35 DMY D C9    1 
HETATM 765 C  C10   . DMY I 2 . ? -11.171 -4.014  -2.400  1.00 8.88  ? 35 DMY D C10   1 
HETATM 766 N  N4    . DMY I 2 . ? -11.875 -2.943  -1.957  1.00 12.83 ? 35 DMY D N4    1 
HETATM 767 C  C11   . DMY I 2 . ? -12.188 -3.119  -0.661  1.00 14.98 ? 35 DMY D C11   1 
HETATM 768 C  C12   . DMY I 2 . ? -12.295 -1.682  -2.714  1.00 14.69 ? 35 DMY D C12   1 
HETATM 769 C  C13   . DMY I 2 . ? -10.632 -4.158  -3.743  1.00 16.41 ? 35 DMY D C13   1 
HETATM 770 O  O3    . DMY I 2 . ? -10.545 -3.203  -4.510  1.00 21.99 ? 35 DMY D O3    1 
HETATM 771 N  N5    . DMY I 2 . ? -10.241 -5.414  -4.048  1.00 17.94 ? 35 DMY D N5    1 
HETATM 772 C  C14   . DMY I 2 . ? -9.658  -5.769  -5.271  1.00 20.15 ? 35 DMY D C14   1 
HETATM 773 C  C15   . DMY I 2 . ? -9.486  -7.052  -5.755  1.00 20.15 ? 35 DMY D C15   1 
HETATM 774 C  C16   . DMY I 2 . ? -8.838  -7.000  -6.973  1.00 25.48 ? 35 DMY D C16   1 
HETATM 775 N  N6    . DMY I 2 . ? -8.607  -5.687  -7.253  1.00 17.77 ? 35 DMY D N6    1 
HETATM 776 C  C17   . DMY I 2 . ? -9.081  -4.920  -6.266  1.00 19.28 ? 35 DMY D C17   1 
HETATM 777 C  C18   . DMY I 2 . ? -7.916  -5.077  -8.468  1.00 13.88 ? 35 DMY D C18   1 
HETATM 778 C  C19   . DMY I 2 . ? -8.421  -8.092  -7.857  1.00 30.73 ? 35 DMY D C19   1 
HETATM 779 O  O4    . DMY I 2 . ? -7.981  -7.856  -8.980  1.00 39.54 ? 35 DMY D O4    1 
HETATM 780 N  N7    . DMY I 2 . ? -8.540  -9.347  -7.370  1.00 30.52 ? 35 DMY D N7    1 
HETATM 781 C  C20   . DMY I 2 . ? -8.119  -10.444 -8.224  1.00 24.00 ? 35 DMY D C20   1 
HETATM 782 C  C21   . DMY I 2 . ? -7.000  -11.371 -7.779  1.00 23.37 ? 35 DMY D C21   1 
HETATM 783 C  C22   . DMY I 2 . ? -6.764  -12.503 -8.764  1.00 25.24 ? 35 DMY D C22   1 
HETATM 784 N  N8    . DMY I 2 . ? -6.324  -12.207 -9.981  1.00 33.10 ? 35 DMY D N8    1 
HETATM 785 N  N9    . DMY I 2 . ? -6.985  -13.770 -8.434  1.00 29.95 ? 35 DMY D N9    1 
HETATM 786 O  O     . HOH J 4 . ? -4.930  4.280   -10.769 1.00 44.96 ? 44 HOH A O     1 
HETATM 787 O  O     . HOH J 4 . ? 4.090   14.039  4.746   1.00 50.89 ? 45 HOH A O     1 
HETATM 788 O  O     . HOH J 4 . ? 7.511   15.878  1.977   1.00 39.28 ? 46 HOH A O     1 
HETATM 789 O  O     . HOH J 4 . ? 6.725   -0.433  -9.723  1.00 45.78 ? 60 HOH A O     1 
HETATM 790 O  O     . HOH J 4 . ? 9.445   4.871   -11.228 1.00 34.38 ? 61 HOH A O     1 
HETATM 791 O  O     . HOH J 4 . ? -0.369  11.403  -11.820 1.00 40.70 ? 64 HOH A O     1 
HETATM 792 O  O     . HOH J 4 . ? 8.061   18.681  1.045   1.00 53.79 ? 68 HOH A O     1 
HETATM 793 O  O     . HOH J 4 . ? 10.931  10.693  -6.523  1.00 60.73 ? 69 HOH A O     1 
HETATM 794 O  O     . HOH J 4 . ? 16.236  14.255  -4.899  1.00 51.67 ? 70 HOH A O     1 
HETATM 795 O  O     . HOH J 4 . ? 13.626  17.146  6.347   1.00 25.29 ? 71 HOH A O     1 
HETATM 796 O  O     . HOH J 4 . ? 9.236   -0.491  0.016   1.00 31.99 ? 74 HOH A O     1 
HETATM 797 O  O     . HOH J 4 . ? 15.763  -0.934  -1.716  1.00 51.62 ? 75 HOH A O     1 
HETATM 798 O  O     . HOH J 4 . ? 16.423  0.952   -5.190  1.00 21.94 ? 76 HOH A O     1 
HETATM 799 O  O     . HOH J 4 . ? 18.168  -1.842  -5.113  1.00 40.17 ? 77 HOH A O     1 
HETATM 800 O  O     . HOH J 4 . ? 14.666  -2.861  -4.788  1.00 45.71 ? 78 HOH A O     1 
HETATM 801 O  O     . HOH J 4 . ? 8.982   -3.700  -3.471  1.00 34.85 ? 79 HOH A O     1 
HETATM 802 O  O     . HOH J 4 . ? 5.823   22.276  4.733   1.00 43.23 ? 81 HOH A O     1 
HETATM 803 O  O     . HOH J 4 . ? 12.583  16.792  -1.454  1.00 40.31 ? 92 HOH A O     1 
HETATM 804 O  O     . HOH K 4 . ? 2.118   6.874   8.237   1.00 50.43 ? 38 HOH B O     1 
HETATM 805 O  O     . HOH K 4 . ? 7.893   13.130  -8.097  1.00 17.01 ? 39 HOH B O     1 
HETATM 806 O  O     . HOH K 4 . ? 8.334   15.329  -9.183  1.00 43.85 ? 47 HOH B O     1 
HETATM 807 O  O     . HOH K 4 . ? 7.617   -0.906  6.351   1.00 31.05 ? 51 HOH B O     1 
HETATM 808 O  O     . HOH K 4 . ? 7.842   13.829  -5.006  1.00 25.63 ? 52 HOH B O     1 
HETATM 809 O  O     . HOH K 4 . ? 2.025   12.322  -16.146 1.00 32.38 ? 65 HOH B O     1 
HETATM 810 O  O     . HOH K 4 . ? 4.718   10.855  -17.611 1.00 21.72 ? 66 HOH B O     1 
HETATM 811 O  O     . HOH K 4 . ? 10.440  13.153  -14.390 1.00 46.94 ? 80 HOH B O     1 
HETATM 812 O  O     . HOH K 4 . ? 0.352   16.321  -3.697  1.00 49.98 ? 82 HOH B O     1 
HETATM 813 O  O     . HOH K 4 . ? 5.954   -1.366  4.061   1.00 39.59 ? 85 HOH B O     1 
HETATM 814 O  O     . HOH L 4 . ? -5.877  -0.869  -7.155  1.00 36.77 ? 40 HOH C O     1 
HETATM 815 O  O     . HOH L 4 . ? -0.465  0.349   -1.632  1.00 26.07 ? 43 HOH C O     1 
HETATM 816 O  O     . HOH L 4 . ? -1.304  -0.133  3.143   1.00 27.56 ? 48 HOH C O     1 
HETATM 817 O  O     . HOH L 4 . ? -3.166  3.565   3.626   1.00 26.98 ? 49 HOH C O     1 
HETATM 818 O  O     . HOH L 4 . ? -4.860  4.115   1.695   1.00 43.01 ? 50 HOH C O     1 
HETATM 819 O  O     . HOH L 4 . ? -7.496  -15.582 -1.064  1.00 61.49 ? 55 HOH C O     1 
HETATM 820 O  O     . HOH L 4 . ? -0.116  -7.210  4.080   1.00 16.49 ? 57 HOH C O     1 
HETATM 821 O  O     . HOH L 4 . ? -4.030  -2.763  -6.509  1.00 67.85 ? 58 HOH C O     1 
HETATM 822 O  O     . HOH L 4 . ? -0.040  -1.813  6.425   1.00 37.95 ? 59 HOH C O     1 
HETATM 823 O  O     . HOH L 4 . ? -4.926  -12.822 13.956  1.00 71.05 ? 62 HOH C O     1 
HETATM 824 O  O     . HOH L 4 . ? -0.458  -1.159  1.038   1.00 45.00 ? 72 HOH C O     1 
HETATM 825 O  O     . HOH L 4 . ? 0.178   -4.079  0.318   1.00 25.44 ? 73 HOH C O     1 
HETATM 826 O  O     . HOH L 4 . ? -3.898  0.611   -3.825  1.00 40.23 ? 84 HOH C O     1 
HETATM 827 O  O     . HOH M 4 . ? 7.054   -8.597  6.573   1.00 23.61 ? 41 HOH D O     1 
HETATM 828 O  O     . HOH M 4 . ? 6.683   -14.912 8.848   1.00 17.68 ? 42 HOH D O     1 
HETATM 829 O  O     . HOH M 4 . ? -12.394 -14.273 1.588   1.00 55.24 ? 53 HOH D O     1 
HETATM 830 O  O     . HOH M 4 . ? -12.904 -14.971 -0.847  1.00 35.82 ? 54 HOH D O     1 
HETATM 831 O  O     . HOH M 4 . ? -9.180  -16.821 6.031   1.00 29.03 ? 56 HOH D O     1 
HETATM 832 O  O     . HOH M 4 . ? -16.974 -11.784 1.945   1.00 39.36 ? 63 HOH D O     1 
HETATM 833 O  O     . HOH M 4 . ? 5.687   -10.251 8.210   1.00 42.14 ? 67 HOH D O     1 
HETATM 834 O  O     . HOH M 4 . ? 1.979   -18.076 6.552   1.00 41.63 ? 83 HOH D O     1 
HETATM 835 O  O     . HOH M 4 . ? 4.236   -4.638  9.588   1.00 34.59 ? 86 HOH D O     1 
HETATM 836 O  O     . HOH M 4 . ? 6.961   -5.512  9.949   1.00 17.25 ? 87 HOH D O     1 
HETATM 837 O  O     . HOH M 4 . ? -11.469 -1.038  -6.182  1.00 44.98 ? 88 HOH D O     1 
HETATM 838 O  O     . HOH M 4 . ? -9.894  -1.168  -8.754  1.00 34.31 ? 89 HOH D O     1 
HETATM 839 O  O     . HOH M 4 . ? -5.378  -15.034 -10.858 1.00 47.27 ? 90 HOH D O     1 
HETATM 840 O  O     . HOH M 4 . ? 3.801   -13.884 6.267   1.00 28.22 ? 91 HOH D O     1 
# 
